data_8JXG
#
_entry.id   8JXG
#
_cell.length_a   1.00
_cell.length_b   1.00
_cell.length_c   1.00
_cell.angle_alpha   90.00
_cell.angle_beta   90.00
_cell.angle_gamma   90.00
#
_symmetry.space_group_name_H-M   'P 1'
#
loop_
_entity.id
_entity.type
_entity.pdbx_description
1 polymer 'rat RAP'
2 polymer 'LDL receptor related protein 2'
3 polymer 'unclear peptide'
4 branched beta-D-mannopyranose-(1-4)-2-acetamido-2-deoxy-beta-D-glucopyranose-(1-4)-2-acetamido-2-deoxy-beta-D-glucopyranose
5 branched alpha-D-mannopyranose-(1-3)-[alpha-D-mannopyranose-(1-6)]beta-D-mannopyranose-(1-4)-2-acetamido-2-deoxy-beta-D-glucopyranose-(1-4)-2-acetamido-2-deoxy-beta-D-glucopyranose
6 non-polymer 2-acetamido-2-deoxy-beta-D-glucopyranose
7 non-polymer 2-acetamido-2-deoxy-alpha-D-galactopyranose
8 non-polymer 'CALCIUM ION'
#
loop_
_entity_poly.entity_id
_entity_poly.type
_entity_poly.pdbx_seq_one_letter_code
_entity_poly.pdbx_strand_id
1 'polypeptide(L)'
;GPLGSHGGKYSREKNEPEMAAKRESGEEFRMEKLNQLWEKAKRLHLSPVRLAELHSDLKIQERDELNWKKLKVEGLDGDG
EKEAKLVHNLNVILARYGLDGRKDTQTVHSNALNEDTQDELGDPRLEKLWHKAKTSGKFSSEELDKLWREFLHYKEKIHE
YNVLLDTLSRAEEGYENLLSPSDMTHIKSDTLASKHSELKGRKDTQTVHSNALNEDTQDELGDPRLEKLWHKAKTSGKFS
SEELDKLWREFLHYKEKIHEYNVLLDTLSRAEEGYENLLSPSDMTHIKSDTLASKHSELKLLEEKTKELGYKVKKHLQDL
SSRVSRARHNEL
;
D
2 'polypeptide(L)'
;MERGAAAAAWMLLLAIAACLEPVSSQECGSGNFRCDNGYCIPASWRCDGTRDCLDDTDEIGCPPRSCESGLFLCPAEGTC
IPSSWVCDEDKDCSDGADEQQNCAGTTCSAQQMTCSNGQCIPSEYRCDHVSDCPDGSDERNCHYPTCDQLTCANGACYNT
SQRCDQKVDCRDSSDEANCTTLCSQKEFECGSGECILRAYVCDHDNDCEDNSDERNCNYDTCGGHQFTCSNGQCINQNWV
CDGDDDCQDSGDEDGCESNQSHHRCYPREWACPGSGRCISIDKVCDGVPDCPEGDDENNVTSGRTCGMGVCSVLNCEYQC
HQTPFGGECFCPPGHIINSNDSRTCIDFDDCQIWGICDQKCENRQGRHQCLCEEGYILERGQHCKSSDSFSAASVIFSNG
RDLLVGDLHGRNFRILAESKNRGMVMGVDFHYQKHRVFWTDPMQEKVFSTDINGLNTQEILNVSVDTPENLAVDWINNKL
YLVETKVNRIDVVNLEGNQRVTLITENLGHPRGIALDPTVGYLFFSDWGSLSGQPKVERAFMDGSNRKDLVTTKVGWPAG
ITLDLVSKRVYWVDSRYDYIETVTYDGIQRKTVARGGSLVPHPFGISLFEEHVFFTDWTKMAVMKASKFTETNPQVYHQS
SLRPHGVTVYHALRQPNATNPCGSNNGGCAQVCVLSHRTDNGGLGYRCKCEFGFELDDDEHRCVAVKNFLLFSSKTAVRG
IPFTLSTQEDVMVPVTGSPSFFVGIDFDAQHSTVFYSDLSKDIIYKQKIDGTGKEVITANRLESVECLTFDWISRNLYWT
DGGLKSVTVLRLADKSRRQIISNLNNPRSIVVHPTAGYMFLSDWFRPAKIMRAWSDGSHLMPIVNTSLGWPNGLAIDWSA
SRLYWVDAFFDKIEHSTLDGLDRKRLGHVDQMTHPFGLTVFKDNVFITDWRLGAIIRVRKSDGGDMTVIRRGISSVMHVK
AYDADLQTGSNYCSQTTHANGDCSHFCFPVPNFQRVCGCPYGMKLQRDQMTCEGDPAREPPTQQCGSLSFPCNNGKCVPS
FFRCDGVDDCHDNSDEHQCGVFNNTCSPSAFACVRGGQCIPGQWHCDRQNDCLDGSDEQNCPTHATSSTCPSTSFTCDNH
VCIPKDWVCDTDNDCSDGSDEKNCQASGTCQPTQFRCPDHRCISPLYVCDGDKDCADGSDEAGCVLNCTSAQFKCADGSS
CINSRYRCDGVYDCRDNSDEAGCPTRPPGMCHLDEFQCQGDGTCIPNTWECDGHPDCIHGSDEHTGCVPKTCSPTHFLCD
NGNCIYKAWICDGDNDCRDMSDEKDCPTQPFHCPSTQWQCPGYSTCINLSALCDGVFDCPNGTDESPLCNQDSCSHFNGG
CTHQCMQGPFGATCLCPLGYQLANDTKTCEDINECDIPGFCSQHCVNMRGSFRCACDPEYTLESDGRTCKVTGSENPLLV
VASRDKIIVDNITAHTHNLYSLVQDVSFVVALDFDSVTGRVFWSDLLQGKTWSVFQNGTDKRVVHDSGLSVTEMIAVDWI
GRNLYWTDYALETIEVSKIDGSHRTVLISKNVTKPRGLALDPRMGDNVMFWSDWGHHPRIERASMDGTMRTVIVQEKIYW
PCGLSIDYPNRLIYFMDAYLDYIEFCDYDGHNRRQVIASDLVLHHPHALTLFEDFVYWTDRGTRQVMQANKWHGGNQSVV
MYSVHQPLGITAIHPSRQPPSRNPCASASCSHLCLLSAQAPRHYSCACPSGWNLSDDSVNCVRGDQPFLMSVRDNIIFGI
SLDPEVKSNDAMVPISGIQHGYDVEFDDSEQFIYWVENPGEIHRVKTDGSNRTVFAPLSLLGSSLGLALDWVSRNIYYTT
PASRSIEVLTLKGDTRYGKTLIANDGTPLGVGFPVGIAVDPARGKLYWSDHGTDSGVPAKIASANMDGTSLKILFTGNLQ
HLEVVTLDIQEQKLYWAVTSRGVIERGNVDGTERMILVHHLAHPWGLVVYGSFLYYSDEQYEVIERVDKSSGNNKVVLRD
NVPYLRGLRVYHRRNAADSSNGCSNNPNACQQICLPVPGGMFSCACASGFKLSPDGRSCSPYNSFMVVSMLPAVRGFSLE
LSDHSEAMVPVAGQGRNVLHADVDVANGFIYWCDFSSSVRSSNGIRRIKPDGSNFTNVVTYGIGANGIRGVALDWAAGNL
YFTNAFVYETLIEVLRINTTYRRVLLKVSVDMPRHIIVDPKHRYLFWADYGQKPKIERSFLDCTNRTVLVSEGIVTPRGL
AMDHDTGYIYWVDDSLDLIARIHLDGGESQVVRYGSRYPTPYGITVFGESIIWVDRNLKKVFQASKQPGNTDPPVVIRDK
INLLRDVTIFDEHAQPLSPAELNNNPCLQSNGGCSHFCFALPELPTPRCGCAFGTLGNDGKSCATSQEDFLIYSLNNSLR
SLHFDPRDHSLPFQVISVAGTAIALDYDRRNNRIFFTQKLNSLRGQISYVSLYSGSSSPTVLLSNIGVTDGIAFDWINRR
IYYSDFSNQTINSMAEDGSNRAVIARVSKPRAIVLDPCRGYMYWTDWGTNAKIERATLGGNFRVPIVNTSLVWPNGLALD
LETDLLYWADASLQKIERSTLTGTNREVVVSTAFHSFGLTVYGQYIYWTDLYTRKIYRANKYDGSDLVAMTTRLPTQPSG
ISTVVKTQRQQCSNPCDQFNGGCSHICAPGPNGAECQCPHEGNWYLANDNKYCVVDTGTRCNQLQFTCLNGHCINQDWKC
DNDNDCGDGSDELPTVCAFHTCRSTAFTCGNGRCVPYHYRCDYYNDCGDNSDEAGCLFRNCNSTTEFTCSNGRCIPLSYV
CNGINNCHDNDTSDEKNCPPHTCPPDFTKCQTTNICVPRAFLCDGDNDCGDGSDENPIYCASHTCRSNEFQCLSPQRCIP
SYWFCDGEADCADGSDEPDTCGHSVNTCRASQFQCDNGRCISGNWVCDGDNDCGDMSDEDQRHHCELQNCSSTQFTCVNS
RPPNRRCIPQYWVCDGDADCSDALDELQNCTMRTCSAGEFSCANGRCVRQSFRCDRRNDCGDYSDERGCSYPPCHANQFT
CQNGRCIPRFFVCDEDNDCGDGSDEQEHLCHTPEPTCPLHQFRCDNGHCIEMGRVCNHVDDCSDNSDEKGCGINECLDSS
ISRCDHNCTDTITSFYCSCLPGYKLMSDKRSCVDIDECKESPQLCSQKCENVVGSYICKCAPGYIREPDGKSCRQNSNIE
PYLIFSNRYYIRNLTTDGSSYSLILQGLGNVVALDFDRVEKRLYWIDAEKQIIERMFLNKTNRETIINHRLRRAESLAVD
WVSRKLYWLDAILDCLFVSDLEGRHRKMIAQHCVDANNTFCFEHPRGIVLHPQRGHVYWADWGVHAYIGRIGMDGTNKSV
IISTKIEWPNAITIDYTNDLLYWADAHLGYIEFSDLEGHHRHTVYDGSLPHPFALTIFEDTVFWTDWNTRTVEKGNKYDG
SGRVVLVNTTHKPFDIHVYHPYRQPIMSNPCGTNNGGCSHLCLIKAGGRGFTCACPDDFQTVQLRDRTLCMPMCSSTQFL
CGNNEKCIPIWWKCDGQKDCSDGSDEPDLCPHRFCRLGQFQCRDGNCTSPQALCNARQDCADGSDEDRVLCEHHRCESNE
WQCANKRCIPQSWQCDSVNDCLDNSDEDTSHCASRTCRPGQFKCNNGRCIPQSWKCDVDNDCGDYSDEPIDECTTAAYNC
DNHTEFSCKTNYRCIPQWAVCNGFDDCRDNSDEQGCESVPCHPSGDFRCANHHCIPLRWKCDGTDDCGDNSDEENCVPRE
CSESEFRCADQQCIPSRWVCDQENDCGDNSDERDCEMKTCHPEHFQCTSGHCVPKALACDGRADCLDASDESACPTRFPN
GTYCPAAMFECKNHVCIQSFWICDGENDCVDGSDEEIHLCFNIPCESPQRFRCDNSRCVYGHQLCNGVDDCGDGSDEKEE
HCRKPTHKPCTDTEYKCSNGNCISQHYVCDNVNDCGDLSDETGCNLGDNRTCAENICEQNCTQLSSGGFICSCRPGFKPS
TLDKNSCQDINECEEFGICPQSCRNSKGSYECFCVDGFKSMSTHYGERCAADGSPPLLLLPENVRIRKYNTSSEKFSEYL
EEEEHIQTIDYDWDPEHIGLSVVYYTVLAQGSQFGAIKRAYIPNFESGSNNPIREVDLGLKYLMQPDGLAVDWVGRHIYW
SDAKSQRIEVATLDGRYRKWLITTQLDQPAAIAVNPKLGLMFWTDQGKQPKIESAWMNGEHRSVLVSENLGWPNGLSIDY
LNDDRVYWSDSKEDVIEAIKYDGTDRRLIINEAMKPFSLDIFEDKLYWVAKEKGEVWRQNKFGKENKEKVLVVNPWLTQV
RIFHQLRYNQSVSNPCKQVCSHLCLLRPGGYSCACPQGSDFVTGSTVQCDAASELPVTMPPPCRCMHGGNCYFDENELPK
CKCSSGYSGEYCEVGLSRGIPPGTTMAVLLTFVIVIIVGALVLVGLFHYRKTGSLLPTLPKLPSLSSLAKPSENGNGVTF
RSGADVNMDIGVSPFGPETIIDRSMAMNEHFVMEVGKQPVIFENPMYAAKDNTSKVALAVQGPSTGAQVTVPENVENQNY
GRPIDPSEIVPEPKPASPGADEIQGKKWNIFKRKPKQTTNFENPIYAEMDSEVKDAVAVAPPPSPSLPAKASKRNLTPGY
TATEDTFKDTANLVKEDSDV
;
A
3 'polypeptide(L)' (UNK)(UNK)N(UNK)(UNK) M
#
# COMPACT_ATOMS: atom_id res chain seq x y z
N GLU A 28 7.11 19.29 41.04
CA GLU A 28 7.83 19.68 42.25
C GLU A 28 7.38 21.05 42.75
N PHE A 29 8.01 22.10 42.21
CA PHE A 29 7.69 23.45 42.63
C PHE A 29 6.29 23.84 42.18
N ARG A 30 5.68 24.75 42.94
CA ARG A 30 4.31 25.16 42.65
C ARG A 30 4.23 25.94 41.33
N MET A 31 5.08 26.95 41.17
CA MET A 31 4.91 27.91 40.10
C MET A 31 5.70 27.55 38.86
N GLU A 32 5.24 28.08 37.71
CA GLU A 32 5.93 27.83 36.44
C GLU A 32 7.29 28.50 36.42
N LYS A 33 7.40 29.69 37.02
CA LYS A 33 8.65 30.44 36.96
C LYS A 33 9.76 29.78 37.79
N LEU A 34 9.42 29.21 38.94
CA LEU A 34 10.42 28.50 39.71
C LEU A 34 10.89 27.25 38.98
N ASN A 35 9.98 26.54 38.32
CA ASN A 35 10.38 25.40 37.50
C ASN A 35 11.28 25.84 36.35
N GLN A 36 10.95 26.98 35.74
CA GLN A 36 11.77 27.50 34.64
C GLN A 36 13.18 27.82 35.14
N LEU A 37 13.27 28.47 36.30
CA LEU A 37 14.59 28.76 36.88
C LEU A 37 15.32 27.46 37.23
N TRP A 38 14.57 26.44 37.64
CA TRP A 38 15.18 25.18 38.06
C TRP A 38 15.74 24.40 36.88
N GLU A 39 15.00 24.33 35.76
CA GLU A 39 15.57 23.72 34.55
C GLU A 39 16.76 24.52 34.04
N LYS A 40 16.64 25.84 34.03
CA LYS A 40 17.71 26.68 33.50
C LYS A 40 18.93 26.67 34.41
N ALA A 41 18.71 26.52 35.72
CA ALA A 41 19.84 26.36 36.64
C ALA A 41 20.59 25.07 36.32
N LYS A 42 19.87 23.97 36.05
CA LYS A 42 20.53 22.75 35.62
C LYS A 42 21.20 22.94 34.27
N ARG A 43 20.64 23.79 33.41
CA ARG A 43 21.28 24.09 32.13
C ARG A 43 22.56 24.88 32.32
N LEU A 44 22.75 25.49 33.50
CA LEU A 44 23.98 26.20 33.81
C LEU A 44 25.05 25.29 34.41
N HIS A 45 24.73 24.02 34.67
CA HIS A 45 25.66 23.04 35.23
C HIS A 45 26.37 23.56 36.49
N LEU A 46 25.63 24.33 37.29
CA LEU A 46 26.19 24.91 38.50
C LEU A 46 26.53 23.81 39.51
N SER A 47 27.37 24.18 40.48
CA SER A 47 27.80 23.22 41.49
C SER A 47 26.59 22.79 42.32
N PRO A 48 26.55 21.52 42.75
CA PRO A 48 25.36 21.03 43.48
C PRO A 48 25.05 21.79 44.75
N VAL A 49 26.06 22.20 45.51
CA VAL A 49 25.81 22.91 46.77
C VAL A 49 25.22 24.28 46.49
N ARG A 50 25.67 24.93 45.41
CA ARG A 50 25.06 26.20 45.00
C ARG A 50 23.67 25.97 44.44
N LEU A 51 23.50 24.92 43.65
CA LEU A 51 22.21 24.65 43.03
C LEU A 51 21.17 24.25 44.08
N ALA A 52 21.59 23.49 45.10
CA ALA A 52 20.66 23.13 46.17
C ALA A 52 20.23 24.36 46.97
N GLU A 53 21.17 25.27 47.24
CA GLU A 53 20.84 26.49 47.98
C GLU A 53 19.89 27.36 47.17
N LEU A 54 19.92 27.26 45.85
CA LEU A 54 18.97 27.97 45.01
C LEU A 54 17.53 27.56 45.34
N HIS A 55 17.27 26.25 45.41
CA HIS A 55 15.92 25.79 45.65
C HIS A 55 15.44 26.17 47.06
N SER A 56 16.34 26.09 48.04
CA SER A 56 15.96 26.43 49.41
C SER A 56 15.59 27.91 49.53
N ASP A 57 16.23 28.76 48.73
CA ASP A 57 15.85 30.17 48.70
C ASP A 57 14.59 30.38 47.89
N LEU A 58 14.38 29.57 46.84
CA LEU A 58 13.17 29.68 46.05
C LEU A 58 11.99 28.99 46.72
N LYS A 59 12.23 27.86 47.40
CA LYS A 59 11.13 27.15 48.04
C LYS A 59 10.59 27.92 49.25
N ILE A 60 11.46 28.64 49.96
CA ILE A 60 10.98 29.52 51.01
C ILE A 60 10.26 30.71 50.40
N GLN A 61 10.67 31.12 49.20
CA GLN A 61 9.94 32.15 48.47
C GLN A 61 8.63 31.60 47.93
N GLU A 62 8.55 30.28 47.73
CA GLU A 62 7.29 29.67 47.30
C GLU A 62 6.19 29.90 48.32
N ARG A 63 6.52 29.75 49.61
CA ARG A 63 5.55 30.05 50.66
C ARG A 63 5.30 31.55 50.76
N ASP A 64 6.30 32.37 50.46
CA ASP A 64 6.12 33.82 50.48
C ASP A 64 5.20 34.28 49.35
N GLU A 65 5.41 33.72 48.15
CA GLU A 65 4.58 34.12 47.01
C GLU A 65 3.13 33.67 47.19
N LEU A 66 2.92 32.52 47.84
CA LEU A 66 1.55 32.02 48.02
C LEU A 66 0.71 32.97 48.86
N ASN A 67 1.28 33.50 49.96
CA ASN A 67 0.53 34.47 50.76
C ASN A 67 0.43 35.81 50.05
N TRP A 68 1.41 36.15 49.22
CA TRP A 68 1.26 37.32 48.36
C TRP A 68 0.09 37.15 47.41
N LYS A 69 -0.03 35.97 46.80
CA LYS A 69 -1.05 35.74 45.78
C LYS A 69 -2.43 35.68 46.41
N LYS A 70 -2.54 35.04 47.57
CA LYS A 70 -3.83 34.99 48.27
C LYS A 70 -4.30 36.39 48.64
N LEU A 71 -3.39 37.21 49.16
CA LEU A 71 -3.75 38.58 49.53
C LEU A 71 -3.90 39.48 48.30
N LYS A 72 -3.48 39.00 47.12
CA LYS A 72 -3.63 39.81 45.91
C LYS A 72 -5.00 39.62 45.29
N VAL A 73 -5.39 38.37 45.03
CA VAL A 73 -6.69 38.11 44.42
C VAL A 73 -7.82 38.53 45.35
N GLU A 74 -7.69 38.23 46.65
CA GLU A 74 -8.69 38.66 47.62
C GLU A 74 -8.63 40.14 47.92
N GLY A 75 -7.56 40.82 47.52
CA GLY A 75 -7.43 42.25 47.73
C GLY A 75 -7.12 42.66 49.15
N LEU A 76 -6.81 41.72 50.04
CA LEU A 76 -6.58 42.06 51.44
C LEU A 76 -5.26 42.79 51.66
N ASP A 77 -4.31 42.66 50.73
CA ASP A 77 -3.05 43.38 50.81
C ASP A 77 -3.25 44.78 50.23
N GLY A 78 -3.85 45.65 51.04
CA GLY A 78 -4.18 46.99 50.60
C GLY A 78 -2.97 47.87 50.35
N ASP A 79 -1.80 47.48 50.86
CA ASP A 79 -0.60 48.27 50.66
C ASP A 79 0.42 47.63 49.73
N GLY A 80 0.25 46.34 49.42
CA GLY A 80 1.19 45.66 48.54
C GLY A 80 2.58 45.50 49.11
N GLU A 81 2.70 45.28 50.42
CA GLU A 81 4.02 45.21 51.05
C GLU A 81 4.75 43.92 50.71
N LYS A 82 4.02 42.87 50.32
CA LYS A 82 4.62 41.57 50.10
C LYS A 82 5.27 41.43 48.72
N GLU A 83 5.08 42.42 47.84
CA GLU A 83 5.58 42.30 46.46
C GLU A 83 7.04 42.73 46.36
N ALA A 84 7.39 43.87 46.97
CA ALA A 84 8.77 44.34 46.88
C ALA A 84 9.73 43.34 47.51
N LYS A 85 9.32 42.72 48.63
CA LYS A 85 10.23 41.86 49.37
C LYS A 85 10.47 40.51 48.70
N LEU A 86 9.65 40.11 47.73
CA LEU A 86 10.04 38.93 46.96
C LEU A 86 10.64 39.32 45.62
N VAL A 87 10.29 40.49 45.09
CA VAL A 87 10.93 40.95 43.85
C VAL A 87 12.43 41.17 44.08
N HIS A 88 12.78 41.91 45.13
CA HIS A 88 14.20 42.17 45.38
C HIS A 88 14.91 40.90 45.78
N ASN A 89 14.22 40.01 46.52
CA ASN A 89 14.82 38.73 46.89
C ASN A 89 15.13 37.89 45.67
N LEU A 90 14.21 37.83 44.71
CA LEU A 90 14.47 37.10 43.47
C LEU A 90 15.62 37.73 42.69
N ASN A 91 15.67 39.07 42.64
CA ASN A 91 16.75 39.72 41.91
C ASN A 91 18.11 39.41 42.53
N VAL A 92 18.24 39.52 43.85
CA VAL A 92 19.52 39.22 44.49
C VAL A 92 19.81 37.72 44.41
N ILE A 93 18.78 36.88 44.36
CA ILE A 93 18.99 35.45 44.15
C ILE A 93 19.63 35.22 42.78
N LEU A 94 19.12 35.90 41.76
CA LEU A 94 19.69 35.78 40.42
C LEU A 94 21.13 36.27 40.41
N ALA A 95 21.41 37.39 41.09
CA ALA A 95 22.76 37.92 41.12
C ALA A 95 23.68 37.04 41.98
N ARG A 96 23.19 36.58 43.13
CA ARG A 96 24.05 35.88 44.08
C ARG A 96 24.57 34.55 43.51
N TYR A 97 23.70 33.79 42.86
CA TYR A 97 24.02 32.42 42.50
C TYR A 97 24.54 32.26 41.08
N GLY A 98 24.87 33.36 40.40
CA GLY A 98 25.44 33.27 39.07
C GLY A 98 24.44 32.90 38.00
N LEU A 99 23.46 33.77 37.78
CA LEU A 99 22.46 33.54 36.74
C LEU A 99 22.37 34.76 35.82
N PRO B 1224 -37.52 -20.78 -25.92
CA PRO B 1224 -36.22 -21.45 -25.89
C PRO B 1224 -36.19 -22.63 -24.93
N THR B 1225 -35.01 -23.23 -24.77
CA THR B 1225 -34.84 -24.36 -23.85
C THR B 1225 -34.62 -23.83 -22.44
N ARG B 1226 -34.24 -24.72 -21.54
CA ARG B 1226 -34.05 -24.37 -20.13
C ARG B 1226 -32.57 -24.36 -19.80
N PRO B 1227 -32.10 -23.41 -19.00
CA PRO B 1227 -30.67 -23.37 -18.66
C PRO B 1227 -30.27 -24.65 -17.94
N PRO B 1228 -29.02 -25.08 -18.11
CA PRO B 1228 -28.60 -26.39 -17.56
C PRO B 1228 -28.76 -26.44 -16.05
N GLY B 1229 -29.58 -27.38 -15.60
CA GLY B 1229 -29.81 -27.56 -14.17
C GLY B 1229 -30.61 -26.47 -13.51
N MET B 1230 -31.15 -25.53 -14.27
CA MET B 1230 -31.89 -24.40 -13.74
C MET B 1230 -33.32 -24.45 -14.27
N CYS B 1231 -34.08 -23.38 -14.00
CA CYS B 1231 -35.43 -23.25 -14.52
C CYS B 1231 -35.58 -21.85 -15.13
N HIS B 1232 -36.56 -21.72 -16.01
CA HIS B 1232 -36.86 -20.41 -16.58
C HIS B 1232 -37.31 -19.45 -15.47
N LEU B 1233 -37.01 -18.16 -15.66
CA LEU B 1233 -37.47 -17.17 -14.70
C LEU B 1233 -38.98 -17.14 -14.57
N ASP B 1234 -39.70 -17.62 -15.60
CA ASP B 1234 -41.14 -17.70 -15.55
C ASP B 1234 -41.64 -18.79 -14.58
N GLU B 1235 -40.75 -19.66 -14.10
CA GLU B 1235 -41.17 -20.69 -13.15
C GLU B 1235 -40.28 -20.68 -11.91
N PHE B 1236 -40.47 -21.68 -11.04
CA PHE B 1236 -39.80 -21.74 -9.75
C PHE B 1236 -39.21 -23.14 -9.58
N GLN B 1237 -38.09 -23.23 -8.86
CA GLN B 1237 -37.33 -24.46 -8.73
C GLN B 1237 -37.59 -25.12 -7.40
N CYS B 1238 -37.90 -26.41 -7.42
CA CYS B 1238 -38.00 -27.18 -6.20
C CYS B 1238 -36.60 -27.48 -5.67
N GLN B 1239 -36.45 -27.48 -4.35
CA GLN B 1239 -35.14 -27.66 -3.75
C GLN B 1239 -34.73 -29.13 -3.66
N GLY B 1240 -35.67 -30.00 -3.28
CA GLY B 1240 -35.32 -31.38 -3.00
C GLY B 1240 -34.95 -32.22 -4.20
N ASP B 1241 -35.42 -31.88 -5.39
CA ASP B 1241 -35.14 -32.70 -6.57
C ASP B 1241 -34.76 -31.87 -7.78
N GLY B 1242 -34.81 -30.55 -7.66
CA GLY B 1242 -34.46 -29.68 -8.76
C GLY B 1242 -35.50 -29.55 -9.85
N THR B 1243 -36.70 -30.07 -9.64
CA THR B 1243 -37.76 -29.95 -10.63
C THR B 1243 -38.32 -28.53 -10.66
N CYS B 1244 -38.87 -28.16 -11.79
CA CYS B 1244 -39.37 -26.81 -12.02
C CYS B 1244 -40.90 -26.80 -11.99
N ILE B 1245 -41.45 -25.87 -11.21
CA ILE B 1245 -42.90 -25.70 -11.09
C ILE B 1245 -43.23 -24.22 -11.16
N PRO B 1246 -44.45 -23.86 -11.58
CA PRO B 1246 -44.77 -22.44 -11.73
C PRO B 1246 -44.87 -21.73 -10.39
N ASN B 1247 -44.63 -20.42 -10.41
CA ASN B 1247 -44.54 -19.64 -9.18
C ASN B 1247 -45.85 -19.61 -8.42
N THR B 1248 -46.98 -19.78 -9.13
CA THR B 1248 -48.28 -19.75 -8.49
C THR B 1248 -48.43 -20.84 -7.43
N TRP B 1249 -47.67 -21.92 -7.55
CA TRP B 1249 -47.65 -22.97 -6.54
C TRP B 1249 -46.74 -22.62 -5.36
N GLU B 1250 -46.01 -21.52 -5.45
CA GLU B 1250 -45.19 -21.03 -4.35
C GLU B 1250 -45.99 -20.05 -3.49
N CYS B 1251 -45.74 -20.11 -2.19
CA CYS B 1251 -46.37 -19.20 -1.22
C CYS B 1251 -47.89 -19.30 -1.25
N ASP B 1252 -48.41 -20.53 -1.29
CA ASP B 1252 -49.85 -20.76 -1.26
C ASP B 1252 -50.32 -21.41 0.03
N GLY B 1253 -49.41 -21.93 0.86
CA GLY B 1253 -49.75 -22.60 2.10
C GLY B 1253 -49.85 -24.11 2.00
N HIS B 1254 -49.83 -24.67 0.79
CA HIS B 1254 -49.95 -26.11 0.58
C HIS B 1254 -48.60 -26.66 0.11
N PRO B 1255 -47.94 -27.54 0.88
CA PRO B 1255 -46.61 -27.98 0.48
C PRO B 1255 -46.67 -28.96 -0.69
N ASP B 1256 -46.83 -28.44 -1.92
CA ASP B 1256 -46.96 -29.27 -3.11
C ASP B 1256 -45.62 -29.75 -3.66
N CYS B 1257 -44.51 -29.11 -3.30
CA CYS B 1257 -43.21 -29.59 -3.70
C CYS B 1257 -42.85 -30.87 -2.94
N ILE B 1258 -41.67 -31.41 -3.25
CA ILE B 1258 -41.25 -32.68 -2.66
C ILE B 1258 -41.08 -32.56 -1.14
N HIS B 1259 -40.55 -31.43 -0.67
CA HIS B 1259 -40.33 -31.22 0.76
C HIS B 1259 -40.81 -29.83 1.20
N GLY B 1260 -41.85 -29.31 0.55
CA GLY B 1260 -42.41 -28.05 0.96
C GLY B 1260 -41.54 -26.84 0.70
N SER B 1261 -40.52 -26.97 -0.15
CA SER B 1261 -39.65 -25.84 -0.47
C SER B 1261 -40.43 -24.70 -1.11
N ASP B 1262 -41.56 -24.99 -1.75
CA ASP B 1262 -42.43 -23.93 -2.25
C ASP B 1262 -42.98 -23.08 -1.13
N GLU B 1263 -43.40 -23.71 -0.03
CA GLU B 1263 -44.06 -23.02 1.07
C GLU B 1263 -43.08 -22.65 2.18
N HIS B 1264 -42.05 -21.87 1.84
CA HIS B 1264 -41.15 -21.38 2.87
C HIS B 1264 -41.84 -20.30 3.70
N THR B 1265 -41.42 -20.20 4.96
CA THR B 1265 -42.06 -19.28 5.90
C THR B 1265 -41.79 -17.82 5.55
N GLY B 1266 -40.87 -17.53 4.64
CA GLY B 1266 -40.62 -16.17 4.22
C GLY B 1266 -41.69 -15.57 3.32
N CYS B 1267 -42.69 -16.37 2.94
CA CYS B 1267 -43.79 -15.88 2.10
C CYS B 1267 -44.76 -15.07 2.94
N VAL B 1268 -45.89 -14.68 2.35
CA VAL B 1268 -46.96 -14.02 3.08
C VAL B 1268 -47.56 -15.04 4.05
N PRO B 1269 -48.06 -14.61 5.22
CA PRO B 1269 -48.66 -15.54 6.18
C PRO B 1269 -50.02 -16.08 5.71
N ALA B 2861 -7.60 34.83 75.30
CA ALA B 2861 -8.68 35.73 75.68
C ALA B 2861 -9.35 36.32 74.45
N SER B 2862 -10.53 36.94 74.66
CA SER B 2862 -11.32 37.47 73.57
C SER B 2862 -10.85 38.84 73.10
N HIS B 2863 -9.90 39.45 73.79
CA HIS B 2863 -9.43 40.79 73.39
C HIS B 2863 -8.29 40.75 72.39
N THR B 2864 -7.77 39.56 72.06
CA THR B 2864 -6.64 39.46 71.15
C THR B 2864 -7.05 39.35 69.69
N CYS B 2865 -8.24 38.84 69.40
CA CYS B 2865 -8.74 38.74 68.04
C CYS B 2865 -10.01 39.60 67.90
N ARG B 2866 -10.65 39.48 66.73
CA ARG B 2866 -11.85 40.24 66.44
C ARG B 2866 -12.90 39.32 65.83
N SER B 2867 -14.11 39.86 65.68
CA SER B 2867 -15.23 39.07 65.18
C SER B 2867 -15.06 38.63 63.73
N ASN B 2868 -14.17 39.27 62.97
CA ASN B 2868 -13.94 38.89 61.58
C ASN B 2868 -12.90 37.80 61.42
N GLU B 2869 -12.28 37.35 62.50
CA GLU B 2869 -11.11 36.48 62.42
C GLU B 2869 -11.27 35.28 63.34
N PHE B 2870 -10.66 34.17 62.92
CA PHE B 2870 -10.71 32.94 63.70
C PHE B 2870 -9.46 32.81 64.57
N GLN B 2871 -9.67 32.45 65.83
CA GLN B 2871 -8.58 32.48 66.82
C GLN B 2871 -7.59 31.34 66.59
N CYS B 2872 -6.31 31.65 66.79
CA CYS B 2872 -5.24 30.66 66.72
C CYS B 2872 -4.30 30.92 67.90
N LEU B 2873 -3.53 29.90 68.26
CA LEU B 2873 -2.83 29.89 69.54
C LEU B 2873 -1.40 30.40 69.50
N SER B 2874 -0.52 29.74 68.75
CA SER B 2874 0.91 29.94 68.93
C SER B 2874 1.44 31.23 68.30
N PRO B 2875 1.21 31.50 67.01
CA PRO B 2875 1.80 32.71 66.41
C PRO B 2875 1.10 34.00 66.83
N GLN B 2876 0.13 33.93 67.74
CA GLN B 2876 -0.69 35.08 68.15
C GLN B 2876 -1.42 35.70 66.97
N ARG B 2877 -1.79 34.88 65.98
CA ARG B 2877 -2.48 35.39 64.80
C ARG B 2877 -3.98 35.13 64.89
N CYS B 2878 -4.72 35.79 64.00
CA CYS B 2878 -6.15 35.56 63.84
C CYS B 2878 -6.45 35.55 62.35
N ILE B 2879 -7.20 34.56 61.90
CA ILE B 2879 -7.37 34.32 60.46
C ILE B 2879 -8.83 34.43 60.05
N PRO B 2880 -9.11 34.83 58.80
CA PRO B 2880 -10.51 34.98 58.37
C PRO B 2880 -11.27 33.65 58.41
N SER B 2881 -12.59 33.76 58.53
CA SER B 2881 -13.45 32.59 58.68
C SER B 2881 -13.51 31.71 57.45
N TYR B 2882 -13.35 32.26 56.25
CA TYR B 2882 -13.36 31.46 55.03
C TYR B 2882 -12.01 30.81 54.74
N TRP B 2883 -10.95 31.22 55.42
CA TRP B 2883 -9.64 30.63 55.16
C TRP B 2883 -9.59 29.16 55.60
N PHE B 2884 -10.01 28.88 56.83
CA PHE B 2884 -9.92 27.52 57.34
C PHE B 2884 -10.89 26.61 56.61
N CYS B 2885 -10.64 25.30 56.72
CA CYS B 2885 -11.42 24.25 56.06
C CYS B 2885 -11.55 24.51 54.56
N ASP B 2886 -10.43 24.90 53.94
CA ASP B 2886 -10.35 25.05 52.50
C ASP B 2886 -9.44 24.03 51.82
N GLY B 2887 -8.59 23.35 52.59
CA GLY B 2887 -7.66 22.39 52.02
C GLY B 2887 -6.32 22.34 52.73
N GLU B 2888 -6.06 23.31 53.61
CA GLU B 2888 -4.83 23.32 54.38
C GLU B 2888 -5.04 24.11 55.66
N ALA B 2889 -4.19 23.85 56.65
CA ALA B 2889 -4.25 24.53 57.94
C ALA B 2889 -3.58 25.89 57.80
N ASP B 2890 -4.39 26.96 57.87
CA ASP B 2890 -3.85 28.30 57.62
C ASP B 2890 -2.94 28.77 58.74
N CYS B 2891 -3.37 28.63 59.99
CA CYS B 2891 -2.54 29.01 61.13
C CYS B 2891 -1.99 27.80 61.87
N ALA B 2892 -1.64 26.73 61.16
CA ALA B 2892 -1.08 25.52 61.76
C ALA B 2892 -1.98 24.96 62.84
N ASP B 2893 -3.28 24.93 62.57
CA ASP B 2893 -4.27 24.40 63.50
C ASP B 2893 -4.64 22.99 63.07
N GLY B 2894 -4.52 22.04 63.98
CA GLY B 2894 -4.84 20.65 63.68
C GLY B 2894 -6.33 20.41 63.44
N SER B 2895 -7.20 21.29 63.92
CA SER B 2895 -8.63 21.19 63.68
C SER B 2895 -9.10 22.02 62.50
N ASP B 2896 -8.19 22.65 61.75
CA ASP B 2896 -8.58 23.48 60.62
C ASP B 2896 -9.34 22.67 59.58
N GLU B 2897 -8.70 21.65 59.02
CA GLU B 2897 -9.31 20.81 58.00
C GLU B 2897 -10.25 19.73 58.54
N PRO B 2898 -9.83 18.91 59.54
CA PRO B 2898 -10.62 17.71 59.86
C PRO B 2898 -12.01 17.95 60.42
N ASP B 2899 -12.13 18.73 61.50
CA ASP B 2899 -13.38 18.75 62.25
C ASP B 2899 -13.85 20.15 62.61
N THR B 2900 -13.67 21.12 61.71
CA THR B 2900 -14.21 22.46 61.91
C THR B 2900 -15.36 22.78 60.97
N CYS B 2901 -15.35 22.24 59.76
CA CYS B 2901 -16.45 22.43 58.82
C CYS B 2901 -16.94 21.07 58.36
N GLY B 2902 -18.12 21.06 57.76
CA GLY B 2902 -18.58 19.86 57.09
C GLY B 2902 -17.67 19.53 55.92
N HIS B 2903 -17.26 18.26 55.86
CA HIS B 2903 -16.30 17.85 54.83
C HIS B 2903 -16.86 18.04 53.43
N SER B 2904 -18.10 17.58 53.19
CA SER B 2904 -18.73 17.76 51.89
C SER B 2904 -20.20 18.11 52.01
N VAL B 2905 -20.60 18.79 53.09
CA VAL B 2905 -21.96 19.26 53.22
C VAL B 2905 -22.29 20.25 52.10
N ASN B 2906 -21.28 20.96 51.61
CA ASN B 2906 -21.44 21.84 50.47
C ASN B 2906 -20.16 21.82 49.65
N THR B 2907 -20.27 22.20 48.38
CA THR B 2907 -19.09 22.48 47.59
C THR B 2907 -18.48 23.81 48.03
N CYS B 2908 -17.24 24.04 47.65
CA CYS B 2908 -16.62 25.32 47.92
C CYS B 2908 -17.27 26.37 47.00
N ARG B 2909 -17.98 27.31 47.60
CA ARG B 2909 -18.98 28.09 46.89
C ARG B 2909 -18.36 29.08 45.91
N ALA B 2910 -19.22 29.88 45.27
CA ALA B 2910 -18.87 30.60 44.06
C ALA B 2910 -17.67 31.52 44.22
N SER B 2911 -17.42 32.01 45.45
CA SER B 2911 -16.24 32.84 45.67
C SER B 2911 -14.95 32.13 45.33
N GLN B 2912 -14.92 30.80 45.46
CA GLN B 2912 -13.81 29.98 45.00
C GLN B 2912 -14.35 28.92 44.04
N PHE B 2913 -13.99 29.06 42.77
CA PHE B 2913 -14.51 28.19 41.73
C PHE B 2913 -14.14 26.73 42.00
N GLN B 2914 -14.98 25.82 41.52
CA GLN B 2914 -14.79 24.40 41.79
C GLN B 2914 -13.53 23.89 41.11
N CYS B 2915 -12.70 23.18 41.88
CA CYS B 2915 -11.51 22.52 41.34
C CYS B 2915 -11.17 21.40 42.32
N ASP B 2916 -11.54 20.17 41.96
CA ASP B 2916 -11.43 18.98 42.82
C ASP B 2916 -12.33 19.14 44.04
N ASN B 2917 -12.59 18.02 44.74
CA ASN B 2917 -13.48 18.08 45.90
C ASN B 2917 -12.78 18.63 47.13
N GLY B 2918 -11.51 18.30 47.31
CA GLY B 2918 -10.77 18.72 48.49
C GLY B 2918 -10.21 20.12 48.45
N ARG B 2919 -10.40 20.85 47.36
CA ARG B 2919 -9.86 22.20 47.23
C ARG B 2919 -10.78 23.02 46.35
N CYS B 2920 -10.48 24.31 46.26
CA CYS B 2920 -11.22 25.20 45.37
C CYS B 2920 -10.29 26.33 44.92
N ILE B 2921 -10.69 26.99 43.83
CA ILE B 2921 -9.79 27.87 43.09
C ILE B 2921 -10.49 29.22 42.88
N SER B 2922 -9.76 30.31 43.09
CA SER B 2922 -10.32 31.66 42.99
C SER B 2922 -9.98 32.31 41.64
N GLY B 2923 -10.47 31.71 40.57
CA GLY B 2923 -10.45 32.37 39.27
C GLY B 2923 -9.20 32.25 38.44
N ASN B 2924 -8.34 33.28 38.50
CA ASN B 2924 -7.24 33.42 37.55
C ASN B 2924 -6.26 32.25 37.63
N TRP B 2925 -6.28 31.51 38.75
CA TRP B 2925 -5.28 30.47 38.94
C TRP B 2925 -5.41 29.34 37.94
N VAL B 2926 -6.54 29.25 37.23
CA VAL B 2926 -6.70 28.22 36.20
C VAL B 2926 -5.82 28.48 35.00
N CYS B 2927 -5.06 29.58 34.99
CA CYS B 2927 -4.30 30.02 33.83
C CYS B 2927 -2.81 30.08 34.08
N ASP B 2928 -2.38 30.67 35.20
CA ASP B 2928 -1.01 31.14 35.40
C ASP B 2928 0.03 30.02 35.32
N GLY B 2929 -0.36 28.75 35.48
CA GLY B 2929 0.61 27.68 35.42
C GLY B 2929 1.20 27.28 36.75
N ASP B 2930 0.65 27.78 37.86
CA ASP B 2930 1.12 27.43 39.19
C ASP B 2930 0.14 26.44 39.82
N ASN B 2931 0.66 25.52 40.62
CA ASN B 2931 -0.13 24.41 41.15
C ASN B 2931 -1.09 24.92 42.21
N ASP B 2932 -2.24 25.44 41.77
CA ASP B 2932 -3.17 26.10 42.68
C ASP B 2932 -4.39 25.25 43.05
N CYS B 2933 -4.58 24.10 42.41
CA CYS B 2933 -5.58 23.14 42.87
C CYS B 2933 -4.95 21.96 43.61
N GLY B 2934 -3.63 22.00 43.83
CA GLY B 2934 -2.93 20.95 44.52
C GLY B 2934 -2.37 19.85 43.63
N ASP B 2935 -2.89 19.74 42.39
CA ASP B 2935 -2.44 18.70 41.47
C ASP B 2935 -2.33 19.21 40.04
N MET B 2936 -2.05 20.51 39.87
CA MET B 2936 -1.84 21.11 38.52
C MET B 2936 -3.12 21.11 37.68
N SER B 2937 -4.18 20.47 38.17
CA SER B 2937 -5.42 20.34 37.41
C SER B 2937 -6.13 21.67 37.17
N ASP B 2938 -5.58 22.79 37.64
CA ASP B 2938 -6.18 24.09 37.37
C ASP B 2938 -6.16 24.41 35.88
N GLU B 2939 -5.05 24.10 35.22
CA GLU B 2939 -4.90 24.32 33.78
C GLU B 2939 -5.16 23.06 32.98
N ASP B 2940 -6.07 22.21 33.46
CA ASP B 2940 -6.43 20.96 32.79
C ASP B 2940 -7.51 21.21 31.74
N GLN B 2941 -7.68 20.22 30.86
CA GLN B 2941 -8.67 20.26 29.78
C GLN B 2941 -8.51 21.50 28.93
N ARG B 2942 -9.56 22.32 28.87
CA ARG B 2942 -9.60 23.57 28.12
C ARG B 2942 -10.00 24.71 29.05
N HIS B 2943 -9.31 24.79 30.18
CA HIS B 2943 -9.66 25.77 31.20
C HIS B 2943 -9.34 27.19 30.76
N HIS B 2944 -8.06 27.46 30.49
CA HIS B 2944 -7.63 28.82 30.16
C HIS B 2944 -6.22 28.75 29.59
N CYS B 2945 -5.70 29.92 29.21
CA CYS B 2945 -4.32 30.09 28.73
C CYS B 2945 -4.05 29.22 27.50
N GLU B 2946 -4.81 29.47 26.43
CA GLU B 2946 -4.55 28.78 25.18
C GLU B 2946 -3.24 29.23 24.54
N LEU B 2947 -2.96 30.53 24.57
CA LEU B 2947 -1.74 31.10 24.01
C LEU B 2947 -1.32 32.26 24.91
N GLN B 2948 -0.26 32.06 25.68
CA GLN B 2948 0.18 33.10 26.60
C GLN B 2948 0.87 34.23 25.86
N ASN B 2949 0.97 35.37 26.53
CA ASN B 2949 1.52 36.59 25.94
C ASN B 2949 2.67 37.10 26.80
N CYS B 2950 3.55 37.87 26.16
CA CYS B 2950 4.75 38.39 26.81
C CYS B 2950 4.70 39.91 26.82
N SER B 2951 4.90 40.50 28.00
CA SER B 2951 4.97 41.94 28.13
C SER B 2951 6.39 42.43 27.89
N SER B 2952 6.66 43.68 28.25
CA SER B 2952 8.00 44.23 28.12
C SER B 2952 9.00 43.38 28.89
N THR B 2953 10.23 43.36 28.41
CA THR B 2953 11.32 42.54 28.94
C THR B 2953 10.99 41.05 28.91
N GLN B 2954 10.15 40.62 27.97
CA GLN B 2954 9.82 39.22 27.79
C GLN B 2954 9.69 38.92 26.30
N PHE B 2955 10.04 37.70 25.92
CA PHE B 2955 9.97 37.28 24.52
C PHE B 2955 9.25 35.94 24.45
N THR B 2956 8.53 35.73 23.36
CA THR B 2956 7.68 34.57 23.19
C THR B 2956 8.35 33.52 22.32
N CYS B 2957 8.29 32.25 22.75
CA CYS B 2957 8.71 31.14 21.92
C CYS B 2957 7.56 30.73 21.03
N VAL B 2958 7.38 31.43 19.91
CA VAL B 2958 6.20 31.23 19.06
C VAL B 2958 6.16 29.82 18.49
N ASN B 2959 7.30 29.31 18.01
CA ASN B 2959 7.35 27.96 17.46
C ASN B 2959 7.52 26.98 18.61
N SER B 2960 6.42 26.76 19.34
CA SER B 2960 6.43 25.85 20.48
C SER B 2960 5.01 25.39 20.75
N ARG B 2961 4.92 24.32 21.52
CA ARG B 2961 3.68 23.66 21.89
C ARG B 2961 3.48 23.78 23.39
N PRO B 2962 2.30 23.43 23.91
CA PRO B 2962 2.04 23.53 25.36
C PRO B 2962 3.11 22.85 26.21
N PRO B 2963 3.55 21.64 25.88
CA PRO B 2963 4.45 20.94 26.83
C PRO B 2963 5.88 21.45 26.87
N ASN B 2964 6.22 22.56 26.20
CA ASN B 2964 7.58 23.05 26.36
C ASN B 2964 7.66 24.42 27.03
N ARG B 2965 7.13 25.45 26.36
CA ARG B 2965 7.25 26.84 26.83
C ARG B 2965 6.57 27.73 25.81
N ARG B 2966 6.16 28.93 26.25
CA ARG B 2966 5.75 29.96 25.29
C ARG B 2966 6.21 31.37 25.62
N CYS B 2967 6.75 31.65 26.80
CA CYS B 2967 7.10 33.02 27.16
C CYS B 2967 8.33 33.03 28.07
N ILE B 2968 9.35 33.79 27.66
CA ILE B 2968 10.57 33.91 28.45
C ILE B 2968 10.99 35.37 28.49
N PRO B 2969 11.66 35.77 29.58
CA PRO B 2969 12.10 37.16 29.70
C PRO B 2969 13.30 37.47 28.82
N GLN B 2970 13.57 38.78 28.66
CA GLN B 2970 14.81 39.22 28.02
C GLN B 2970 16.04 38.83 28.82
N TYR B 2971 15.88 38.46 30.09
CA TYR B 2971 16.99 37.99 30.89
C TYR B 2971 17.61 36.71 30.34
N TRP B 2972 16.98 36.11 29.33
CA TRP B 2972 17.49 34.87 28.76
C TRP B 2972 17.62 34.89 27.24
N VAL B 2973 17.44 36.04 26.60
CA VAL B 2973 17.55 36.11 25.15
C VAL B 2973 18.99 36.39 24.76
N CYS B 2974 19.52 35.57 23.86
CA CYS B 2974 20.92 35.63 23.44
C CYS B 2974 21.87 35.52 24.63
N ASP B 2975 21.53 34.64 25.57
CA ASP B 2975 22.39 34.30 26.70
C ASP B 2975 23.28 33.11 26.32
N GLY B 2976 23.89 32.49 27.33
CA GLY B 2976 24.77 31.37 27.10
C GLY B 2976 24.10 30.01 26.97
N ASP B 2977 22.79 29.91 27.23
CA ASP B 2977 22.13 28.62 27.19
C ASP B 2977 20.76 28.73 26.53
N ALA B 2978 20.47 27.81 25.60
CA ALA B 2978 19.22 27.84 24.86
C ALA B 2978 18.04 27.62 25.80
N ASP B 2979 16.93 28.31 25.53
CA ASP B 2979 15.76 28.26 26.40
C ASP B 2979 14.51 27.74 25.71
N CYS B 2980 14.14 28.31 24.56
CA CYS B 2980 12.88 27.96 23.92
C CYS B 2980 12.94 26.56 23.33
N SER B 2981 11.80 26.13 22.77
CA SER B 2981 11.69 24.80 22.19
C SER B 2981 12.64 24.63 21.01
N ASP B 2982 12.61 25.58 20.07
CA ASP B 2982 13.49 25.58 18.92
C ASP B 2982 14.73 26.43 19.13
N ALA B 2983 14.91 26.99 20.33
CA ALA B 2983 16.06 27.81 20.69
C ALA B 2983 16.20 29.02 19.77
N LEU B 2984 15.08 29.60 19.35
CA LEU B 2984 15.14 30.83 18.56
C LEU B 2984 15.56 32.03 19.40
N ASP B 2985 15.54 31.90 20.72
CA ASP B 2985 15.94 33.01 21.58
C ASP B 2985 17.40 33.37 21.38
N GLU B 2986 18.25 32.40 21.07
CA GLU B 2986 19.67 32.63 20.88
C GLU B 2986 20.03 33.05 19.47
N LEU B 2987 19.13 32.85 18.49
CA LEU B 2987 19.41 33.29 17.13
C LEU B 2987 19.08 34.77 16.98
N GLN B 2988 17.79 35.12 17.11
CA GLN B 2988 17.27 36.50 17.05
C GLN B 2988 17.99 37.24 15.93
N ASN B 2989 18.48 38.46 16.15
CA ASN B 2989 19.38 39.13 15.23
C ASN B 2989 20.84 38.97 15.64
N CYS B 2990 21.13 38.20 16.69
CA CYS B 2990 22.48 38.11 17.22
C CYS B 2990 23.43 37.43 16.24
N THR B 2991 23.20 36.15 15.96
CA THR B 2991 23.93 35.38 14.95
C THR B 2991 25.44 35.58 15.03
N MET B 2992 26.02 35.14 16.15
CA MET B 2992 27.46 35.27 16.35
C MET B 2992 28.23 34.33 15.44
N ARG B 2993 29.56 34.50 15.46
CA ARG B 2993 30.45 33.68 14.63
C ARG B 2993 31.17 32.65 15.48
N THR B 2994 31.86 33.10 16.53
CA THR B 2994 32.92 32.32 17.18
C THR B 2994 32.41 30.97 17.66
N CYS B 2995 32.97 29.90 17.10
CA CYS B 2995 32.75 28.54 17.56
C CYS B 2995 33.95 27.71 17.11
N SER B 2996 34.44 26.86 18.02
CA SER B 2996 35.70 26.16 17.80
C SER B 2996 35.46 24.65 17.80
N ALA B 2997 36.56 23.90 17.73
CA ALA B 2997 36.50 22.45 17.73
C ALA B 2997 36.19 21.87 19.09
N GLY B 2998 36.21 22.68 20.15
CA GLY B 2998 35.88 22.19 21.47
C GLY B 2998 34.40 21.94 21.69
N GLU B 2999 33.55 22.30 20.72
CA GLU B 2999 32.13 22.09 20.82
C GLU B 2999 31.59 21.58 19.49
N PHE B 3000 30.55 20.76 19.56
CA PHE B 3000 29.90 20.24 18.36
C PHE B 3000 29.23 21.38 17.61
N SER B 3001 29.31 21.33 16.28
CA SER B 3001 28.78 22.39 15.41
C SER B 3001 27.47 21.91 14.78
N CYS B 3002 26.45 22.76 14.84
CA CYS B 3002 25.15 22.43 14.29
C CYS B 3002 25.01 23.00 12.88
N ALA B 3003 23.94 22.57 12.20
CA ALA B 3003 23.69 23.05 10.84
C ALA B 3003 23.34 24.54 10.83
N ASN B 3004 22.53 24.99 11.79
CA ASN B 3004 22.10 26.38 11.82
C ASN B 3004 23.21 27.33 12.26
N GLY B 3005 24.30 26.83 12.83
CA GLY B 3005 25.42 27.65 13.23
C GLY B 3005 25.71 27.66 14.72
N ARG B 3006 24.71 27.40 15.56
CA ARG B 3006 24.94 27.36 16.99
C ARG B 3006 25.77 26.12 17.34
N CYS B 3007 26.43 26.17 18.50
CA CYS B 3007 27.30 25.09 18.92
C CYS B 3007 26.96 24.69 20.36
N VAL B 3008 27.22 23.42 20.67
CA VAL B 3008 26.94 22.87 21.99
C VAL B 3008 28.07 21.92 22.36
N ARG B 3009 28.16 21.59 23.64
CA ARG B 3009 29.20 20.69 24.12
C ARG B 3009 29.05 19.31 23.50
N GLN B 3010 30.17 18.60 23.37
CA GLN B 3010 30.18 17.32 22.67
C GLN B 3010 29.28 16.30 23.35
N SER B 3011 29.18 16.37 24.68
CA SER B 3011 28.34 15.41 25.40
C SER B 3011 26.87 15.55 25.03
N PHE B 3012 26.46 16.72 24.54
CA PHE B 3012 25.08 16.96 24.16
C PHE B 3012 24.78 16.49 22.73
N ARG B 3013 25.56 15.56 22.20
CA ARG B 3013 25.29 14.96 20.91
C ARG B 3013 24.76 13.54 21.08
N CYS B 3014 23.78 13.17 20.25
CA CYS B 3014 23.22 11.82 20.20
C CYS B 3014 22.64 11.41 21.56
N ASP B 3015 21.59 12.13 21.95
CA ASP B 3015 21.01 11.93 23.27
C ASP B 3015 19.49 12.11 23.18
N ARG B 3016 18.85 12.24 24.34
CA ARG B 3016 17.40 12.36 24.44
C ARG B 3016 16.91 13.80 24.40
N ARG B 3017 17.77 14.80 24.45
CA ARG B 3017 17.36 16.19 24.52
C ARG B 3017 17.63 16.90 23.20
N ASN B 3018 16.72 17.80 22.83
CA ASN B 3018 16.90 18.68 21.68
C ASN B 3018 17.67 19.91 22.18
N ASP B 3019 19.00 19.82 22.04
CA ASP B 3019 19.85 20.82 22.65
C ASP B 3019 20.05 22.04 21.75
N CYS B 3020 20.27 21.82 20.46
CA CYS B 3020 20.61 22.90 19.54
C CYS B 3020 19.40 23.56 18.89
N GLY B 3021 18.20 23.06 19.15
CA GLY B 3021 17.02 23.61 18.53
C GLY B 3021 16.77 23.06 17.14
N ASP B 3022 17.84 23.01 16.33
CA ASP B 3022 17.74 22.52 14.96
C ASP B 3022 17.70 21.00 14.89
N TYR B 3023 17.96 20.32 16.01
CA TYR B 3023 18.02 18.86 16.09
C TYR B 3023 19.21 18.32 15.30
N SER B 3024 20.18 19.21 14.98
CA SER B 3024 21.39 18.75 14.33
C SER B 3024 22.25 17.89 15.24
N ASP B 3025 22.14 18.08 16.55
CA ASP B 3025 22.87 17.24 17.51
C ASP B 3025 22.34 15.82 17.56
N GLU B 3026 21.19 15.54 16.96
CA GLU B 3026 20.58 14.22 16.99
C GLU B 3026 20.51 13.55 15.62
N ARG B 3027 20.40 14.32 14.55
CA ARG B 3027 20.27 13.74 13.22
C ARG B 3027 21.51 12.94 12.85
N GLY B 3028 21.30 11.74 12.33
CA GLY B 3028 22.38 10.89 11.88
C GLY B 3028 23.02 10.03 12.95
N CYS B 3029 22.59 10.16 14.20
CA CYS B 3029 23.20 9.42 15.29
C CYS B 3029 22.78 7.95 15.27
N SER B 3030 23.58 7.11 15.92
CA SER B 3030 23.34 5.67 16.03
C SER B 3030 23.36 5.32 17.51
N TYR B 3031 22.18 5.21 18.11
CA TYR B 3031 22.07 5.01 19.55
C TYR B 3031 22.47 3.59 19.94
N PRO B 3032 23.44 3.42 20.84
CA PRO B 3032 23.70 2.08 21.36
C PRO B 3032 22.55 1.61 22.23
N PRO B 3033 22.37 0.30 22.38
CA PRO B 3033 21.21 -0.21 23.10
C PRO B 3033 21.25 0.12 24.59
N CYS B 3034 20.08 0.07 25.20
CA CYS B 3034 19.92 0.45 26.60
C CYS B 3034 20.53 -0.60 27.53
N HIS B 3035 20.63 -0.25 28.81
CA HIS B 3035 21.14 -1.17 29.81
C HIS B 3035 20.09 -2.24 30.12
N ALA B 3036 20.52 -3.22 30.93
CA ALA B 3036 19.63 -4.33 31.29
C ALA B 3036 18.43 -3.84 32.10
N ASN B 3037 18.67 -2.95 33.06
CA ASN B 3037 17.60 -2.39 33.87
C ASN B 3037 16.82 -1.30 33.15
N GLN B 3038 17.05 -1.12 31.85
CA GLN B 3038 16.44 -0.04 31.07
C GLN B 3038 15.45 -0.63 30.09
N PHE B 3039 14.17 -0.39 30.33
CA PHE B 3039 13.14 -0.76 29.36
C PHE B 3039 13.28 0.12 28.12
N THR B 3040 13.02 -0.48 26.96
CA THR B 3040 13.16 0.20 25.68
C THR B 3040 11.78 0.39 25.06
N CYS B 3041 11.47 1.61 24.65
CA CYS B 3041 10.21 1.87 23.98
C CYS B 3041 10.37 1.66 22.48
N GLN B 3042 9.22 1.63 21.78
CA GLN B 3042 9.24 1.36 20.35
C GLN B 3042 9.96 2.45 19.57
N ASN B 3043 9.98 3.68 20.10
CA ASN B 3043 10.64 4.78 19.42
C ASN B 3043 12.13 4.86 19.70
N GLY B 3044 12.67 3.98 20.53
CA GLY B 3044 14.09 3.98 20.82
C GLY B 3044 14.49 4.70 22.10
N ARG B 3045 13.54 5.24 22.86
CA ARG B 3045 13.87 5.92 24.10
C ARG B 3045 14.00 4.91 25.23
N CYS B 3046 15.11 4.96 25.95
CA CYS B 3046 15.31 4.10 27.11
C CYS B 3046 14.70 4.75 28.36
N ILE B 3047 13.94 3.96 29.09
CA ILE B 3047 13.33 4.42 30.34
C ILE B 3047 13.66 3.41 31.43
N PRO B 3048 13.70 3.83 32.71
CA PRO B 3048 13.87 2.86 33.79
C PRO B 3048 12.72 1.88 33.83
N ARG B 3049 13.02 0.62 34.13
CA ARG B 3049 11.98 -0.41 34.19
C ARG B 3049 11.01 -0.14 35.33
N PHE B 3050 11.43 0.64 36.33
CA PHE B 3050 10.53 1.07 37.39
C PHE B 3050 9.43 1.97 36.83
N PHE B 3051 9.72 2.71 35.77
CA PHE B 3051 8.73 3.60 35.17
C PHE B 3051 7.67 2.85 34.37
N VAL B 3052 7.92 1.57 34.05
CA VAL B 3052 6.97 0.83 33.25
C VAL B 3052 5.71 0.55 34.06
N CYS B 3053 4.55 0.80 33.45
CA CYS B 3053 3.25 0.50 34.05
C CYS B 3053 3.02 1.32 35.32
N ASP B 3054 3.37 2.59 35.28
CA ASP B 3054 3.03 3.53 36.35
C ASP B 3054 1.99 4.55 35.91
N GLU B 3055 1.26 4.27 34.83
CA GLU B 3055 0.20 5.10 34.27
C GLU B 3055 0.71 6.46 33.80
N ASP B 3056 2.01 6.62 33.58
CA ASP B 3056 2.57 7.83 33.01
C ASP B 3056 3.26 7.50 31.70
N ASN B 3057 2.93 8.25 30.65
CA ASN B 3057 3.56 8.04 29.35
C ASN B 3057 4.99 8.57 29.40
N ASP B 3058 5.93 7.72 29.78
CA ASP B 3058 7.30 8.12 30.05
C ASP B 3058 8.16 8.23 28.79
N CYS B 3059 7.66 7.81 27.63
CA CYS B 3059 8.43 7.93 26.40
C CYS B 3059 7.58 8.42 25.24
N GLY B 3060 6.41 8.98 25.50
CA GLY B 3060 5.60 9.59 24.45
C GLY B 3060 4.72 8.67 23.63
N ASP B 3061 5.30 7.66 22.99
CA ASP B 3061 4.53 6.78 22.11
C ASP B 3061 3.64 5.81 22.87
N GLY B 3062 3.74 5.73 24.19
CA GLY B 3062 2.91 4.85 24.97
C GLY B 3062 3.32 3.40 24.95
N SER B 3063 4.57 3.09 24.57
CA SER B 3063 5.03 1.71 24.59
C SER B 3063 5.06 1.16 26.00
N ASP B 3064 5.42 2.01 26.97
CA ASP B 3064 5.49 1.60 28.38
C ASP B 3064 4.13 1.62 29.07
N GLU B 3065 3.08 2.10 28.40
CA GLU B 3065 1.73 2.13 28.96
C GLU B 3065 0.78 1.55 27.91
N GLN B 3066 0.57 0.25 27.98
CA GLN B 3066 -0.29 -0.44 27.03
C GLN B 3066 -0.95 -1.63 27.73
N GLU B 3067 -2.04 -2.11 27.12
CA GLU B 3067 -2.98 -2.96 27.84
C GLU B 3067 -2.36 -4.29 28.27
N HIS B 3068 -1.76 -5.01 27.32
CA HIS B 3068 -1.33 -6.38 27.60
C HIS B 3068 0.07 -6.49 28.17
N LEU B 3069 0.94 -5.51 27.94
CA LEU B 3069 2.23 -5.50 28.62
C LEU B 3069 2.06 -5.19 30.10
N CYS B 3070 1.18 -4.24 30.42
CA CYS B 3070 0.84 -3.91 31.81
C CYS B 3070 -0.42 -4.64 32.24
N HIS B 3071 -0.34 -5.97 32.22
CA HIS B 3071 -1.46 -6.83 32.57
C HIS B 3071 -1.06 -7.81 33.67
N THR B 3072 -2.00 -8.03 34.60
CA THR B 3072 -1.84 -9.02 35.65
C THR B 3072 -3.07 -9.92 35.64
N PRO B 3073 -3.05 -10.98 34.83
CA PRO B 3073 -4.23 -11.84 34.72
C PRO B 3073 -4.59 -12.47 36.05
N GLU B 3074 -5.89 -12.52 36.33
CA GLU B 3074 -6.35 -13.03 37.62
C GLU B 3074 -6.08 -14.53 37.70
N PRO B 3075 -5.84 -15.06 38.89
CA PRO B 3075 -5.59 -16.51 39.03
C PRO B 3075 -6.75 -17.33 38.51
N THR B 3076 -6.42 -18.49 37.95
CA THR B 3076 -7.45 -19.36 37.36
C THR B 3076 -8.36 -19.96 38.43
N CYS B 3077 -7.80 -20.77 39.34
CA CYS B 3077 -8.55 -21.50 40.34
C CYS B 3077 -9.72 -22.23 39.69
N PRO B 3078 -9.46 -23.19 38.79
CA PRO B 3078 -10.54 -23.74 37.96
C PRO B 3078 -11.53 -24.60 38.73
N LEU B 3079 -11.04 -25.51 39.57
CA LEU B 3079 -11.91 -26.40 40.31
C LEU B 3079 -11.56 -26.28 41.79
N HIS B 3080 -12.52 -26.66 42.63
CA HIS B 3080 -12.49 -26.31 44.05
C HIS B 3080 -12.27 -24.81 44.15
N GLN B 3081 -11.49 -24.36 45.14
CA GLN B 3081 -10.96 -23.00 45.19
C GLN B 3081 -12.00 -21.95 44.84
N PHE B 3082 -13.15 -22.02 45.52
CA PHE B 3082 -14.26 -21.13 45.19
C PHE B 3082 -13.98 -19.72 45.67
N ARG B 3083 -13.51 -18.87 44.77
CA ARG B 3083 -13.28 -17.47 45.08
C ARG B 3083 -14.60 -16.76 45.31
N CYS B 3084 -14.57 -15.74 46.17
CA CYS B 3084 -15.75 -14.94 46.48
C CYS B 3084 -15.71 -13.65 45.66
N ASP B 3085 -16.80 -12.87 45.75
CA ASP B 3085 -17.04 -11.78 44.81
C ASP B 3085 -16.14 -10.57 45.03
N ASN B 3086 -15.34 -10.54 46.10
CA ASN B 3086 -14.40 -9.44 46.26
C ASN B 3086 -13.12 -9.62 45.44
N GLY B 3087 -12.87 -10.81 44.90
CA GLY B 3087 -11.78 -11.00 43.97
C GLY B 3087 -10.52 -11.60 44.56
N HIS B 3088 -10.65 -12.64 45.37
CA HIS B 3088 -9.50 -13.40 45.86
C HIS B 3088 -9.91 -14.86 46.02
N CYS B 3089 -8.96 -15.75 45.74
CA CYS B 3089 -9.22 -17.18 45.66
C CYS B 3089 -9.10 -17.82 47.04
N ILE B 3090 -10.15 -18.54 47.45
CA ILE B 3090 -10.19 -19.20 48.74
C ILE B 3090 -10.81 -20.58 48.52
N GLU B 3091 -10.59 -21.49 49.47
CA GLU B 3091 -11.03 -22.87 49.33
C GLU B 3091 -12.55 -22.95 49.17
N MET B 3092 -13.00 -24.05 48.56
CA MET B 3092 -14.42 -24.19 48.23
C MET B 3092 -15.26 -24.44 49.48
N GLY B 3093 -14.68 -25.09 50.49
CA GLY B 3093 -15.44 -25.43 51.68
C GLY B 3093 -15.69 -24.26 52.61
N ARG B 3094 -15.00 -23.14 52.40
CA ARG B 3094 -15.15 -22.00 53.30
C ARG B 3094 -16.46 -21.26 53.06
N VAL B 3095 -17.18 -21.60 51.99
CA VAL B 3095 -18.37 -20.83 51.62
C VAL B 3095 -19.56 -21.31 52.45
N CYS B 3096 -20.25 -20.35 53.06
CA CYS B 3096 -21.35 -20.62 53.99
C CYS B 3096 -20.92 -21.56 55.11
N ASN B 3097 -19.67 -21.41 55.54
CA ASN B 3097 -19.15 -22.08 56.72
C ASN B 3097 -19.44 -21.29 57.99
N HIS B 3098 -20.34 -20.32 57.92
CA HIS B 3098 -20.77 -19.48 59.04
C HIS B 3098 -19.63 -18.60 59.53
N VAL B 3099 -18.56 -18.48 58.75
CA VAL B 3099 -17.42 -17.63 59.07
C VAL B 3099 -17.28 -16.59 57.97
N ASP B 3100 -17.27 -15.32 58.36
CA ASP B 3100 -17.14 -14.22 57.40
C ASP B 3100 -15.69 -14.05 56.99
N ASP B 3101 -15.20 -14.93 56.12
CA ASP B 3101 -13.80 -14.91 55.69
C ASP B 3101 -13.56 -14.01 54.49
N CYS B 3102 -14.61 -13.47 53.87
CA CYS B 3102 -14.47 -12.62 52.71
C CYS B 3102 -14.88 -11.19 53.07
N SER B 3103 -14.77 -10.29 52.09
CA SER B 3103 -14.87 -8.85 52.34
C SER B 3103 -16.12 -8.45 53.12
N ASP B 3104 -17.30 -8.64 52.52
CA ASP B 3104 -18.56 -8.25 53.16
C ASP B 3104 -19.59 -9.34 52.87
N ASN B 3105 -19.65 -10.34 53.74
CA ASN B 3105 -20.62 -11.44 53.66
C ASN B 3105 -20.68 -12.05 52.26
N SER B 3106 -19.53 -12.11 51.58
CA SER B 3106 -19.49 -12.66 50.24
C SER B 3106 -19.69 -14.17 50.22
N ASP B 3107 -19.39 -14.85 51.32
CA ASP B 3107 -19.55 -16.30 51.41
C ASP B 3107 -20.75 -16.71 52.26
N GLU B 3108 -21.37 -15.77 52.98
CA GLU B 3108 -22.46 -16.09 53.92
C GLU B 3108 -23.71 -15.28 53.57
N LYS B 3109 -24.68 -15.96 52.93
CA LYS B 3109 -26.03 -15.45 52.76
C LYS B 3109 -26.99 -16.04 53.79
N GLY B 3110 -26.49 -16.35 54.99
CA GLY B 3110 -27.16 -17.29 55.87
C GLY B 3110 -26.81 -18.68 55.36
N CYS B 3111 -27.43 -19.03 54.23
CA CYS B 3111 -26.97 -19.99 53.23
C CYS B 3111 -27.87 -19.85 52.01
N GLY B 3112 -27.26 -19.78 50.84
CA GLY B 3112 -27.95 -19.30 49.66
C GLY B 3112 -29.03 -20.24 49.15
N ILE B 3113 -29.94 -19.65 48.39
CA ILE B 3113 -31.01 -20.36 47.70
C ILE B 3113 -31.24 -19.65 46.38
N ASN B 3114 -31.96 -20.30 45.47
CA ASN B 3114 -32.23 -19.73 44.16
C ASN B 3114 -32.93 -18.38 44.30
N GLU B 3115 -32.42 -17.39 43.59
CA GLU B 3115 -32.96 -16.03 43.62
C GLU B 3115 -33.92 -15.75 42.47
N CYS B 3116 -34.04 -16.66 41.50
CA CYS B 3116 -35.02 -16.50 40.43
C CYS B 3116 -36.41 -16.96 40.83
N LEU B 3117 -36.55 -17.61 41.99
CA LEU B 3117 -37.83 -18.21 42.36
C LEU B 3117 -38.91 -17.15 42.54
N ASP B 3118 -38.57 -16.03 43.16
CA ASP B 3118 -39.52 -14.94 43.29
C ASP B 3118 -39.82 -14.34 41.91
N SER B 3119 -41.02 -13.79 41.77
CA SER B 3119 -41.51 -13.35 40.47
C SER B 3119 -40.64 -12.25 39.87
N SER B 3120 -39.92 -12.59 38.79
CA SER B 3120 -39.14 -11.67 37.97
C SER B 3120 -38.03 -10.96 38.74
N ILE B 3121 -37.50 -11.57 39.80
CA ILE B 3121 -36.32 -11.01 40.44
C ILE B 3121 -35.10 -11.37 39.63
N SER B 3122 -34.33 -10.36 39.24
CA SER B 3122 -33.22 -10.42 38.28
C SER B 3122 -33.69 -10.70 36.86
N ARG B 3123 -34.98 -10.96 36.67
CA ARG B 3123 -35.62 -11.02 35.36
C ARG B 3123 -34.87 -11.94 34.39
N CYS B 3124 -34.58 -13.17 34.80
CA CYS B 3124 -33.97 -14.13 33.88
C CYS B 3124 -34.93 -14.41 32.74
N ASP B 3125 -34.59 -13.93 31.53
CA ASP B 3125 -35.52 -13.92 30.42
C ASP B 3125 -35.89 -15.31 29.93
N HIS B 3126 -34.94 -16.24 29.86
CA HIS B 3126 -35.17 -17.52 29.22
C HIS B 3126 -35.22 -18.67 30.21
N ASN B 3127 -34.17 -18.88 31.00
CA ASN B 3127 -34.11 -20.01 31.92
C ASN B 3127 -33.12 -19.63 33.02
N CYS B 3128 -33.28 -20.23 34.20
CA CYS B 3128 -32.44 -19.87 35.34
C CYS B 3128 -31.90 -21.11 36.04
N THR B 3129 -30.79 -20.91 36.75
CA THR B 3129 -30.17 -21.94 37.57
C THR B 3129 -29.43 -21.25 38.71
N ASP B 3130 -29.26 -21.95 39.82
CA ASP B 3130 -28.71 -21.34 41.03
C ASP B 3130 -27.45 -22.08 41.46
N THR B 3131 -26.87 -21.60 42.55
CA THR B 3131 -25.70 -22.22 43.17
C THR B 3131 -25.73 -21.92 44.66
N ILE B 3132 -24.61 -22.25 45.33
CA ILE B 3132 -24.53 -22.12 46.78
C ILE B 3132 -24.75 -20.70 47.25
N THR B 3133 -24.23 -19.71 46.52
CA THR B 3133 -24.36 -18.33 46.95
C THR B 3133 -24.73 -17.37 45.84
N SER B 3134 -25.29 -17.87 44.74
CA SER B 3134 -25.63 -17.00 43.61
C SER B 3134 -26.57 -17.73 42.66
N PHE B 3135 -27.02 -16.99 41.66
CA PHE B 3135 -27.78 -17.53 40.55
C PHE B 3135 -26.97 -17.41 39.25
N TYR B 3136 -27.56 -17.88 38.16
CA TYR B 3136 -27.12 -17.52 36.82
C TYR B 3136 -28.20 -17.91 35.83
N CYS B 3137 -28.67 -16.94 35.05
CA CYS B 3137 -29.65 -17.22 34.01
C CYS B 3137 -28.99 -17.94 32.84
N SER B 3138 -29.83 -18.46 31.94
CA SER B 3138 -29.34 -19.14 30.76
C SER B 3138 -30.32 -18.92 29.62
N CYS B 3139 -29.84 -19.13 28.40
CA CYS B 3139 -30.64 -18.94 27.20
C CYS B 3139 -30.63 -20.22 26.38
N LEU B 3140 -31.75 -20.49 25.70
CA LEU B 3140 -31.86 -21.66 24.86
C LEU B 3140 -30.91 -21.53 23.67
N PRO B 3141 -30.54 -22.65 23.06
CA PRO B 3141 -29.71 -22.59 21.84
C PRO B 3141 -30.39 -21.74 20.77
N GLY B 3142 -29.57 -20.96 20.06
CA GLY B 3142 -30.08 -19.95 19.16
C GLY B 3142 -30.33 -18.61 19.80
N TYR B 3143 -30.15 -18.49 21.11
CA TYR B 3143 -30.27 -17.23 21.82
C TYR B 3143 -29.00 -16.99 22.65
N LYS B 3144 -28.55 -15.74 22.67
CA LYS B 3144 -27.39 -15.35 23.45
C LYS B 3144 -27.79 -14.30 24.48
N LEU B 3145 -27.16 -14.37 25.64
CA LEU B 3145 -27.34 -13.33 26.64
C LEU B 3145 -26.53 -12.09 26.25
N MET B 3146 -27.11 -10.92 26.49
CA MET B 3146 -26.38 -9.68 26.27
C MET B 3146 -25.83 -9.18 27.60
N SER B 3147 -25.13 -8.03 27.56
CA SER B 3147 -24.32 -7.58 28.68
C SER B 3147 -25.08 -7.40 29.98
N ASP B 3148 -26.41 -7.23 29.93
CA ASP B 3148 -27.15 -7.01 31.16
C ASP B 3148 -27.21 -8.26 32.04
N LYS B 3149 -26.82 -9.42 31.51
CA LYS B 3149 -26.76 -10.68 32.23
C LYS B 3149 -28.14 -11.17 32.67
N ARG B 3150 -29.20 -10.68 32.04
CA ARG B 3150 -30.54 -11.12 32.41
C ARG B 3150 -31.40 -11.51 31.20
N SER B 3151 -31.12 -10.96 30.02
CA SER B 3151 -31.99 -11.12 28.87
C SER B 3151 -31.24 -11.75 27.71
N CYS B 3152 -31.99 -12.36 26.80
CA CYS B 3152 -31.44 -13.07 25.66
C CYS B 3152 -31.96 -12.47 24.36
N VAL B 3153 -31.13 -12.54 23.32
CA VAL B 3153 -31.47 -12.06 21.98
C VAL B 3153 -31.20 -13.17 20.98
N ASP B 3154 -31.82 -13.03 19.80
CA ASP B 3154 -31.68 -14.05 18.76
C ASP B 3154 -30.31 -13.96 18.08
N ILE B 3155 -29.78 -15.11 17.70
CA ILE B 3155 -28.52 -15.18 16.96
C ILE B 3155 -28.83 -15.13 15.47
N ASP B 3156 -28.15 -14.22 14.76
CA ASP B 3156 -28.20 -14.20 13.30
C ASP B 3156 -27.11 -15.14 12.80
N GLU B 3157 -27.43 -16.43 12.77
CA GLU B 3157 -26.43 -17.43 12.40
C GLU B 3157 -25.93 -17.23 10.98
N CYS B 3158 -26.74 -16.60 10.11
CA CYS B 3158 -26.29 -16.30 8.76
C CYS B 3158 -25.17 -15.27 8.74
N LYS B 3159 -25.02 -14.49 9.81
CA LYS B 3159 -23.94 -13.52 9.93
C LYS B 3159 -22.93 -13.88 11.00
N GLU B 3160 -23.39 -14.41 12.14
CA GLU B 3160 -22.48 -14.76 13.23
C GLU B 3160 -21.70 -16.04 12.96
N SER B 3161 -22.30 -17.01 12.26
CA SER B 3161 -21.65 -18.29 11.97
C SER B 3161 -21.98 -18.71 10.55
N PRO B 3162 -21.34 -18.10 9.56
CA PRO B 3162 -21.69 -18.41 8.16
C PRO B 3162 -21.47 -19.85 7.75
N GLN B 3163 -20.50 -20.54 8.35
CA GLN B 3163 -20.11 -21.86 7.89
C GLN B 3163 -21.15 -22.94 8.17
N LEU B 3164 -22.19 -22.64 8.94
CA LEU B 3164 -23.20 -23.64 9.24
C LEU B 3164 -23.93 -24.12 7.99
N CYS B 3165 -24.27 -23.20 7.09
CA CYS B 3165 -24.95 -23.52 5.85
C CYS B 3165 -23.98 -23.46 4.69
N SER B 3166 -24.01 -24.49 3.83
CA SER B 3166 -23.01 -24.59 2.77
C SER B 3166 -23.21 -23.53 1.69
N GLN B 3167 -24.45 -23.20 1.36
CA GLN B 3167 -24.68 -22.33 0.20
C GLN B 3167 -25.35 -21.01 0.57
N LYS B 3168 -26.42 -21.06 1.36
CA LYS B 3168 -27.15 -19.86 1.71
C LYS B 3168 -27.84 -20.07 3.04
N CYS B 3169 -28.12 -18.96 3.74
CA CYS B 3169 -28.72 -19.02 5.07
C CYS B 3169 -29.85 -18.02 5.16
N GLU B 3170 -30.90 -18.41 5.89
CA GLU B 3170 -32.00 -17.52 6.24
C GLU B 3170 -32.19 -17.56 7.75
N ASN B 3171 -32.21 -16.38 8.38
CA ASN B 3171 -32.24 -16.30 9.83
C ASN B 3171 -33.67 -16.41 10.35
N VAL B 3172 -33.84 -17.24 11.38
CA VAL B 3172 -35.11 -17.38 12.08
C VAL B 3172 -34.87 -17.05 13.54
N VAL B 3173 -35.91 -16.57 14.22
CA VAL B 3173 -35.82 -16.31 15.65
C VAL B 3173 -35.69 -17.65 16.36
N GLY B 3174 -34.49 -17.95 16.83
CA GLY B 3174 -34.19 -19.28 17.33
C GLY B 3174 -33.21 -20.00 16.44
N SER B 3175 -33.70 -21.00 15.70
CA SER B 3175 -32.84 -21.77 14.80
C SER B 3175 -32.63 -21.06 13.48
N TYR B 3176 -32.07 -21.77 12.50
CA TYR B 3176 -31.83 -21.23 11.18
C TYR B 3176 -32.19 -22.28 10.14
N ILE B 3177 -32.41 -21.83 8.92
CA ILE B 3177 -32.71 -22.72 7.80
C ILE B 3177 -31.72 -22.44 6.68
N CYS B 3178 -31.15 -23.51 6.12
CA CYS B 3178 -30.21 -23.40 5.02
C CYS B 3178 -30.92 -23.69 3.70
N LYS B 3179 -30.60 -22.89 2.69
CA LYS B 3179 -31.21 -23.03 1.37
C LYS B 3179 -30.11 -23.02 0.32
N CYS B 3180 -30.49 -23.40 -0.91
CA CYS B 3180 -29.56 -23.46 -2.02
C CYS B 3180 -29.95 -22.47 -3.10
N ALA B 3181 -28.94 -21.95 -3.79
CA ALA B 3181 -29.17 -21.08 -4.93
C ALA B 3181 -29.75 -21.89 -6.09
N PRO B 3182 -30.43 -21.23 -7.03
CA PRO B 3182 -30.99 -21.97 -8.17
C PRO B 3182 -29.90 -22.70 -8.95
N GLY B 3183 -30.25 -23.91 -9.40
CA GLY B 3183 -29.28 -24.80 -10.01
C GLY B 3183 -28.62 -25.76 -9.05
N TYR B 3184 -28.85 -25.63 -7.75
CA TYR B 3184 -28.29 -26.51 -6.74
C TYR B 3184 -29.42 -27.18 -5.96
N ILE B 3185 -29.21 -28.42 -5.57
CA ILE B 3185 -30.16 -29.18 -4.76
C ILE B 3185 -29.47 -29.60 -3.48
N ARG B 3186 -30.20 -29.54 -2.37
CA ARG B 3186 -29.63 -29.91 -1.08
C ARG B 3186 -29.69 -31.42 -0.89
N GLU B 3187 -28.54 -32.02 -0.59
CA GLU B 3187 -28.46 -33.45 -0.36
C GLU B 3187 -29.12 -33.79 0.97
N PRO B 3188 -29.53 -35.05 1.16
CA PRO B 3188 -30.36 -35.38 2.33
C PRO B 3188 -29.73 -35.08 3.69
N ASP B 3189 -28.49 -34.63 3.76
CA ASP B 3189 -27.93 -34.28 5.06
C ASP B 3189 -28.53 -33.00 5.63
N GLY B 3190 -29.26 -32.23 4.82
CA GLY B 3190 -29.93 -31.02 5.28
C GLY B 3190 -29.14 -29.74 5.15
N LYS B 3191 -27.84 -29.81 4.82
CA LYS B 3191 -27.03 -28.61 4.73
C LYS B 3191 -26.16 -28.51 3.50
N SER B 3192 -25.81 -29.61 2.84
CA SER B 3192 -24.84 -29.59 1.74
C SER B 3192 -25.60 -29.58 0.41
N CYS B 3193 -25.50 -28.48 -0.32
CA CYS B 3193 -26.09 -28.39 -1.64
C CYS B 3193 -25.18 -29.04 -2.68
N ARG B 3194 -25.79 -29.58 -3.73
CA ARG B 3194 -25.08 -30.24 -4.81
C ARG B 3194 -25.51 -29.66 -6.14
N GLN B 3195 -24.54 -29.41 -7.02
CA GLN B 3195 -24.86 -28.82 -8.32
C GLN B 3195 -25.64 -29.82 -9.17
N ASN B 3196 -26.67 -29.31 -9.86
CA ASN B 3196 -27.61 -30.17 -10.57
C ASN B 3196 -27.32 -30.27 -12.06
N SER B 3197 -26.53 -29.37 -12.62
CA SER B 3197 -26.21 -29.44 -14.04
C SER B 3197 -25.38 -30.68 -14.32
N ASN B 3198 -25.64 -31.31 -15.47
CA ASN B 3198 -24.88 -32.47 -15.90
C ASN B 3198 -23.58 -32.10 -16.59
N ILE B 3199 -23.10 -30.88 -16.38
CA ILE B 3199 -21.79 -30.45 -16.85
C ILE B 3199 -20.84 -30.49 -15.66
N GLU B 3200 -19.72 -31.18 -15.81
CA GLU B 3200 -18.80 -31.28 -14.69
C GLU B 3200 -17.74 -30.20 -14.80
N PRO B 3201 -17.51 -29.44 -13.72
CA PRO B 3201 -16.55 -28.34 -13.79
C PRO B 3201 -15.13 -28.83 -13.88
N TYR B 3202 -14.26 -27.99 -14.44
CA TYR B 3202 -12.83 -28.26 -14.48
C TYR B 3202 -12.06 -26.97 -14.31
N LEU B 3203 -10.86 -27.08 -13.74
CA LEU B 3203 -10.03 -25.91 -13.48
C LEU B 3203 -9.26 -25.50 -14.72
N ILE B 3204 -9.10 -24.19 -14.89
CA ILE B 3204 -8.23 -23.62 -15.91
C ILE B 3204 -7.28 -22.65 -15.22
N PHE B 3205 -5.99 -22.98 -15.22
CA PHE B 3205 -4.98 -22.13 -14.64
C PHE B 3205 -3.85 -21.95 -15.64
N SER B 3206 -3.02 -20.95 -15.39
CA SER B 3206 -1.98 -20.54 -16.33
C SER B 3206 -0.60 -20.72 -15.71
N ASN B 3207 0.25 -21.47 -16.39
CA ASN B 3207 1.68 -21.40 -16.16
C ASN B 3207 2.24 -20.24 -16.96
N ARG B 3208 3.56 -20.02 -16.83
CA ARG B 3208 4.18 -18.92 -17.55
C ARG B 3208 4.15 -19.15 -19.06
N TYR B 3209 4.28 -20.40 -19.49
CA TYR B 3209 4.24 -20.72 -20.91
C TYR B 3209 2.94 -21.35 -21.35
N TYR B 3210 2.11 -21.86 -20.44
CA TYR B 3210 0.97 -22.68 -20.80
C TYR B 3210 -0.29 -22.20 -20.09
N ILE B 3211 -1.42 -22.45 -20.74
CA ILE B 3211 -2.72 -22.46 -20.09
C ILE B 3211 -3.18 -23.91 -20.04
N ARG B 3212 -3.42 -24.42 -18.84
CA ARG B 3212 -3.55 -25.85 -18.64
C ARG B 3212 -4.93 -26.21 -18.09
N ASN B 3213 -5.39 -27.40 -18.46
CA ASN B 3213 -6.72 -27.89 -18.15
C ASN B 3213 -6.60 -28.99 -17.10
N LEU B 3214 -7.24 -28.79 -15.96
CA LEU B 3214 -7.13 -29.72 -14.85
C LEU B 3214 -8.53 -30.02 -14.30
N THR B 3215 -8.81 -31.29 -14.03
CA THR B 3215 -10.09 -31.67 -13.49
C THR B 3215 -10.18 -31.28 -12.01
N THR B 3216 -11.42 -31.19 -11.51
CA THR B 3216 -11.63 -30.82 -10.11
C THR B 3216 -11.01 -31.85 -9.17
N ASP B 3217 -11.16 -33.13 -9.45
CA ASP B 3217 -10.55 -34.17 -8.63
C ASP B 3217 -9.09 -34.42 -8.98
N GLY B 3218 -8.58 -33.78 -10.03
CA GLY B 3218 -7.21 -33.96 -10.45
C GLY B 3218 -6.94 -35.15 -11.34
N SER B 3219 -7.99 -35.85 -11.80
CA SER B 3219 -7.81 -37.06 -12.58
C SER B 3219 -7.16 -36.79 -13.93
N SER B 3220 -7.54 -35.72 -14.61
CA SER B 3220 -7.06 -35.42 -15.95
C SER B 3220 -6.29 -34.12 -15.95
N TYR B 3221 -5.35 -33.99 -16.90
CA TYR B 3221 -4.43 -32.87 -16.93
C TYR B 3221 -3.90 -32.73 -18.34
N SER B 3222 -4.18 -31.60 -18.99
CA SER B 3222 -3.83 -31.43 -20.39
C SER B 3222 -3.62 -29.95 -20.68
N LEU B 3223 -3.00 -29.69 -21.84
CA LEU B 3223 -2.66 -28.34 -22.25
C LEU B 3223 -3.77 -27.73 -23.07
N ILE B 3224 -4.29 -26.59 -22.64
CA ILE B 3224 -5.21 -25.83 -23.48
C ILE B 3224 -4.44 -25.05 -24.54
N LEU B 3225 -3.28 -24.51 -24.17
CA LEU B 3225 -2.43 -23.75 -25.08
C LEU B 3225 -1.01 -23.79 -24.57
N GLN B 3226 -0.06 -23.53 -25.46
CA GLN B 3226 1.36 -23.56 -25.11
C GLN B 3226 2.13 -22.61 -26.00
N GLY B 3227 3.34 -22.27 -25.55
CA GLY B 3227 4.21 -21.40 -26.32
C GLY B 3227 4.06 -19.92 -26.05
N LEU B 3228 3.33 -19.54 -25.00
CA LEU B 3228 3.13 -18.13 -24.70
C LEU B 3228 4.36 -17.56 -24.00
N GLY B 3229 4.42 -16.23 -23.94
CA GLY B 3229 5.52 -15.57 -23.27
C GLY B 3229 5.44 -15.64 -21.77
N ASN B 3230 4.44 -15.00 -21.17
CA ASN B 3230 4.24 -15.08 -19.72
C ASN B 3230 2.76 -14.75 -19.45
N VAL B 3231 1.96 -15.79 -19.25
CA VAL B 3231 0.54 -15.62 -18.96
C VAL B 3231 0.35 -15.41 -17.47
N VAL B 3232 0.16 -14.16 -17.06
CA VAL B 3232 0.05 -13.86 -15.64
C VAL B 3232 -1.39 -13.85 -15.15
N ALA B 3233 -2.37 -13.77 -16.07
CA ALA B 3233 -3.77 -13.74 -15.67
C ALA B 3233 -4.61 -14.28 -16.81
N LEU B 3234 -5.82 -14.75 -16.46
CA LEU B 3234 -6.76 -15.21 -17.47
C LEU B 3234 -8.17 -15.18 -16.90
N ASP B 3235 -9.15 -15.16 -17.80
CA ASP B 3235 -10.55 -15.23 -17.44
C ASP B 3235 -11.32 -15.74 -18.65
N PHE B 3236 -12.56 -16.17 -18.40
CA PHE B 3236 -13.37 -16.83 -19.42
C PHE B 3236 -14.70 -16.12 -19.57
N ASP B 3237 -15.35 -16.37 -20.71
CA ASP B 3237 -16.70 -15.87 -20.98
C ASP B 3237 -17.56 -17.04 -21.43
N ARG B 3238 -18.61 -17.33 -20.67
CA ARG B 3238 -19.47 -18.48 -21.00
C ARG B 3238 -20.46 -18.17 -22.11
N VAL B 3239 -20.72 -16.89 -22.39
CA VAL B 3239 -21.68 -16.55 -23.44
C VAL B 3239 -21.15 -16.97 -24.80
N GLU B 3240 -19.90 -16.63 -25.11
CA GLU B 3240 -19.28 -16.96 -26.37
C GLU B 3240 -18.32 -18.12 -26.27
N LYS B 3241 -18.23 -18.77 -25.11
CA LYS B 3241 -17.29 -19.87 -24.88
C LYS B 3241 -15.87 -19.46 -25.25
N ARG B 3242 -15.50 -18.25 -24.86
CA ARG B 3242 -14.21 -17.66 -25.22
C ARG B 3242 -13.34 -17.50 -23.98
N LEU B 3243 -12.03 -17.44 -24.22
CA LEU B 3243 -11.04 -17.35 -23.16
C LEU B 3243 -10.16 -16.13 -23.38
N TYR B 3244 -9.84 -15.41 -22.31
CA TYR B 3244 -9.01 -14.23 -22.36
C TYR B 3244 -7.83 -14.41 -21.41
N TRP B 3245 -6.69 -13.83 -21.77
CA TRP B 3245 -5.52 -13.89 -20.90
C TRP B 3245 -4.59 -12.71 -21.20
N ILE B 3246 -3.76 -12.38 -20.23
CA ILE B 3246 -2.78 -11.31 -20.38
C ILE B 3246 -1.40 -11.94 -20.52
N ASP B 3247 -0.70 -11.58 -21.59
CA ASP B 3247 0.67 -12.05 -21.81
C ASP B 3247 1.61 -10.92 -21.37
N ALA B 3248 2.10 -11.01 -20.13
CA ALA B 3248 2.93 -9.95 -19.57
C ALA B 3248 4.27 -9.80 -20.28
N GLU B 3249 4.79 -10.86 -20.90
CA GLU B 3249 6.04 -10.74 -21.63
C GLU B 3249 5.85 -9.92 -22.90
N LYS B 3250 4.75 -10.15 -23.62
CA LYS B 3250 4.48 -9.40 -24.84
C LYS B 3250 3.66 -8.14 -24.58
N GLN B 3251 3.13 -7.97 -23.37
CA GLN B 3251 2.31 -6.82 -22.99
C GLN B 3251 1.10 -6.66 -23.92
N ILE B 3252 0.41 -7.78 -24.15
CA ILE B 3252 -0.79 -7.81 -24.98
C ILE B 3252 -1.87 -8.61 -24.27
N ILE B 3253 -3.11 -8.36 -24.67
CA ILE B 3253 -4.27 -9.11 -24.19
C ILE B 3253 -4.88 -9.83 -25.39
N GLU B 3254 -4.98 -11.15 -25.30
CA GLU B 3254 -5.47 -11.98 -26.39
C GLU B 3254 -6.81 -12.60 -26.03
N ARG B 3255 -7.41 -13.25 -27.01
CA ARG B 3255 -8.61 -14.03 -26.78
C ARG B 3255 -8.71 -15.12 -27.84
N MET B 3256 -9.33 -16.23 -27.45
CA MET B 3256 -9.57 -17.33 -28.37
C MET B 3256 -10.76 -18.13 -27.88
N PHE B 3257 -11.41 -18.82 -28.81
CA PHE B 3257 -12.49 -19.73 -28.45
C PHE B 3257 -11.94 -20.91 -27.69
N LEU B 3258 -12.81 -21.56 -26.89
CA LEU B 3258 -12.37 -22.69 -26.10
C LEU B 3258 -12.09 -23.92 -26.94
N ASN B 3259 -12.63 -23.99 -28.16
CA ASN B 3259 -12.27 -25.06 -29.08
C ASN B 3259 -10.97 -24.78 -29.83
N LYS B 3260 -10.17 -23.83 -29.33
CA LYS B 3260 -8.81 -23.58 -29.80
C LYS B 3260 -8.75 -23.08 -31.24
N THR B 3261 -9.56 -22.07 -31.57
CA THR B 3261 -9.49 -21.43 -32.88
C THR B 3261 -9.90 -19.96 -32.75
N ASN B 3262 -9.71 -19.22 -33.84
CA ASN B 3262 -10.02 -17.79 -33.91
C ASN B 3262 -9.28 -17.00 -32.85
N ARG B 3263 -8.03 -17.35 -32.60
CA ARG B 3263 -7.20 -16.59 -31.67
C ARG B 3263 -6.90 -15.21 -32.25
N GLU B 3264 -6.94 -14.19 -31.40
CA GLU B 3264 -6.69 -12.83 -31.84
C GLU B 3264 -6.26 -11.98 -30.65
N THR B 3265 -5.69 -10.82 -30.96
CA THR B 3265 -5.18 -9.88 -29.96
C THR B 3265 -6.06 -8.64 -29.99
N ILE B 3266 -6.69 -8.33 -28.85
CA ILE B 3266 -7.64 -7.22 -28.81
C ILE B 3266 -7.02 -5.94 -28.29
N ILE B 3267 -6.01 -6.03 -27.41
CA ILE B 3267 -5.35 -4.86 -26.84
C ILE B 3267 -3.85 -5.08 -26.95
N ASN B 3268 -3.15 -4.11 -27.55
CA ASN B 3268 -1.70 -4.20 -27.68
C ASN B 3268 -0.99 -2.87 -27.47
N HIS B 3269 -1.67 -1.85 -26.96
CA HIS B 3269 -1.07 -0.52 -26.87
C HIS B 3269 -1.27 0.05 -25.47
N ARG B 3270 -0.28 0.81 -25.03
CA ARG B 3270 -0.30 1.49 -23.73
C ARG B 3270 -0.67 0.53 -22.61
N LEU B 3271 0.07 -0.57 -22.55
CA LEU B 3271 -0.18 -1.63 -21.58
C LEU B 3271 1.08 -1.83 -20.72
N ARG B 3272 1.60 -0.72 -20.18
CA ARG B 3272 2.87 -0.72 -19.47
C ARG B 3272 3.07 -1.95 -18.60
N ARG B 3273 2.15 -2.19 -17.67
CA ARG B 3273 2.23 -3.39 -16.82
C ARG B 3273 0.80 -3.76 -16.38
N ALA B 3274 0.21 -4.72 -17.08
CA ALA B 3274 -1.07 -5.26 -16.66
C ALA B 3274 -0.88 -6.38 -15.65
N GLU B 3275 -1.77 -6.44 -14.67
CA GLU B 3275 -1.65 -7.40 -13.58
C GLU B 3275 -2.75 -8.47 -13.58
N SER B 3276 -4.01 -8.06 -13.54
CA SER B 3276 -5.11 -9.02 -13.49
C SER B 3276 -6.25 -8.50 -14.34
N LEU B 3277 -7.07 -9.42 -14.84
CA LEU B 3277 -8.18 -9.09 -15.71
C LEU B 3277 -9.42 -9.85 -15.28
N ALA B 3278 -10.58 -9.30 -15.62
CA ALA B 3278 -11.86 -9.93 -15.35
C ALA B 3278 -12.83 -9.57 -16.46
N VAL B 3279 -13.59 -10.56 -16.91
CA VAL B 3279 -14.51 -10.40 -18.03
C VAL B 3279 -15.93 -10.34 -17.49
N ASP B 3280 -16.67 -9.31 -17.90
CA ASP B 3280 -18.06 -9.14 -17.48
C ASP B 3280 -18.97 -9.84 -18.48
N TRP B 3281 -19.64 -10.90 -18.03
CA TRP B 3281 -20.51 -11.67 -18.91
C TRP B 3281 -21.84 -10.97 -19.15
N VAL B 3282 -22.21 -10.00 -18.32
CA VAL B 3282 -23.51 -9.36 -18.43
C VAL B 3282 -23.46 -8.18 -19.40
N SER B 3283 -22.63 -7.18 -19.10
CA SER B 3283 -22.55 -5.99 -19.93
C SER B 3283 -21.50 -6.10 -21.02
N ARG B 3284 -20.86 -7.26 -21.17
CA ARG B 3284 -19.86 -7.51 -22.20
C ARG B 3284 -18.73 -6.49 -22.12
N LYS B 3285 -18.22 -6.29 -20.91
CA LYS B 3285 -17.12 -5.37 -20.65
C LYS B 3285 -15.92 -6.14 -20.12
N LEU B 3286 -14.73 -5.58 -20.33
CA LEU B 3286 -13.47 -6.19 -19.92
C LEU B 3286 -12.75 -5.24 -18.96
N TYR B 3287 -12.47 -5.71 -17.76
CA TYR B 3287 -11.82 -4.92 -16.72
C TYR B 3287 -10.43 -5.48 -16.45
N TRP B 3288 -9.43 -4.61 -16.38
CA TRP B 3288 -8.09 -5.06 -16.05
C TRP B 3288 -7.36 -3.95 -15.30
N LEU B 3289 -6.38 -4.37 -14.49
CA LEU B 3289 -5.62 -3.47 -13.64
C LEU B 3289 -4.24 -3.23 -14.23
N ASP B 3290 -3.74 -2.01 -14.09
CA ASP B 3290 -2.39 -1.65 -14.50
C ASP B 3290 -1.60 -1.22 -13.26
N ALA B 3291 -0.45 -1.86 -13.05
CA ALA B 3291 0.35 -1.61 -11.86
C ALA B 3291 1.34 -0.47 -12.03
N ILE B 3292 1.69 -0.10 -13.26
CA ILE B 3292 2.59 1.02 -13.48
C ILE B 3292 1.83 2.34 -13.50
N LEU B 3293 0.69 2.38 -14.20
CA LEU B 3293 -0.16 3.56 -14.19
C LEU B 3293 -1.02 3.65 -12.94
N ASP B 3294 -1.04 2.60 -12.11
CA ASP B 3294 -1.80 2.58 -10.87
C ASP B 3294 -3.27 2.93 -11.11
N CYS B 3295 -3.93 2.07 -11.89
CA CYS B 3295 -5.27 2.39 -12.38
C CYS B 3295 -6.06 1.12 -12.60
N LEU B 3296 -7.37 1.31 -12.78
CA LEU B 3296 -8.30 0.25 -13.14
C LEU B 3296 -8.99 0.66 -14.43
N PHE B 3297 -8.77 -0.11 -15.50
CA PHE B 3297 -9.27 0.22 -16.82
C PHE B 3297 -10.57 -0.53 -17.11
N VAL B 3298 -11.21 -0.15 -18.22
CA VAL B 3298 -12.42 -0.81 -18.69
C VAL B 3298 -12.43 -0.73 -20.22
N SER B 3299 -13.03 -1.74 -20.83
CA SER B 3299 -13.12 -1.81 -22.29
C SER B 3299 -14.17 -2.86 -22.66
N ASP B 3300 -14.71 -2.73 -23.86
CA ASP B 3300 -15.58 -3.76 -24.38
C ASP B 3300 -14.75 -5.00 -24.73
N LEU B 3301 -15.45 -6.12 -24.90
CA LEU B 3301 -14.76 -7.40 -25.09
C LEU B 3301 -13.91 -7.39 -26.36
N GLU B 3302 -14.23 -6.53 -27.32
CA GLU B 3302 -13.45 -6.44 -28.55
C GLU B 3302 -12.23 -5.53 -28.42
N GLY B 3303 -12.05 -4.88 -27.28
CA GLY B 3303 -10.85 -4.11 -27.03
C GLY B 3303 -10.89 -2.66 -27.47
N ARG B 3304 -12.07 -2.06 -27.58
CA ARG B 3304 -12.20 -0.66 -27.97
C ARG B 3304 -12.80 0.14 -26.83
N HIS B 3305 -12.73 1.46 -26.97
CA HIS B 3305 -13.32 2.39 -26.01
C HIS B 3305 -12.73 2.19 -24.60
N ARG B 3306 -11.41 2.21 -24.53
CA ARG B 3306 -10.73 2.11 -23.24
C ARG B 3306 -11.01 3.36 -22.41
N LYS B 3307 -11.23 3.17 -21.11
CA LYS B 3307 -11.57 4.28 -20.23
C LYS B 3307 -10.99 4.06 -18.84
N MET B 3308 -10.38 5.10 -18.29
CA MET B 3308 -9.93 5.08 -16.91
C MET B 3308 -11.12 5.29 -15.98
N ILE B 3309 -11.30 4.38 -15.02
CA ILE B 3309 -12.40 4.49 -14.08
C ILE B 3309 -11.95 4.62 -12.63
N ALA B 3310 -10.66 4.47 -12.34
CA ALA B 3310 -10.17 4.64 -10.98
C ALA B 3310 -8.68 4.95 -11.01
N GLN B 3311 -8.26 5.86 -10.14
CA GLN B 3311 -6.86 6.20 -10.00
C GLN B 3311 -6.64 6.86 -8.65
N HIS B 3312 -5.38 7.18 -8.36
CA HIS B 3312 -4.98 7.83 -7.12
C HIS B 3312 -5.33 7.00 -5.90
N CYS B 3313 -6.17 7.54 -5.01
CA CYS B 3313 -6.46 6.91 -3.73
C CYS B 3313 -7.94 6.61 -3.63
N VAL B 3314 -8.30 5.87 -2.58
CA VAL B 3314 -9.66 5.39 -2.38
C VAL B 3314 -10.30 6.03 -1.15
N ASP B 3315 -9.65 5.93 0.00
CA ASP B 3315 -10.22 6.43 1.25
C ASP B 3315 -10.25 7.95 1.26
N ALA B 3316 -11.09 8.50 2.14
CA ALA B 3316 -11.19 9.96 2.27
C ALA B 3316 -9.92 10.58 2.81
N ASN B 3317 -9.10 9.81 3.53
CA ASN B 3317 -7.85 10.29 4.09
C ASN B 3317 -6.67 10.13 3.13
N ASN B 3318 -6.89 9.52 1.96
CA ASN B 3318 -5.82 9.22 1.01
C ASN B 3318 -4.71 8.40 1.65
N THR B 3319 -5.09 7.44 2.50
CA THR B 3319 -4.11 6.55 3.11
C THR B 3319 -3.90 5.28 2.31
N PHE B 3320 -4.92 4.84 1.58
CA PHE B 3320 -4.85 3.64 0.75
C PHE B 3320 -4.99 4.07 -0.70
N CYS B 3321 -3.96 3.84 -1.50
CA CYS B 3321 -3.89 4.33 -2.86
C CYS B 3321 -3.39 3.23 -3.79
N PHE B 3322 -3.65 3.39 -5.08
CA PHE B 3322 -3.16 2.44 -6.06
C PHE B 3322 -1.64 2.46 -6.09
N GLU B 3323 -1.02 1.43 -5.53
CA GLU B 3323 0.44 1.32 -5.60
C GLU B 3323 0.85 0.04 -6.31
N HIS B 3324 0.28 -1.09 -5.88
CA HIS B 3324 0.55 -2.40 -6.48
C HIS B 3324 -0.76 -3.16 -6.64
N PRO B 3325 -1.59 -2.76 -7.60
CA PRO B 3325 -2.84 -3.50 -7.83
C PRO B 3325 -2.57 -4.93 -8.25
N ARG B 3326 -3.40 -5.84 -7.78
CA ARG B 3326 -3.30 -7.25 -8.15
C ARG B 3326 -4.57 -7.96 -7.72
N GLY B 3327 -5.13 -8.78 -8.61
CA GLY B 3327 -6.35 -9.49 -8.31
C GLY B 3327 -7.57 -8.63 -8.52
N ILE B 3328 -8.60 -9.20 -9.15
CA ILE B 3328 -9.82 -8.46 -9.45
C ILE B 3328 -10.96 -9.44 -9.59
N VAL B 3329 -12.15 -9.04 -9.15
CA VAL B 3329 -13.33 -9.89 -9.22
C VAL B 3329 -14.56 -9.00 -9.39
N LEU B 3330 -15.37 -9.29 -10.39
CA LEU B 3330 -16.58 -8.53 -10.63
C LEU B 3330 -17.76 -9.15 -9.91
N HIS B 3331 -18.70 -8.30 -9.51
CA HIS B 3331 -19.97 -8.73 -8.92
C HIS B 3331 -21.09 -7.98 -9.63
N PRO B 3332 -21.40 -8.36 -10.87
CA PRO B 3332 -22.36 -7.59 -11.66
C PRO B 3332 -23.76 -7.56 -11.07
N GLN B 3333 -24.07 -8.44 -10.12
CA GLN B 3333 -25.40 -8.42 -9.50
C GLN B 3333 -25.63 -7.10 -8.78
N ARG B 3334 -24.62 -6.59 -8.09
CA ARG B 3334 -24.71 -5.31 -7.40
C ARG B 3334 -23.80 -4.26 -8.02
N GLY B 3335 -23.26 -4.53 -9.20
CA GLY B 3335 -22.47 -3.54 -9.92
C GLY B 3335 -21.23 -3.07 -9.21
N HIS B 3336 -20.44 -3.98 -8.67
CA HIS B 3336 -19.24 -3.63 -7.91
C HIS B 3336 -18.04 -4.37 -8.47
N VAL B 3337 -16.88 -3.73 -8.38
CA VAL B 3337 -15.60 -4.33 -8.73
C VAL B 3337 -14.71 -4.36 -7.49
N TYR B 3338 -14.20 -5.54 -7.16
CA TYR B 3338 -13.31 -5.70 -6.02
C TYR B 3338 -11.91 -5.98 -6.52
N TRP B 3339 -10.94 -5.27 -5.95
CA TRP B 3339 -9.54 -5.47 -6.29
C TRP B 3339 -8.70 -5.40 -5.03
N ALA B 3340 -7.46 -5.87 -5.12
CA ALA B 3340 -6.56 -5.89 -3.99
C ALA B 3340 -5.25 -5.20 -4.35
N ASP B 3341 -4.61 -4.62 -3.34
CA ASP B 3341 -3.31 -3.98 -3.51
C ASP B 3341 -2.39 -4.45 -2.39
N TRP B 3342 -1.18 -4.87 -2.75
CA TRP B 3342 -0.18 -5.31 -1.78
C TRP B 3342 0.90 -4.26 -1.55
N GLY B 3343 0.54 -2.98 -1.58
CA GLY B 3343 1.49 -1.93 -1.31
C GLY B 3343 1.82 -1.83 0.16
N VAL B 3344 2.44 -0.71 0.57
CA VAL B 3344 2.79 -0.54 1.97
C VAL B 3344 1.52 -0.51 2.84
N HIS B 3345 0.52 0.25 2.41
CA HIS B 3345 -0.78 0.26 3.06
C HIS B 3345 -1.72 -0.63 2.27
N ALA B 3346 -1.53 -1.94 2.43
CA ALA B 3346 -2.31 -2.92 1.68
C ALA B 3346 -3.78 -2.85 2.05
N TYR B 3347 -4.63 -3.11 1.07
CA TYR B 3347 -6.07 -3.02 1.27
C TYR B 3347 -6.78 -3.81 0.19
N ILE B 3348 -8.07 -4.03 0.40
CA ILE B 3348 -8.98 -4.56 -0.61
C ILE B 3348 -10.03 -3.49 -0.87
N GLY B 3349 -10.02 -2.94 -2.08
CA GLY B 3349 -10.91 -1.84 -2.40
C GLY B 3349 -12.21 -2.29 -3.02
N ARG B 3350 -13.04 -1.31 -3.33
CA ARG B 3350 -14.28 -1.55 -4.05
C ARG B 3350 -14.66 -0.29 -4.81
N ILE B 3351 -15.22 -0.49 -6.00
CA ILE B 3351 -15.71 0.62 -6.81
C ILE B 3351 -16.88 0.10 -7.64
N GLY B 3352 -17.78 1.01 -7.99
CA GLY B 3352 -18.84 0.65 -8.90
C GLY B 3352 -18.29 0.35 -10.29
N MET B 3353 -19.05 -0.42 -11.06
CA MET B 3353 -18.62 -0.78 -12.40
C MET B 3353 -18.51 0.45 -13.30
N ASP B 3354 -19.13 1.57 -12.91
CA ASP B 3354 -19.09 2.80 -13.69
C ASP B 3354 -18.19 3.85 -13.07
N GLY B 3355 -17.38 3.49 -12.09
CA GLY B 3355 -16.46 4.42 -11.48
C GLY B 3355 -17.00 5.28 -10.35
N THR B 3356 -17.98 4.77 -9.59
CA THR B 3356 -18.46 5.47 -8.39
C THR B 3356 -18.45 4.52 -7.20
N ASN B 3357 -18.67 5.09 -6.01
CA ASN B 3357 -18.55 4.33 -4.77
C ASN B 3357 -17.16 3.72 -4.61
N LYS B 3358 -16.14 4.58 -4.55
CA LYS B 3358 -14.84 4.11 -4.09
C LYS B 3358 -14.89 3.96 -2.58
N SER B 3359 -14.45 2.80 -2.08
CA SER B 3359 -14.47 2.54 -0.65
C SER B 3359 -13.40 1.50 -0.34
N VAL B 3360 -13.08 1.37 0.94
CA VAL B 3360 -12.10 0.39 1.39
C VAL B 3360 -12.84 -0.68 2.18
N ILE B 3361 -12.67 -1.93 1.78
CA ILE B 3361 -13.36 -3.05 2.41
C ILE B 3361 -12.54 -3.64 3.55
N ILE B 3362 -11.32 -4.10 3.25
CA ILE B 3362 -10.42 -4.68 4.24
C ILE B 3362 -9.14 -3.86 4.28
N SER B 3363 -8.73 -3.47 5.48
CA SER B 3363 -7.49 -2.71 5.64
C SER B 3363 -6.63 -3.15 6.81
N THR B 3364 -7.08 -4.11 7.62
CA THR B 3364 -6.36 -4.53 8.81
C THR B 3364 -5.98 -6.00 8.70
N LYS B 3365 -4.81 -6.34 9.25
CA LYS B 3365 -4.29 -7.70 9.22
C LYS B 3365 -4.21 -8.23 7.80
N ILE B 3366 -3.56 -7.44 6.93
CA ILE B 3366 -3.44 -7.76 5.52
C ILE B 3366 -2.15 -7.14 5.00
N GLU B 3367 -1.30 -7.98 4.40
CA GLU B 3367 -0.01 -7.50 3.94
C GLU B 3367 0.23 -7.76 2.46
N TRP B 3368 -0.11 -8.96 1.98
CA TRP B 3368 0.14 -9.37 0.60
C TRP B 3368 -1.10 -10.03 0.02
N PRO B 3369 -2.15 -9.25 -0.25
CA PRO B 3369 -3.37 -9.85 -0.84
C PRO B 3369 -3.24 -10.10 -2.35
N ASN B 3370 -2.58 -11.20 -2.71
CA ASN B 3370 -2.42 -11.54 -4.11
C ASN B 3370 -3.72 -12.00 -4.74
N ALA B 3371 -4.60 -12.61 -3.95
CA ALA B 3371 -5.75 -13.34 -4.44
C ALA B 3371 -7.04 -12.74 -3.95
N ILE B 3372 -8.09 -12.84 -4.75
CA ILE B 3372 -9.42 -12.34 -4.38
C ILE B 3372 -10.45 -12.97 -5.31
N THR B 3373 -11.62 -13.28 -4.75
CA THR B 3373 -12.71 -13.86 -5.53
C THR B 3373 -14.00 -13.78 -4.73
N ILE B 3374 -15.11 -14.06 -5.40
CA ILE B 3374 -16.44 -14.10 -4.80
C ILE B 3374 -17.11 -15.40 -5.22
N ASP B 3375 -17.86 -16.01 -4.31
CA ASP B 3375 -18.44 -17.32 -4.60
C ASP B 3375 -19.80 -17.26 -5.28
N TYR B 3376 -20.52 -16.13 -5.16
CA TYR B 3376 -21.78 -15.87 -5.85
C TYR B 3376 -22.95 -16.69 -5.31
N THR B 3377 -22.67 -17.63 -4.40
CA THR B 3377 -23.76 -18.42 -3.84
C THR B 3377 -24.07 -17.99 -2.41
N ASN B 3378 -23.04 -17.84 -1.58
CA ASN B 3378 -23.18 -17.19 -0.29
C ASN B 3378 -22.89 -15.70 -0.36
N ASP B 3379 -22.42 -15.21 -1.50
CA ASP B 3379 -22.07 -13.77 -1.63
C ASP B 3379 -20.96 -13.40 -0.65
N LEU B 3380 -20.18 -14.38 -0.18
CA LEU B 3380 -19.03 -14.07 0.66
C LEU B 3380 -17.83 -13.68 -0.18
N LEU B 3381 -17.06 -12.72 0.31
CA LEU B 3381 -15.84 -12.30 -0.36
C LEU B 3381 -14.66 -13.11 0.16
N TYR B 3382 -13.85 -13.64 -0.76
CA TYR B 3382 -12.73 -14.49 -0.42
C TYR B 3382 -11.43 -13.85 -0.89
N TRP B 3383 -10.40 -13.94 -0.06
CA TRP B 3383 -9.07 -13.48 -0.43
C TRP B 3383 -8.02 -14.21 0.39
N ALA B 3384 -6.79 -14.17 -0.09
CA ALA B 3384 -5.66 -14.84 0.55
C ALA B 3384 -4.49 -13.88 0.66
N ASP B 3385 -3.70 -14.05 1.72
CA ASP B 3385 -2.52 -13.22 1.98
C ASP B 3385 -1.28 -14.07 1.80
N ALA B 3386 -0.34 -13.60 0.99
CA ALA B 3386 0.89 -14.36 0.74
C ALA B 3386 1.87 -14.26 1.89
N HIS B 3387 1.94 -13.13 2.58
CA HIS B 3387 2.86 -12.99 3.71
C HIS B 3387 2.32 -13.65 4.97
N LEU B 3388 1.16 -13.18 5.45
CA LEU B 3388 0.54 -13.80 6.62
C LEU B 3388 0.10 -15.22 6.35
N GLY B 3389 -0.03 -15.62 5.08
CA GLY B 3389 -0.24 -17.00 4.73
C GLY B 3389 -1.60 -17.56 5.03
N TYR B 3390 -2.63 -16.74 5.09
CA TYR B 3390 -3.97 -17.20 5.42
C TYR B 3390 -4.88 -17.16 4.20
N ILE B 3391 -6.02 -17.86 4.33
CA ILE B 3391 -7.18 -17.65 3.47
C ILE B 3391 -8.33 -17.25 4.38
N GLU B 3392 -8.93 -16.11 4.10
CA GLU B 3392 -9.91 -15.51 4.98
C GLU B 3392 -11.07 -14.95 4.17
N PHE B 3393 -12.29 -15.19 4.65
CA PHE B 3393 -13.48 -14.77 3.93
C PHE B 3393 -14.29 -13.84 4.80
N SER B 3394 -15.12 -13.03 4.15
CA SER B 3394 -15.86 -11.98 4.83
C SER B 3394 -17.11 -11.63 4.05
N ASP B 3395 -17.99 -10.86 4.68
CA ASP B 3395 -19.16 -10.32 4.01
C ASP B 3395 -18.73 -9.35 2.92
N LEU B 3396 -19.68 -9.01 2.04
CA LEU B 3396 -19.38 -8.09 0.95
C LEU B 3396 -19.01 -6.71 1.45
N GLU B 3397 -19.41 -6.34 2.67
CA GLU B 3397 -19.08 -5.05 3.24
C GLU B 3397 -17.85 -5.09 4.14
N GLY B 3398 -17.20 -6.24 4.27
CA GLY B 3398 -16.02 -6.37 5.09
C GLY B 3398 -16.25 -6.77 6.53
N HIS B 3399 -17.50 -6.99 6.94
CA HIS B 3399 -17.79 -7.37 8.30
C HIS B 3399 -17.76 -8.90 8.46
N HIS B 3400 -17.55 -9.34 9.70
CA HIS B 3400 -17.64 -10.74 10.08
C HIS B 3400 -16.67 -11.60 9.27
N ARG B 3401 -15.39 -11.34 9.49
CA ARG B 3401 -14.32 -12.07 8.82
C ARG B 3401 -14.05 -13.39 9.55
N HIS B 3402 -13.64 -14.40 8.80
CA HIS B 3402 -13.31 -15.71 9.36
C HIS B 3402 -12.15 -16.32 8.60
N THR B 3403 -11.17 -16.85 9.32
CA THR B 3403 -10.01 -17.49 8.70
C THR B 3403 -10.32 -18.93 8.36
N VAL B 3404 -9.97 -19.33 7.14
CA VAL B 3404 -10.06 -20.73 6.75
C VAL B 3404 -8.78 -21.47 7.10
N TYR B 3405 -7.65 -20.95 6.62
CA TYR B 3405 -6.33 -21.46 6.98
C TYR B 3405 -5.63 -20.40 7.82
N ASP B 3406 -5.20 -20.78 9.02
CA ASP B 3406 -4.67 -19.82 9.98
C ASP B 3406 -3.16 -19.67 9.80
N GLY B 3407 -2.78 -19.00 8.72
CA GLY B 3407 -1.40 -18.67 8.47
C GLY B 3407 -0.51 -19.82 8.06
N SER B 3408 -1.08 -20.94 7.65
CA SER B 3408 -0.29 -22.12 7.29
C SER B 3408 0.00 -22.22 5.81
N LEU B 3409 -0.44 -21.27 4.99
CA LEU B 3409 -0.14 -21.47 3.58
C LEU B 3409 1.12 -20.72 3.19
N PRO B 3410 2.01 -21.36 2.43
CA PRO B 3410 3.31 -20.73 2.09
C PRO B 3410 3.17 -19.42 1.33
N HIS B 3411 2.51 -19.46 0.17
CA HIS B 3411 2.44 -18.29 -0.69
C HIS B 3411 1.31 -18.39 -1.71
N PRO B 3412 0.04 -18.32 -1.29
CA PRO B 3412 -1.05 -18.37 -2.26
C PRO B 3412 -1.02 -17.17 -3.18
N PHE B 3413 -1.46 -17.36 -4.42
CA PHE B 3413 -1.51 -16.29 -5.40
C PHE B 3413 -2.90 -16.03 -5.96
N ALA B 3414 -3.66 -17.07 -6.25
CA ALA B 3414 -5.02 -16.91 -6.74
C ALA B 3414 -5.88 -18.05 -6.21
N LEU B 3415 -7.09 -17.71 -5.78
CA LEU B 3415 -8.04 -18.72 -5.33
C LEU B 3415 -9.35 -18.58 -6.10
N THR B 3416 -10.12 -19.67 -6.11
CA THR B 3416 -11.43 -19.68 -6.73
C THR B 3416 -12.30 -20.68 -5.98
N ILE B 3417 -13.61 -20.51 -6.09
CA ILE B 3417 -14.57 -21.29 -5.32
C ILE B 3417 -15.45 -22.08 -6.28
N PHE B 3418 -15.88 -23.26 -5.84
CA PHE B 3418 -16.96 -23.97 -6.50
C PHE B 3418 -17.60 -24.92 -5.49
N GLU B 3419 -18.93 -24.86 -5.40
CA GLU B 3419 -19.70 -25.69 -4.49
C GLU B 3419 -19.19 -25.55 -3.06
N ASP B 3420 -18.45 -26.55 -2.59
CA ASP B 3420 -17.91 -26.53 -1.23
C ASP B 3420 -16.41 -26.46 -1.17
N THR B 3421 -15.72 -26.36 -2.31
CA THR B 3421 -14.27 -26.50 -2.37
C THR B 3421 -13.61 -25.21 -2.83
N VAL B 3422 -12.58 -24.78 -2.11
CA VAL B 3422 -11.72 -23.69 -2.56
C VAL B 3422 -10.52 -24.27 -3.28
N PHE B 3423 -10.18 -23.67 -4.41
CA PHE B 3423 -8.99 -24.04 -5.17
C PHE B 3423 -8.04 -22.86 -5.24
N TRP B 3424 -6.77 -23.09 -4.90
CA TRP B 3424 -5.81 -22.01 -4.92
C TRP B 3424 -4.50 -22.49 -5.52
N THR B 3425 -3.74 -21.55 -6.07
CA THR B 3425 -2.42 -21.82 -6.61
C THR B 3425 -1.37 -21.31 -5.63
N ASP B 3426 -0.36 -22.14 -5.37
CA ASP B 3426 0.67 -21.83 -4.39
C ASP B 3426 1.98 -21.62 -5.13
N TRP B 3427 2.62 -20.48 -4.90
CA TRP B 3427 3.86 -20.18 -5.62
C TRP B 3427 5.05 -20.94 -5.07
N ASN B 3428 5.23 -20.93 -3.75
CA ASN B 3428 6.42 -21.50 -3.15
C ASN B 3428 6.54 -23.00 -3.44
N THR B 3429 5.44 -23.73 -3.28
CA THR B 3429 5.43 -25.15 -3.61
C THR B 3429 5.13 -25.43 -5.07
N ARG B 3430 4.74 -24.40 -5.84
CA ARG B 3430 4.35 -24.56 -7.24
C ARG B 3430 3.27 -25.63 -7.39
N THR B 3431 2.29 -25.60 -6.51
CA THR B 3431 1.25 -26.60 -6.43
C THR B 3431 -0.13 -25.98 -6.58
N VAL B 3432 -1.06 -26.77 -7.10
CA VAL B 3432 -2.47 -26.43 -7.08
C VAL B 3432 -3.15 -27.31 -6.05
N GLU B 3433 -3.85 -26.70 -5.10
CA GLU B 3433 -4.39 -27.43 -3.97
C GLU B 3433 -5.87 -27.07 -3.80
N LYS B 3434 -6.59 -27.95 -3.12
CA LYS B 3434 -8.01 -27.76 -2.88
C LYS B 3434 -8.34 -28.17 -1.45
N GLY B 3435 -9.50 -27.73 -0.99
CA GLY B 3435 -9.95 -28.05 0.36
C GLY B 3435 -11.31 -27.43 0.61
N ASN B 3436 -11.84 -27.72 1.79
CA ASN B 3436 -13.15 -27.21 2.15
C ASN B 3436 -13.11 -25.69 2.29
N LYS B 3437 -14.19 -25.04 1.85
CA LYS B 3437 -14.21 -23.58 1.77
C LYS B 3437 -14.47 -22.91 3.11
N TYR B 3438 -14.80 -23.66 4.15
CA TYR B 3438 -15.16 -23.06 5.43
C TYR B 3438 -14.16 -23.34 6.54
N ASP B 3439 -13.62 -24.56 6.64
CA ASP B 3439 -12.66 -24.88 7.67
C ASP B 3439 -11.33 -25.39 7.14
N GLY B 3440 -11.19 -25.57 5.83
CA GLY B 3440 -9.94 -26.03 5.27
C GLY B 3440 -9.68 -27.50 5.40
N SER B 3441 -10.62 -28.28 5.92
CA SER B 3441 -10.44 -29.71 6.05
C SER B 3441 -10.46 -30.38 4.68
N GLY B 3442 -9.87 -31.57 4.61
CA GLY B 3442 -9.81 -32.29 3.36
C GLY B 3442 -8.83 -31.72 2.36
N ARG B 3443 -7.79 -31.03 2.82
CA ARG B 3443 -6.83 -30.43 1.92
C ARG B 3443 -6.13 -31.50 1.09
N VAL B 3444 -6.08 -31.27 -0.23
CA VAL B 3444 -5.53 -32.23 -1.17
C VAL B 3444 -4.73 -31.48 -2.23
N VAL B 3445 -3.54 -31.99 -2.54
CA VAL B 3445 -2.73 -31.42 -3.60
C VAL B 3445 -3.18 -32.01 -4.93
N LEU B 3446 -3.59 -31.14 -5.86
CA LEU B 3446 -4.11 -31.62 -7.14
C LEU B 3446 -2.99 -31.88 -8.14
N VAL B 3447 -2.05 -30.94 -8.27
CA VAL B 3447 -0.98 -31.06 -9.25
C VAL B 3447 0.17 -30.20 -8.79
N ASN B 3448 1.36 -30.45 -9.33
CA ASN B 3448 2.55 -29.68 -9.03
C ASN B 3448 3.44 -29.59 -10.26
N THR B 3449 3.70 -28.36 -10.69
CA THR B 3449 4.30 -28.08 -11.98
C THR B 3449 5.71 -27.53 -11.81
N THR B 3450 6.43 -27.44 -12.93
CA THR B 3450 7.76 -26.86 -12.91
C THR B 3450 7.71 -25.34 -12.79
N HIS B 3451 6.75 -24.70 -13.45
CA HIS B 3451 6.63 -23.25 -13.42
C HIS B 3451 5.57 -22.83 -12.40
N LYS B 3452 5.59 -21.54 -12.06
CA LYS B 3452 4.64 -21.00 -11.11
C LYS B 3452 3.24 -20.98 -11.73
N PRO B 3453 2.21 -21.28 -10.95
CA PRO B 3453 0.83 -21.15 -11.46
C PRO B 3453 0.22 -19.79 -11.17
N PHE B 3454 -0.53 -19.29 -12.15
CA PHE B 3454 -1.17 -17.99 -12.05
C PHE B 3454 -2.67 -18.08 -12.35
N ASP B 3455 -3.45 -17.37 -11.54
CA ASP B 3455 -4.85 -17.05 -11.85
C ASP B 3455 -5.65 -18.28 -12.25
N ILE B 3456 -5.85 -19.19 -11.29
CA ILE B 3456 -6.69 -20.35 -11.54
C ILE B 3456 -8.15 -19.92 -11.61
N HIS B 3457 -8.93 -20.64 -12.42
CA HIS B 3457 -10.35 -20.36 -12.60
C HIS B 3457 -11.11 -21.66 -12.76
N VAL B 3458 -12.28 -21.74 -12.12
CA VAL B 3458 -13.19 -22.87 -12.32
C VAL B 3458 -14.09 -22.54 -13.51
N TYR B 3459 -14.01 -23.35 -14.56
CA TYR B 3459 -14.84 -23.13 -15.73
C TYR B 3459 -16.15 -23.89 -15.56
N HIS B 3460 -17.24 -23.14 -15.36
CA HIS B 3460 -18.57 -23.71 -15.24
C HIS B 3460 -19.59 -22.59 -15.35
N PRO B 3461 -20.71 -22.81 -16.06
CA PRO B 3461 -21.69 -21.72 -16.21
C PRO B 3461 -22.27 -21.23 -14.90
N TYR B 3462 -22.24 -22.05 -13.84
CA TYR B 3462 -22.71 -21.61 -12.54
C TYR B 3462 -21.81 -20.55 -11.92
N ARG B 3463 -20.55 -20.44 -12.37
CA ARG B 3463 -19.65 -19.43 -11.87
C ARG B 3463 -19.82 -18.09 -12.56
N GLN B 3464 -20.70 -18.01 -13.56
CA GLN B 3464 -21.09 -16.76 -14.20
C GLN B 3464 -22.61 -16.74 -14.27
N PRO B 3465 -23.28 -16.45 -13.15
CA PRO B 3465 -24.73 -16.61 -13.10
C PRO B 3465 -25.46 -15.70 -14.08
N ILE B 3466 -26.60 -16.20 -14.58
CA ILE B 3466 -27.37 -15.47 -15.59
C ILE B 3466 -28.04 -14.25 -14.96
N MET B 3467 -27.96 -13.12 -15.64
CA MET B 3467 -28.59 -11.90 -15.17
C MET B 3467 -29.00 -11.05 -16.37
N SER B 3468 -30.06 -10.28 -16.18
CA SER B 3468 -30.52 -9.36 -17.22
C SER B 3468 -29.49 -8.26 -17.45
N ASN B 3469 -29.37 -7.83 -18.70
CA ASN B 3469 -28.42 -6.79 -19.07
C ASN B 3469 -29.12 -5.44 -19.03
N PRO B 3470 -28.70 -4.51 -18.17
CA PRO B 3470 -29.33 -3.18 -18.17
C PRO B 3470 -29.19 -2.46 -19.50
N CYS B 3471 -28.12 -2.69 -20.24
CA CYS B 3471 -27.90 -2.09 -21.55
C CYS B 3471 -28.53 -2.89 -22.68
N GLY B 3472 -29.57 -3.67 -22.39
CA GLY B 3472 -30.14 -4.63 -23.31
C GLY B 3472 -30.45 -4.17 -24.72
N THR B 3473 -29.79 -4.81 -25.69
CA THR B 3473 -30.07 -4.73 -27.14
C THR B 3473 -30.17 -3.30 -27.67
N ASN B 3474 -29.68 -2.32 -26.92
CA ASN B 3474 -29.64 -0.96 -27.43
C ASN B 3474 -28.36 -0.21 -27.04
N ASN B 3475 -27.38 -0.89 -26.43
CA ASN B 3475 -26.21 -0.23 -25.87
C ASN B 3475 -26.63 0.82 -24.82
N GLY B 3476 -27.81 0.63 -24.25
CA GLY B 3476 -28.35 1.56 -23.28
C GLY B 3476 -28.63 2.93 -23.85
N GLY B 3477 -28.65 3.03 -25.17
CA GLY B 3477 -28.73 4.32 -25.82
C GLY B 3477 -27.47 5.15 -25.73
N CYS B 3478 -26.41 4.62 -25.15
CA CYS B 3478 -25.17 5.37 -24.99
C CYS B 3478 -24.38 5.34 -26.30
N SER B 3479 -23.65 6.43 -26.55
CA SER B 3479 -22.90 6.53 -27.80
C SER B 3479 -21.74 5.55 -27.85
N HIS B 3480 -20.93 5.49 -26.79
CA HIS B 3480 -19.75 4.65 -26.81
C HIS B 3480 -19.83 3.50 -25.80
N LEU B 3481 -20.04 3.81 -24.53
CA LEU B 3481 -19.98 2.82 -23.47
C LEU B 3481 -21.21 2.90 -22.57
N CYS B 3482 -21.72 1.74 -22.19
CA CYS B 3482 -22.80 1.64 -21.22
C CYS B 3482 -22.32 0.80 -20.04
N LEU B 3483 -22.18 1.42 -18.88
CA LEU B 3483 -21.61 0.78 -17.71
C LEU B 3483 -22.68 0.62 -16.63
N ILE B 3484 -22.63 -0.49 -15.91
CA ILE B 3484 -23.64 -0.77 -14.90
C ILE B 3484 -23.44 0.14 -13.71
N LYS B 3485 -24.52 0.80 -13.27
CA LYS B 3485 -24.46 1.68 -12.12
C LYS B 3485 -24.19 0.89 -10.85
N ALA B 3486 -23.61 1.56 -9.86
CA ALA B 3486 -23.43 0.96 -8.56
C ALA B 3486 -24.78 0.57 -7.97
N GLY B 3487 -24.86 -0.64 -7.43
CA GLY B 3487 -26.13 -1.22 -7.04
C GLY B 3487 -26.75 -2.10 -8.09
N GLY B 3488 -26.26 -2.07 -9.33
CA GLY B 3488 -26.69 -3.00 -10.35
C GLY B 3488 -27.94 -2.61 -11.11
N ARG B 3489 -28.78 -1.76 -10.52
CA ARG B 3489 -30.09 -1.49 -11.10
C ARG B 3489 -29.99 -0.64 -12.37
N GLY B 3490 -29.20 0.43 -12.33
CA GLY B 3490 -29.13 1.37 -13.42
C GLY B 3490 -27.90 1.18 -14.29
N PHE B 3491 -27.76 2.10 -15.25
CA PHE B 3491 -26.61 2.12 -16.14
C PHE B 3491 -26.19 3.56 -16.38
N THR B 3492 -24.91 3.73 -16.72
CA THR B 3492 -24.33 5.05 -16.92
C THR B 3492 -23.56 5.08 -18.24
N CYS B 3493 -23.86 6.07 -19.08
CA CYS B 3493 -23.11 6.27 -20.31
C CYS B 3493 -21.76 6.90 -20.01
N ALA B 3494 -20.74 6.49 -20.77
CA ALA B 3494 -19.39 6.97 -20.55
C ALA B 3494 -18.70 7.17 -21.88
N CYS B 3495 -17.55 7.84 -21.84
CA CYS B 3495 -16.76 8.11 -23.03
C CYS B 3495 -15.35 7.55 -22.85
N PRO B 3496 -14.67 7.25 -23.95
CA PRO B 3496 -13.31 6.70 -23.86
C PRO B 3496 -12.30 7.69 -23.31
N ASP B 3497 -11.03 7.30 -23.28
CA ASP B 3497 -9.99 8.11 -22.67
C ASP B 3497 -9.92 9.50 -23.31
N ASP B 3498 -9.58 9.56 -24.59
CA ASP B 3498 -9.41 10.83 -25.29
C ASP B 3498 -10.72 11.39 -25.82
N PHE B 3499 -11.73 11.48 -24.98
CA PHE B 3499 -13.01 12.08 -25.32
C PHE B 3499 -13.49 12.93 -24.17
N GLN B 3500 -14.23 13.99 -24.49
CA GLN B 3500 -14.75 14.91 -23.49
C GLN B 3500 -16.24 14.70 -23.32
N THR B 3501 -16.69 14.54 -22.07
CA THR B 3501 -18.09 14.26 -21.76
C THR B 3501 -18.83 15.58 -21.63
N VAL B 3502 -19.39 16.06 -22.73
CA VAL B 3502 -20.20 17.28 -22.72
C VAL B 3502 -21.64 16.84 -22.50
N GLN B 3503 -22.01 16.73 -21.23
CA GLN B 3503 -23.33 16.22 -20.87
C GLN B 3503 -24.41 17.21 -21.31
N LEU B 3504 -25.40 16.72 -22.05
CA LEU B 3504 -26.49 17.53 -22.56
C LEU B 3504 -27.74 17.29 -21.71
N ARG B 3505 -28.86 17.86 -22.17
CA ARG B 3505 -30.09 17.81 -21.40
C ARG B 3505 -30.58 16.38 -21.18
N ASP B 3506 -30.58 15.57 -22.24
CA ASP B 3506 -31.08 14.21 -22.14
C ASP B 3506 -30.13 13.17 -22.72
N ARG B 3507 -28.88 13.53 -22.96
CA ARG B 3507 -27.89 12.58 -23.47
C ARG B 3507 -26.51 13.08 -23.12
N THR B 3508 -25.53 12.18 -23.18
CA THR B 3508 -24.15 12.55 -22.94
C THR B 3508 -23.40 12.61 -24.28
N LEU B 3509 -22.78 13.75 -24.55
CA LEU B 3509 -22.00 13.90 -25.77
C LEU B 3509 -20.54 13.55 -25.50
N CYS B 3510 -20.02 12.59 -26.26
CA CYS B 3510 -18.63 12.20 -26.20
C CYS B 3510 -17.89 12.94 -27.31
N MET B 3511 -17.46 14.16 -27.02
CA MET B 3511 -16.77 14.99 -28.01
C MET B 3511 -15.31 14.59 -28.08
N PRO B 3512 -14.79 14.29 -29.27
CA PRO B 3512 -13.40 13.87 -29.39
C PRO B 3512 -12.45 14.97 -28.91
N MET B 3513 -11.41 14.54 -28.19
CA MET B 3513 -10.39 15.46 -27.67
C MET B 3513 -9.08 14.68 -27.63
N CYS B 3514 -8.29 14.83 -28.70
CA CYS B 3514 -7.06 14.07 -28.86
C CYS B 3514 -5.91 15.01 -29.16
N SER B 3515 -4.72 14.66 -28.66
CA SER B 3515 -3.56 15.54 -28.73
C SER B 3515 -3.09 15.71 -30.16
N SER B 3516 -2.18 16.67 -30.35
CA SER B 3516 -1.60 16.93 -31.67
C SER B 3516 -0.72 15.80 -32.15
N THR B 3517 -0.33 14.88 -31.27
CA THR B 3517 0.41 13.68 -31.66
C THR B 3517 -0.52 12.49 -31.91
N GLN B 3518 -1.82 12.74 -32.04
CA GLN B 3518 -2.79 11.69 -32.26
C GLN B 3518 -3.59 11.99 -33.52
N PHE B 3519 -4.13 10.94 -34.12
CA PHE B 3519 -4.92 11.03 -35.33
C PHE B 3519 -6.34 10.55 -35.05
N LEU B 3520 -7.32 11.37 -35.41
CA LEU B 3520 -8.72 11.03 -35.20
C LEU B 3520 -9.22 10.21 -36.38
N CYS B 3521 -9.86 9.08 -36.08
CA CYS B 3521 -10.35 8.20 -37.13
C CYS B 3521 -11.57 8.82 -37.83
N GLY B 3522 -11.97 8.19 -38.94
CA GLY B 3522 -13.00 8.75 -39.79
C GLY B 3522 -14.36 8.89 -39.15
N ASN B 3523 -14.81 7.88 -38.40
CA ASN B 3523 -16.12 7.90 -37.76
C ASN B 3523 -16.07 8.47 -36.35
N ASN B 3524 -14.93 8.98 -35.91
CA ASN B 3524 -14.72 9.42 -34.53
C ASN B 3524 -14.94 8.30 -33.54
N GLU B 3525 -14.68 7.06 -33.97
CA GLU B 3525 -14.82 5.91 -33.08
C GLU B 3525 -13.65 5.80 -32.11
N LYS B 3526 -12.48 6.30 -32.51
CA LYS B 3526 -11.29 6.29 -31.64
C LYS B 3526 -10.26 7.21 -32.28
N CYS B 3527 -9.21 7.51 -31.52
CA CYS B 3527 -8.06 8.22 -32.06
C CYS B 3527 -6.78 7.51 -31.63
N ILE B 3528 -5.82 7.48 -32.53
CA ILE B 3528 -4.63 6.65 -32.40
C ILE B 3528 -3.40 7.53 -32.54
N PRO B 3529 -2.25 7.07 -32.06
CA PRO B 3529 -1.03 7.88 -32.16
C PRO B 3529 -0.68 8.21 -33.61
N ILE B 3530 -0.05 9.37 -33.79
CA ILE B 3530 0.21 9.88 -35.14
C ILE B 3530 1.13 8.97 -35.92
N TRP B 3531 2.00 8.21 -35.23
CA TRP B 3531 2.86 7.28 -35.94
C TRP B 3531 2.13 6.00 -36.34
N TRP B 3532 0.88 5.83 -35.88
CA TRP B 3532 0.05 4.73 -36.39
C TRP B 3532 -0.60 5.09 -37.72
N LYS B 3533 -0.46 6.34 -38.17
CA LYS B 3533 -1.00 6.74 -39.46
C LYS B 3533 0.00 6.44 -40.56
N CYS B 3534 -0.51 6.02 -41.71
CA CYS B 3534 0.31 5.77 -42.90
C CYS B 3534 1.37 4.70 -42.64
N ASP B 3535 0.92 3.47 -42.36
CA ASP B 3535 1.80 2.32 -42.26
C ASP B 3535 1.10 1.12 -42.90
N GLY B 3536 1.64 -0.07 -42.63
CA GLY B 3536 1.13 -1.27 -43.28
C GLY B 3536 -0.28 -1.64 -42.87
N GLN B 3537 -0.62 -1.47 -41.60
CA GLN B 3537 -1.86 -1.97 -41.04
C GLN B 3537 -2.93 -0.89 -41.00
N LYS B 3538 -4.17 -1.30 -41.29
CA LYS B 3538 -5.33 -0.43 -41.11
C LYS B 3538 -5.83 -0.56 -39.68
N ASP B 3539 -5.78 0.53 -38.92
CA ASP B 3539 -6.16 0.51 -37.51
C ASP B 3539 -7.55 1.05 -37.25
N CYS B 3540 -7.97 2.10 -37.96
CA CYS B 3540 -9.31 2.64 -37.76
C CYS B 3540 -10.34 1.75 -38.44
N SER B 3541 -11.57 1.82 -37.92
CA SER B 3541 -12.67 1.08 -38.53
C SER B 3541 -13.07 1.68 -39.88
N ASP B 3542 -13.05 3.01 -39.97
CA ASP B 3542 -13.39 3.69 -41.22
C ASP B 3542 -12.37 3.41 -42.32
N GLY B 3543 -11.10 3.24 -41.99
CA GLY B 3543 -10.06 3.08 -42.97
C GLY B 3543 -9.34 4.35 -43.34
N SER B 3544 -9.67 5.48 -42.72
CA SER B 3544 -8.94 6.73 -42.96
C SER B 3544 -7.51 6.67 -42.46
N ASP B 3545 -7.17 5.65 -41.68
CA ASP B 3545 -5.81 5.42 -41.19
C ASP B 3545 -4.84 5.40 -42.37
N GLU B 3546 -5.27 4.84 -43.50
CA GLU B 3546 -4.43 4.69 -44.68
C GLU B 3546 -5.11 5.33 -45.88
N PRO B 3547 -5.05 6.65 -45.99
CA PRO B 3547 -5.71 7.33 -47.12
C PRO B 3547 -4.95 7.10 -48.41
N ASP B 3548 -5.60 7.52 -49.52
CA ASP B 3548 -4.97 7.39 -50.83
C ASP B 3548 -3.71 8.24 -50.92
N LEU B 3549 -3.78 9.48 -50.42
CA LEU B 3549 -2.61 10.37 -50.41
C LEU B 3549 -1.77 10.04 -49.18
N CYS B 3550 -1.09 8.90 -49.26
CA CYS B 3550 -0.23 8.41 -48.20
C CYS B 3550 1.18 8.20 -48.72
N PRO B 3551 2.19 8.82 -48.10
CA PRO B 3551 3.56 8.66 -48.59
C PRO B 3551 4.05 7.24 -48.39
N HIS B 3552 5.21 6.95 -49.01
CA HIS B 3552 5.82 5.64 -48.88
C HIS B 3552 6.24 5.40 -47.43
N ARG B 3553 6.10 4.15 -46.99
CA ARG B 3553 6.46 3.76 -45.63
C ARG B 3553 7.86 3.17 -45.65
N PHE B 3554 8.83 3.90 -45.10
CA PHE B 3554 10.21 3.46 -45.11
C PHE B 3554 10.58 2.65 -43.87
N CYS B 3555 9.86 2.87 -42.77
CA CYS B 3555 10.23 2.29 -41.49
C CYS B 3555 9.40 1.06 -41.16
N ARG B 3556 9.79 0.38 -40.08
CA ARG B 3556 9.05 -0.76 -39.60
C ARG B 3556 7.84 -0.31 -38.78
N LEU B 3557 7.08 -1.28 -38.31
CA LEU B 3557 5.86 -0.98 -37.55
C LEU B 3557 6.22 -0.42 -36.18
N GLY B 3558 5.28 0.36 -35.64
CA GLY B 3558 5.47 0.95 -34.33
C GLY B 3558 6.66 1.87 -34.22
N GLN B 3559 6.97 2.61 -35.29
CA GLN B 3559 8.15 3.46 -35.33
C GLN B 3559 7.82 4.71 -36.12
N PHE B 3560 8.20 5.86 -35.57
CA PHE B 3560 7.96 7.13 -36.23
C PHE B 3560 8.84 7.27 -37.47
N GLN B 3561 8.28 7.87 -38.52
CA GLN B 3561 8.98 8.07 -39.78
C GLN B 3561 9.23 9.55 -39.97
N CYS B 3562 10.48 9.91 -40.22
CA CYS B 3562 10.82 11.30 -40.52
C CYS B 3562 10.31 11.68 -41.90
N ARG B 3563 10.24 12.99 -42.14
CA ARG B 3563 9.74 13.47 -43.42
C ARG B 3563 10.72 13.21 -44.56
N ASP B 3564 11.99 12.95 -44.22
CA ASP B 3564 13.00 12.62 -45.22
C ASP B 3564 13.32 11.13 -45.28
N GLY B 3565 12.48 10.29 -44.69
CA GLY B 3565 12.66 8.86 -44.76
C GLY B 3565 13.43 8.23 -43.62
N ASN B 3566 14.02 9.04 -42.73
CA ASN B 3566 14.72 8.48 -41.59
C ASN B 3566 13.71 7.91 -40.60
N CYS B 3567 14.19 7.10 -39.66
CA CYS B 3567 13.33 6.43 -38.70
C CYS B 3567 13.78 6.70 -37.28
N THR B 3568 12.81 6.85 -36.38
CA THR B 3568 13.10 7.06 -34.97
C THR B 3568 11.97 6.51 -34.13
N SER B 3569 12.28 6.19 -32.87
CA SER B 3569 11.31 5.59 -31.98
C SER B 3569 10.27 6.62 -31.55
N PRO B 3570 9.08 6.17 -31.14
CA PRO B 3570 8.03 7.12 -30.73
C PRO B 3570 8.42 8.01 -29.56
N GLN B 3571 9.29 7.54 -28.66
CA GLN B 3571 9.71 8.36 -27.54
C GLN B 3571 10.49 9.59 -27.99
N ALA B 3572 10.99 9.60 -29.23
CA ALA B 3572 11.70 10.76 -29.75
C ALA B 3572 10.77 11.92 -30.04
N LEU B 3573 9.46 11.71 -30.04
CA LEU B 3573 8.53 12.78 -30.36
C LEU B 3573 8.43 13.77 -29.22
N CYS B 3574 8.75 15.03 -29.52
CA CYS B 3574 8.57 16.16 -28.61
C CYS B 3574 9.28 15.93 -27.28
N ASN B 3575 10.56 15.59 -27.36
CA ASN B 3575 11.43 15.50 -26.18
C ASN B 3575 12.50 16.60 -26.20
N ALA B 3576 12.37 17.57 -27.10
CA ALA B 3576 13.20 18.77 -27.18
C ALA B 3576 14.60 18.46 -27.68
N ARG B 3577 14.94 17.18 -27.81
CA ARG B 3577 16.17 16.78 -28.48
C ARG B 3577 15.83 16.33 -29.89
N GLN B 3578 16.11 17.17 -30.89
CA GLN B 3578 15.77 16.82 -32.26
C GLN B 3578 16.52 15.57 -32.68
N ASP B 3579 15.78 14.59 -33.19
CA ASP B 3579 16.34 13.29 -33.53
C ASP B 3579 16.18 12.92 -35.00
N CYS B 3580 15.14 13.44 -35.66
CA CYS B 3580 14.98 13.24 -37.09
C CYS B 3580 15.99 14.10 -37.84
N ALA B 3581 16.27 13.73 -39.08
CA ALA B 3581 17.22 14.50 -39.87
C ALA B 3581 16.71 15.91 -40.12
N ASP B 3582 15.41 16.04 -40.37
CA ASP B 3582 14.77 17.35 -40.55
C ASP B 3582 14.39 18.00 -39.23
N GLY B 3583 14.52 17.29 -38.12
CA GLY B 3583 14.00 17.80 -36.87
C GLY B 3583 12.49 17.83 -36.80
N SER B 3584 11.81 17.09 -37.69
CA SER B 3584 10.35 17.09 -37.72
C SER B 3584 9.74 16.53 -36.46
N ASP B 3585 10.47 15.70 -35.71
CA ASP B 3585 9.96 15.18 -34.45
C ASP B 3585 9.74 16.26 -33.41
N GLU B 3586 10.30 17.45 -33.61
CA GLU B 3586 10.12 18.57 -32.69
C GLU B 3586 9.36 19.72 -33.36
N ASP B 3587 8.56 19.43 -34.38
CA ASP B 3587 7.88 20.48 -35.12
C ASP B 3587 6.80 21.14 -34.26
N ARG B 3588 6.58 22.43 -34.53
CA ARG B 3588 5.65 23.21 -33.72
C ARG B 3588 4.23 22.67 -33.83
N VAL B 3589 3.79 22.35 -35.05
CA VAL B 3589 2.42 21.87 -35.25
C VAL B 3589 2.25 20.51 -34.57
N LEU B 3590 3.29 19.69 -34.58
CA LEU B 3590 3.21 18.37 -33.95
C LEU B 3590 3.22 18.46 -32.44
N CYS B 3591 4.08 19.32 -31.89
CA CYS B 3591 4.28 19.37 -30.45
C CYS B 3591 3.47 20.45 -29.75
N GLU B 3592 2.60 21.17 -30.47
CA GLU B 3592 1.87 22.27 -29.86
C GLU B 3592 0.92 21.79 -28.78
N HIS B 3593 0.23 20.68 -29.01
CA HIS B 3593 -0.75 20.16 -28.06
C HIS B 3593 -0.37 18.76 -27.62
N HIS B 3594 0.92 18.51 -27.45
CA HIS B 3594 1.38 17.21 -26.98
C HIS B 3594 0.88 16.94 -25.57
N ARG B 3595 0.50 15.68 -25.32
CA ARG B 3595 0.05 15.25 -24.00
C ARG B 3595 0.58 13.85 -23.74
N CYS B 3596 0.85 13.55 -22.48
CA CYS B 3596 1.44 12.27 -22.11
C CYS B 3596 0.64 11.61 -20.99
N GLU B 3597 1.16 10.47 -20.53
CA GLU B 3597 0.41 9.59 -19.64
C GLU B 3597 0.22 10.23 -18.27
N SER B 3598 -0.68 9.64 -17.49
CA SER B 3598 -0.99 10.14 -16.16
C SER B 3598 0.17 9.99 -15.19
N ASN B 3599 1.13 9.12 -15.49
CA ASN B 3599 2.27 8.91 -14.59
C ASN B 3599 3.42 9.86 -14.89
N GLU B 3600 3.25 10.80 -15.81
CA GLU B 3600 4.30 11.73 -16.19
C GLU B 3600 3.83 13.16 -16.01
N TRP B 3601 4.80 14.07 -15.85
CA TRP B 3601 4.54 15.49 -15.73
C TRP B 3601 5.22 16.21 -16.89
N GLN B 3602 4.53 17.18 -17.48
CA GLN B 3602 4.99 17.86 -18.69
C GLN B 3602 5.55 19.22 -18.31
N CYS B 3603 6.81 19.47 -18.69
CA CYS B 3603 7.41 20.78 -18.52
C CYS B 3603 6.83 21.76 -19.53
N ALA B 3604 6.97 23.05 -19.24
CA ALA B 3604 6.56 24.08 -20.19
C ALA B 3604 7.33 23.99 -21.50
N ASN B 3605 8.48 23.31 -21.48
CA ASN B 3605 9.20 22.97 -22.70
C ASN B 3605 8.46 21.95 -23.55
N LYS B 3606 7.40 21.36 -23.01
CA LYS B 3606 6.61 20.32 -23.69
C LYS B 3606 7.45 19.06 -23.93
N ARG B 3607 8.14 18.66 -22.87
CA ARG B 3607 8.82 17.37 -22.78
C ARG B 3607 8.37 16.71 -21.48
N CYS B 3608 7.99 15.44 -21.55
CA CYS B 3608 7.36 14.75 -20.43
C CYS B 3608 8.38 13.94 -19.66
N ILE B 3609 8.37 14.08 -18.34
CA ILE B 3609 9.25 13.33 -17.45
C ILE B 3609 8.41 12.66 -16.36
N PRO B 3610 8.91 11.62 -15.70
CA PRO B 3610 8.10 10.95 -14.67
C PRO B 3610 7.71 11.91 -13.55
N GLN B 3611 6.52 11.69 -12.98
CA GLN B 3611 5.96 12.63 -12.02
C GLN B 3611 6.84 12.82 -10.80
N SER B 3612 7.70 11.85 -10.50
CA SER B 3612 8.55 11.95 -9.31
C SER B 3612 9.87 12.65 -9.57
N TRP B 3613 10.13 13.09 -10.80
CA TRP B 3613 11.38 13.77 -11.14
C TRP B 3613 11.29 15.29 -11.04
N GLN B 3614 10.37 15.79 -10.21
CA GLN B 3614 10.21 17.22 -10.02
C GLN B 3614 10.79 17.64 -8.68
N CYS B 3615 11.46 18.80 -8.67
CA CYS B 3615 12.00 19.39 -7.45
C CYS B 3615 12.95 18.45 -6.73
N ASP B 3616 13.95 17.96 -7.48
CA ASP B 3616 14.97 17.09 -6.91
C ASP B 3616 16.38 17.62 -7.14
N SER B 3617 16.53 18.89 -7.52
CA SER B 3617 17.83 19.50 -7.80
C SER B 3617 18.55 18.78 -8.94
N VAL B 3618 17.80 18.17 -9.84
CA VAL B 3618 18.33 17.53 -11.04
C VAL B 3618 17.60 18.07 -12.25
N ASN B 3619 18.36 18.46 -13.28
CA ASN B 3619 17.81 19.10 -14.47
C ASN B 3619 17.31 18.02 -15.42
N ASP B 3620 16.17 17.42 -15.06
CA ASP B 3620 15.55 16.42 -15.92
C ASP B 3620 14.99 17.03 -17.20
N CYS B 3621 14.34 18.18 -17.13
CA CYS B 3621 13.99 18.96 -18.30
C CYS B 3621 15.16 19.87 -18.67
N LEU B 3622 15.13 20.41 -19.88
CA LEU B 3622 16.26 21.21 -20.34
C LEU B 3622 16.26 22.59 -19.69
N ASP B 3623 15.09 23.20 -19.52
CA ASP B 3623 15.01 24.57 -19.06
C ASP B 3623 14.70 24.68 -17.57
N ASN B 3624 15.01 23.66 -16.79
CA ASN B 3624 14.86 23.66 -15.34
C ASN B 3624 13.43 23.95 -14.88
N SER B 3625 12.44 23.71 -15.74
CA SER B 3625 11.06 23.92 -15.33
C SER B 3625 10.65 22.94 -14.24
N ASP B 3626 11.27 21.77 -14.18
CA ASP B 3626 10.98 20.83 -13.10
C ASP B 3626 11.54 21.33 -11.77
N GLU B 3627 12.66 22.05 -11.80
CA GLU B 3627 13.30 22.54 -10.59
C GLU B 3627 13.09 24.02 -10.34
N ASP B 3628 12.20 24.67 -11.08
CA ASP B 3628 11.97 26.10 -10.89
C ASP B 3628 11.40 26.36 -9.50
N THR B 3629 11.91 27.41 -8.85
CA THR B 3629 11.54 27.67 -7.46
C THR B 3629 10.08 28.07 -7.33
N SER B 3630 9.54 28.81 -8.29
CA SER B 3630 8.13 29.20 -8.22
C SER B 3630 7.22 27.97 -8.26
N HIS B 3631 7.50 27.02 -9.15
CA HIS B 3631 6.71 25.80 -9.21
C HIS B 3631 6.96 24.93 -7.99
N CYS B 3632 8.21 24.82 -7.55
CA CYS B 3632 8.56 23.96 -6.42
C CYS B 3632 8.04 24.49 -5.09
N ALA B 3633 7.30 25.59 -5.09
CA ALA B 3633 6.71 26.12 -3.86
C ALA B 3633 5.19 26.07 -3.91
N SER B 3634 4.60 26.04 -5.10
CA SER B 3634 3.16 26.10 -5.23
C SER B 3634 2.53 24.76 -5.63
N ARG B 3635 3.30 23.84 -6.19
CA ARG B 3635 2.76 22.56 -6.61
C ARG B 3635 2.28 21.76 -5.41
N THR B 3636 1.41 20.78 -5.66
CA THR B 3636 0.97 19.86 -4.62
C THR B 3636 1.68 18.54 -4.87
N CYS B 3637 1.50 17.59 -3.96
CA CYS B 3637 1.77 16.21 -4.27
C CYS B 3637 0.48 15.51 -4.67
N ARG B 3638 0.60 14.49 -5.51
CA ARG B 3638 -0.56 13.70 -5.91
C ARG B 3638 -1.12 13.02 -4.68
N PRO B 3639 -2.40 12.64 -4.67
CA PRO B 3639 -2.99 12.06 -3.46
C PRO B 3639 -2.21 10.85 -2.99
N GLY B 3640 -1.99 10.78 -1.67
CA GLY B 3640 -1.23 9.71 -1.08
C GLY B 3640 0.26 9.97 -0.94
N GLN B 3641 0.71 11.17 -1.27
CA GLN B 3641 2.13 11.51 -1.22
C GLN B 3641 2.37 12.67 -0.27
N PHE B 3642 3.52 12.64 0.39
CA PHE B 3642 3.90 13.66 1.36
C PHE B 3642 4.74 14.74 0.69
N LYS B 3643 4.57 15.98 1.15
CA LYS B 3643 5.28 17.13 0.57
C LYS B 3643 6.32 17.64 1.55
N CYS B 3644 7.50 17.94 1.04
CA CYS B 3644 8.59 18.48 1.84
C CYS B 3644 8.69 20.00 1.63
N ASN B 3645 9.32 20.66 2.61
CA ASN B 3645 9.61 22.08 2.45
C ASN B 3645 10.57 22.33 1.30
N ASN B 3646 11.42 21.35 0.99
CA ASN B 3646 12.25 21.41 -0.20
C ASN B 3646 11.43 21.44 -1.49
N GLY B 3647 10.18 20.98 -1.45
CA GLY B 3647 9.38 20.84 -2.63
C GLY B 3647 9.29 19.42 -3.16
N ARG B 3648 9.98 18.48 -2.54
CA ARG B 3648 9.92 17.09 -2.97
C ARG B 3648 8.57 16.47 -2.65
N CYS B 3649 8.14 15.55 -3.50
CA CYS B 3649 6.99 14.70 -3.23
C CYS B 3649 7.46 13.26 -3.03
N ILE B 3650 7.16 12.72 -1.86
CA ILE B 3650 7.61 11.37 -1.50
C ILE B 3650 6.41 10.57 -1.04
N PRO B 3651 6.48 9.24 -1.10
CA PRO B 3651 5.40 8.41 -0.58
C PRO B 3651 5.17 8.68 0.91
N GLN B 3652 3.90 8.59 1.32
CA GLN B 3652 3.57 8.86 2.71
C GLN B 3652 4.27 7.91 3.67
N SER B 3653 4.58 6.70 3.20
CA SER B 3653 5.31 5.75 4.04
C SER B 3653 6.71 6.24 4.35
N TRP B 3654 7.29 7.06 3.47
CA TRP B 3654 8.64 7.57 3.68
C TRP B 3654 8.72 8.61 4.79
N LYS B 3655 7.59 9.09 5.30
CA LYS B 3655 7.61 9.99 6.43
C LYS B 3655 7.86 9.22 7.71
N CYS B 3656 8.79 9.70 8.53
CA CYS B 3656 9.15 9.07 9.80
C CYS B 3656 9.65 7.64 9.61
N ASP B 3657 10.74 7.52 8.87
CA ASP B 3657 11.42 6.24 8.69
C ASP B 3657 12.94 6.41 8.77
N VAL B 3658 13.39 7.42 9.51
CA VAL B 3658 14.80 7.67 9.82
C VAL B 3658 15.57 8.16 8.59
N ASP B 3659 15.34 7.53 7.44
CA ASP B 3659 16.06 7.91 6.23
C ASP B 3659 15.70 9.33 5.82
N ASN B 3660 16.72 10.12 5.47
CA ASN B 3660 16.54 11.51 5.05
C ASN B 3660 16.16 11.52 3.58
N ASP B 3661 14.85 11.46 3.32
CA ASP B 3661 14.36 11.39 1.95
C ASP B 3661 14.14 12.77 1.34
N CYS B 3662 13.64 13.72 2.11
CA CYS B 3662 13.43 15.06 1.58
C CYS B 3662 14.72 15.83 1.36
N GLY B 3663 15.82 15.39 1.97
CA GLY B 3663 17.07 16.13 1.91
C GLY B 3663 17.14 17.22 2.95
N ASP B 3664 15.98 17.79 3.29
CA ASP B 3664 15.85 18.83 4.29
C ASP B 3664 15.41 18.27 5.65
N TYR B 3665 15.32 16.94 5.77
CA TYR B 3665 14.84 16.27 6.98
C TYR B 3665 13.41 16.68 7.33
N SER B 3666 12.69 17.23 6.35
CA SER B 3666 11.30 17.59 6.57
C SER B 3666 10.42 16.37 6.79
N ASP B 3667 10.81 15.22 6.23
CA ASP B 3667 10.07 13.98 6.43
C ASP B 3667 10.36 13.33 7.76
N GLU B 3668 11.30 13.85 8.55
CA GLU B 3668 11.68 13.27 9.83
C GLU B 3668 11.65 14.33 10.93
N PRO B 3669 10.45 14.80 11.33
CA PRO B 3669 10.37 15.60 12.55
C PRO B 3669 10.49 14.72 13.77
N ILE B 3670 11.65 14.80 14.45
CA ILE B 3670 11.96 13.86 15.53
C ILE B 3670 10.94 13.97 16.65
N ASP B 3671 10.47 15.19 16.92
CA ASP B 3671 9.47 15.37 17.97
C ASP B 3671 8.17 14.65 17.63
N GLU B 3672 7.76 14.69 16.36
CA GLU B 3672 6.49 14.10 15.96
C GLU B 3672 6.64 12.63 15.59
N CYS B 3673 7.78 12.25 15.01
CA CYS B 3673 7.96 10.87 14.56
C CYS B 3673 7.98 9.89 15.72
N THR B 3674 8.33 10.35 16.92
CA THR B 3674 8.44 9.46 18.07
C THR B 3674 7.16 9.38 18.88
N THR B 3675 6.05 9.91 18.38
CA THR B 3675 4.79 9.87 19.11
C THR B 3675 4.03 8.57 18.84
N ALA B 3676 2.89 8.42 19.49
CA ALA B 3676 2.11 7.18 19.37
C ALA B 3676 1.46 7.05 18.00
N ALA B 3677 1.37 8.14 17.24
CA ALA B 3677 0.66 8.10 15.96
C ALA B 3677 1.42 7.32 14.90
N TYR B 3678 2.69 6.96 15.15
CA TYR B 3678 3.49 6.25 14.17
C TYR B 3678 3.98 4.90 14.68
N ASN B 3679 3.22 4.26 15.56
CA ASN B 3679 3.58 2.91 16.00
C ASN B 3679 3.45 1.93 14.83
N CYS B 3680 4.31 0.93 14.83
CA CYS B 3680 4.28 -0.08 13.77
C CYS B 3680 3.03 -0.95 13.89
N ASP B 3681 2.53 -1.41 12.75
CA ASP B 3681 1.41 -2.35 12.72
C ASP B 3681 1.94 -3.70 13.19
N ASN B 3682 1.61 -4.07 14.43
CA ASN B 3682 2.24 -5.22 15.07
C ASN B 3682 1.81 -6.55 14.47
N HIS B 3683 0.79 -6.55 13.60
CA HIS B 3683 0.44 -7.79 12.89
C HIS B 3683 1.43 -8.11 11.79
N THR B 3684 2.05 -7.10 11.18
CA THR B 3684 2.87 -7.32 9.99
C THR B 3684 4.24 -6.68 10.01
N GLU B 3685 4.50 -5.69 10.89
CA GLU B 3685 5.74 -4.92 10.84
C GLU B 3685 6.57 -5.19 12.09
N PHE B 3686 7.89 -5.18 11.91
CA PHE B 3686 8.84 -5.38 12.98
C PHE B 3686 9.47 -4.05 13.37
N SER B 3687 9.50 -3.77 14.67
CA SER B 3687 9.99 -2.49 15.18
C SER B 3687 11.51 -2.57 15.41
N CYS B 3688 12.23 -1.62 14.84
CA CYS B 3688 13.68 -1.57 15.04
C CYS B 3688 13.99 -1.21 16.50
N LYS B 3689 15.15 -1.68 16.96
CA LYS B 3689 15.51 -1.54 18.37
C LYS B 3689 15.90 -0.10 18.70
N THR B 3690 16.94 0.41 18.05
CA THR B 3690 17.59 1.65 18.49
C THR B 3690 16.98 2.91 17.92
N ASN B 3691 15.96 2.80 17.06
CA ASN B 3691 15.30 3.98 16.52
C ASN B 3691 13.80 3.70 16.38
N TYR B 3692 13.10 4.63 15.75
CA TYR B 3692 11.65 4.56 15.61
C TYR B 3692 11.21 4.02 14.26
N ARG B 3693 12.14 3.51 13.45
CA ARG B 3693 11.80 2.98 12.15
C ARG B 3693 11.05 1.65 12.28
N CYS B 3694 10.07 1.45 11.40
CA CYS B 3694 9.35 0.19 11.31
C CYS B 3694 9.56 -0.42 9.92
N ILE B 3695 9.83 -1.72 9.88
CA ILE B 3695 10.02 -2.41 8.61
C ILE B 3695 9.08 -3.61 8.55
N PRO B 3696 8.67 -4.05 7.35
CA PRO B 3696 7.81 -5.23 7.27
C PRO B 3696 8.54 -6.48 7.74
N GLN B 3697 7.76 -7.45 8.22
CA GLN B 3697 8.34 -8.62 8.85
C GLN B 3697 9.15 -9.46 7.88
N TRP B 3698 8.79 -9.44 6.59
CA TRP B 3698 9.53 -10.25 5.62
C TRP B 3698 10.93 -9.71 5.35
N ALA B 3699 11.25 -8.52 5.84
CA ALA B 3699 12.61 -7.99 5.70
C ALA B 3699 13.51 -8.39 6.86
N VAL B 3700 13.01 -9.19 7.80
CA VAL B 3700 13.80 -9.56 8.98
C VAL B 3700 14.82 -10.62 8.58
N CYS B 3701 16.10 -10.33 8.87
CA CYS B 3701 17.24 -11.18 8.51
C CYS B 3701 17.09 -11.77 7.11
N ASN B 3702 16.87 -10.88 6.13
CA ASN B 3702 16.92 -11.27 4.73
C ASN B 3702 18.31 -11.10 4.12
N GLY B 3703 19.29 -10.69 4.92
CA GLY B 3703 20.63 -10.44 4.40
C GLY B 3703 20.88 -9.01 3.99
N PHE B 3704 20.10 -8.05 4.50
CA PHE B 3704 20.24 -6.65 4.14
C PHE B 3704 19.86 -5.79 5.33
N ASP B 3705 20.66 -4.75 5.58
CA ASP B 3705 20.39 -3.83 6.68
C ASP B 3705 19.21 -2.94 6.35
N ASP B 3706 18.05 -3.23 6.94
CA ASP B 3706 16.85 -2.45 6.67
C ASP B 3706 16.47 -1.50 7.80
N CYS B 3707 16.98 -1.74 9.01
CA CYS B 3707 16.69 -0.89 10.15
C CYS B 3707 17.75 0.19 10.37
N ARG B 3708 18.79 0.23 9.54
CA ARG B 3708 19.86 1.21 9.61
C ARG B 3708 20.73 1.03 10.85
N ASP B 3709 20.38 0.06 11.69
CA ASP B 3709 21.19 -0.32 12.84
C ASP B 3709 21.42 -1.82 12.93
N ASN B 3710 21.08 -2.55 11.87
CA ASN B 3710 21.23 -4.00 11.78
C ASN B 3710 20.43 -4.76 12.83
N SER B 3711 19.35 -4.16 13.35
CA SER B 3711 18.53 -4.83 14.35
C SER B 3711 17.76 -6.00 13.75
N ASP B 3712 17.36 -5.91 12.48
CA ASP B 3712 16.53 -6.94 11.88
C ASP B 3712 17.34 -8.16 11.45
N GLU B 3713 18.66 -8.09 11.49
CA GLU B 3713 19.52 -9.21 11.13
C GLU B 3713 20.11 -9.91 12.34
N GLN B 3714 19.68 -9.56 13.55
CA GLN B 3714 20.25 -10.14 14.76
C GLN B 3714 19.50 -11.41 15.16
N GLY B 3715 20.27 -12.49 15.37
CA GLY B 3715 19.68 -13.73 15.86
C GLY B 3715 18.70 -14.39 14.92
N CYS B 3716 19.03 -14.50 13.63
CA CYS B 3716 18.15 -15.19 12.70
C CYS B 3716 18.17 -16.70 12.90
N GLU B 3717 19.10 -17.21 13.72
CA GLU B 3717 19.09 -18.64 14.05
C GLU B 3717 17.82 -19.03 14.77
N SER B 3718 17.31 -18.17 15.64
CA SER B 3718 16.09 -18.47 16.38
C SER B 3718 14.85 -18.39 15.50
N VAL B 3719 14.95 -17.78 14.31
CA VAL B 3719 13.82 -17.63 13.42
C VAL B 3719 13.56 -18.95 12.69
N PRO B 3720 12.39 -19.57 12.86
CA PRO B 3720 12.11 -20.82 12.17
C PRO B 3720 11.47 -20.57 10.81
N CYS B 3721 11.88 -21.38 9.83
CA CYS B 3721 11.26 -21.32 8.51
C CYS B 3721 9.86 -21.89 8.56
N HIS B 3722 9.03 -21.48 7.61
CA HIS B 3722 7.70 -22.07 7.49
C HIS B 3722 7.86 -23.55 7.17
N PRO B 3723 7.03 -24.42 7.75
CA PRO B 3723 7.30 -25.87 7.69
C PRO B 3723 7.43 -26.42 6.28
N SER B 3724 6.75 -25.85 5.29
CA SER B 3724 6.73 -26.46 3.97
C SER B 3724 7.19 -25.56 2.83
N GLY B 3725 7.12 -24.23 2.96
CA GLY B 3725 7.35 -23.38 1.81
C GLY B 3725 8.77 -22.86 1.67
N ASP B 3726 9.59 -22.98 2.70
CA ASP B 3726 10.92 -22.38 2.68
C ASP B 3726 12.01 -23.43 2.73
N PHE B 3727 13.21 -23.02 2.33
CA PHE B 3727 14.41 -23.84 2.37
C PHE B 3727 15.48 -23.11 3.17
N ARG B 3728 15.91 -23.73 4.27
CA ARG B 3728 16.92 -23.11 5.12
C ARG B 3728 18.28 -23.18 4.45
N CYS B 3729 19.00 -22.06 4.46
CA CYS B 3729 20.29 -21.95 3.80
C CYS B 3729 21.38 -22.50 4.74
N ALA B 3730 22.64 -22.38 4.31
CA ALA B 3730 23.75 -22.66 5.22
C ALA B 3730 23.74 -21.68 6.39
N ASN B 3731 23.58 -20.39 6.09
CA ASN B 3731 23.21 -19.45 7.12
C ASN B 3731 21.73 -19.63 7.46
N HIS B 3732 21.27 -18.91 8.48
CA HIS B 3732 19.96 -19.15 9.03
C HIS B 3732 18.84 -18.40 8.31
N HIS B 3733 19.06 -17.98 7.06
CA HIS B 3733 18.01 -17.35 6.29
C HIS B 3733 17.05 -18.39 5.73
N CYS B 3734 15.79 -18.00 5.58
CA CYS B 3734 14.77 -18.82 4.93
C CYS B 3734 14.39 -18.17 3.60
N ILE B 3735 14.52 -18.92 2.51
CA ILE B 3735 14.16 -18.44 1.19
C ILE B 3735 13.00 -19.28 0.65
N PRO B 3736 12.21 -18.79 -0.28
CA PRO B 3736 11.16 -19.62 -0.88
C PRO B 3736 11.74 -20.85 -1.54
N LEU B 3737 11.01 -21.96 -1.45
CA LEU B 3737 11.52 -23.22 -1.98
C LEU B 3737 11.64 -23.18 -3.49
N ARG B 3738 10.87 -22.31 -4.15
CA ARG B 3738 10.92 -22.20 -5.60
C ARG B 3738 12.26 -21.62 -6.06
N TRP B 3739 13.04 -21.10 -5.12
CA TRP B 3739 14.36 -20.57 -5.41
C TRP B 3739 15.48 -21.58 -5.16
N LYS B 3740 15.14 -22.85 -4.97
CA LYS B 3740 16.16 -23.89 -4.81
C LYS B 3740 16.56 -24.43 -6.17
N CYS B 3741 17.86 -24.44 -6.45
CA CYS B 3741 18.42 -24.98 -7.69
C CYS B 3741 17.85 -24.26 -8.91
N ASP B 3742 17.65 -22.95 -8.79
CA ASP B 3742 17.18 -22.14 -9.91
C ASP B 3742 18.30 -21.68 -10.83
N GLY B 3743 19.55 -21.72 -10.39
CA GLY B 3743 20.66 -21.24 -11.17
C GLY B 3743 21.26 -19.92 -10.72
N THR B 3744 20.75 -19.32 -9.65
CA THR B 3744 21.33 -18.09 -9.12
C THR B 3744 21.39 -18.18 -7.61
N ASP B 3745 22.41 -17.55 -7.02
CA ASP B 3745 22.62 -17.58 -5.58
C ASP B 3745 21.68 -16.57 -4.92
N ASP B 3746 20.78 -17.05 -4.07
CA ASP B 3746 19.84 -16.20 -3.36
C ASP B 3746 20.01 -16.22 -1.85
N CYS B 3747 20.77 -17.19 -1.32
CA CYS B 3747 21.00 -17.26 0.12
C CYS B 3747 22.13 -16.35 0.57
N GLY B 3748 22.91 -15.82 -0.36
CA GLY B 3748 24.10 -15.07 -0.02
C GLY B 3748 25.32 -15.92 0.24
N ASP B 3749 25.19 -17.25 0.19
CA ASP B 3749 26.34 -18.12 0.39
C ASP B 3749 26.34 -19.31 -0.56
N ASN B 3750 25.53 -19.31 -1.62
CA ASN B 3750 25.45 -20.35 -2.63
C ASN B 3750 25.01 -21.70 -2.06
N SER B 3751 24.41 -21.72 -0.87
CA SER B 3751 23.94 -22.96 -0.30
C SER B 3751 22.68 -23.49 -0.98
N ASP B 3752 21.91 -22.62 -1.64
CA ASP B 3752 20.71 -23.08 -2.35
C ASP B 3752 21.07 -23.80 -3.65
N GLU B 3753 22.09 -23.33 -4.36
CA GLU B 3753 22.47 -23.92 -5.64
C GLU B 3753 23.46 -25.07 -5.50
N GLU B 3754 24.01 -25.30 -4.30
CA GLU B 3754 24.90 -26.43 -4.11
C GLU B 3754 24.11 -27.71 -3.93
N ASN B 3755 24.73 -28.83 -4.30
CA ASN B 3755 24.10 -30.16 -4.21
C ASN B 3755 22.80 -30.20 -5.00
N CYS B 3756 22.84 -29.73 -6.24
CA CYS B 3756 21.65 -29.64 -7.08
C CYS B 3756 21.76 -30.61 -8.26
N VAL B 3757 20.62 -30.81 -8.92
CA VAL B 3757 20.53 -31.62 -10.13
C VAL B 3757 19.66 -30.85 -11.13
N PRO B 3758 20.05 -30.76 -12.39
CA PRO B 3758 19.26 -29.98 -13.35
C PRO B 3758 17.84 -30.50 -13.46
N ARG B 3759 16.89 -29.57 -13.57
CA ARG B 3759 15.48 -29.93 -13.65
C ARG B 3759 15.10 -30.28 -15.09
N GLU B 3760 14.12 -31.18 -15.21
CA GLU B 3760 13.69 -31.65 -16.51
C GLU B 3760 12.86 -30.60 -17.24
N CYS B 3761 12.94 -30.63 -18.56
CA CYS B 3761 12.25 -29.67 -19.41
C CYS B 3761 10.77 -30.01 -19.52
N SER B 3762 9.97 -29.00 -19.83
CA SER B 3762 8.54 -29.16 -20.02
C SER B 3762 8.21 -29.19 -21.52
N GLU B 3763 6.91 -29.15 -21.82
CA GLU B 3763 6.46 -29.36 -23.20
C GLU B 3763 6.98 -28.29 -24.15
N SER B 3764 6.97 -27.02 -23.74
CA SER B 3764 7.39 -25.95 -24.62
C SER B 3764 8.89 -25.66 -24.56
N GLU B 3765 9.64 -26.40 -23.76
CA GLU B 3765 11.06 -26.09 -23.55
C GLU B 3765 11.95 -27.04 -24.35
N PHE B 3766 13.18 -26.59 -24.55
CA PHE B 3766 14.21 -27.35 -25.25
C PHE B 3766 15.45 -27.39 -24.38
N ARG B 3767 16.15 -28.53 -24.42
CA ARG B 3767 17.26 -28.80 -23.51
C ARG B 3767 18.59 -28.57 -24.23
N CYS B 3768 19.46 -27.78 -23.60
CA CYS B 3768 20.77 -27.53 -24.16
C CYS B 3768 21.74 -28.66 -23.81
N ALA B 3769 22.98 -28.53 -24.29
CA ALA B 3769 24.01 -29.50 -23.94
C ALA B 3769 24.33 -29.44 -22.44
N ASP B 3770 24.15 -28.27 -21.83
CA ASP B 3770 24.39 -28.10 -20.40
C ASP B 3770 23.21 -28.59 -19.55
N GLN B 3771 22.23 -29.25 -20.15
CA GLN B 3771 21.03 -29.77 -19.52
C GLN B 3771 20.11 -28.66 -18.99
N GLN B 3772 20.33 -27.41 -19.38
CA GLN B 3772 19.44 -26.34 -18.98
C GLN B 3772 18.36 -26.13 -20.03
N CYS B 3773 17.14 -25.86 -19.57
CA CYS B 3773 15.98 -25.73 -20.45
C CYS B 3773 15.76 -24.28 -20.85
N ILE B 3774 15.49 -24.09 -22.14
CA ILE B 3774 15.14 -22.77 -22.68
C ILE B 3774 13.85 -22.92 -23.48
N PRO B 3775 13.11 -21.82 -23.67
CA PRO B 3775 11.93 -21.87 -24.53
C PRO B 3775 12.29 -22.32 -25.94
N SER B 3776 11.40 -23.11 -26.55
CA SER B 3776 11.67 -23.65 -27.87
C SER B 3776 11.70 -22.56 -28.95
N ARG B 3777 11.10 -21.41 -28.68
CA ARG B 3777 11.10 -20.33 -29.67
C ARG B 3777 12.51 -19.85 -29.97
N TRP B 3778 13.42 -20.00 -29.02
CA TRP B 3778 14.80 -19.54 -29.18
C TRP B 3778 15.64 -20.48 -30.02
N VAL B 3779 15.10 -21.62 -30.43
CA VAL B 3779 15.84 -22.58 -31.24
C VAL B 3779 15.89 -22.10 -32.68
N CYS B 3780 17.09 -22.05 -33.26
CA CYS B 3780 17.30 -21.70 -34.66
C CYS B 3780 16.82 -20.29 -34.98
N ASP B 3781 17.17 -19.32 -34.15
CA ASP B 3781 16.81 -17.92 -34.37
C ASP B 3781 18.03 -17.04 -34.59
N GLN B 3782 19.10 -17.60 -35.16
CA GLN B 3782 20.31 -16.89 -35.58
C GLN B 3782 21.15 -16.42 -34.39
N GLU B 3783 20.66 -16.61 -33.17
CA GLU B 3783 21.43 -16.26 -31.99
C GLU B 3783 21.40 -17.40 -30.98
N ASN B 3784 22.53 -17.62 -30.31
CA ASN B 3784 22.65 -18.70 -29.35
C ASN B 3784 22.32 -18.19 -27.96
N ASP B 3785 21.56 -18.99 -27.21
CA ASP B 3785 21.16 -18.65 -25.86
C ASP B 3785 21.65 -19.64 -24.82
N CYS B 3786 22.10 -20.82 -25.22
CA CYS B 3786 22.60 -21.81 -24.27
C CYS B 3786 24.03 -21.54 -23.84
N GLY B 3787 24.68 -20.52 -24.40
CA GLY B 3787 26.07 -20.25 -24.15
C GLY B 3787 27.03 -20.94 -25.08
N ASP B 3788 26.54 -21.79 -25.97
CA ASP B 3788 27.36 -22.48 -26.94
C ASP B 3788 26.51 -22.77 -28.18
N ASN B 3789 26.99 -23.68 -29.03
CA ASN B 3789 26.31 -23.98 -30.29
C ASN B 3789 25.05 -24.82 -30.10
N SER B 3790 24.62 -25.05 -28.86
CA SER B 3790 23.61 -26.07 -28.60
C SER B 3790 22.28 -25.78 -29.28
N ASP B 3791 21.73 -24.58 -29.08
CA ASP B 3791 20.40 -24.29 -29.59
C ASP B 3791 20.38 -23.98 -31.08
N GLU B 3792 21.54 -23.86 -31.73
CA GLU B 3792 21.64 -23.76 -33.17
C GLU B 3792 22.49 -24.88 -33.75
N ARG B 3793 22.45 -26.08 -33.14
CA ARG B 3793 23.34 -27.15 -33.55
C ARG B 3793 23.07 -27.60 -34.98
N ASP B 3794 21.80 -27.74 -35.34
CA ASP B 3794 21.43 -28.01 -36.72
C ASP B 3794 20.02 -27.49 -36.97
N CYS B 3795 19.83 -26.87 -38.13
CA CYS B 3795 18.55 -26.24 -38.45
C CYS B 3795 18.14 -26.56 -39.89
N GLU B 3796 19.06 -27.10 -40.69
CA GLU B 3796 18.79 -27.31 -42.11
C GLU B 3796 17.68 -28.32 -42.35
N MET B 3797 17.55 -29.31 -41.46
CA MET B 3797 16.53 -30.35 -41.64
C MET B 3797 15.51 -30.30 -40.51
N LYS B 3798 15.07 -29.09 -40.15
CA LYS B 3798 14.10 -28.91 -39.08
C LYS B 3798 13.03 -27.92 -39.52
N THR B 3799 11.78 -28.20 -39.14
CA THR B 3799 10.65 -27.28 -39.47
C THR B 3799 10.42 -26.43 -38.23
N CYS B 3800 10.08 -25.14 -38.41
CA CYS B 3800 10.02 -24.27 -37.21
C CYS B 3800 8.62 -23.75 -36.93
N HIS B 3801 8.40 -23.27 -35.70
CA HIS B 3801 7.06 -22.79 -35.27
C HIS B 3801 6.33 -22.14 -36.44
N PRO B 3802 5.01 -22.34 -36.59
CA PRO B 3802 4.26 -21.78 -37.70
C PRO B 3802 4.44 -20.27 -37.90
N GLU B 3803 3.81 -19.73 -38.94
CA GLU B 3803 3.89 -18.29 -39.28
C GLU B 3803 5.31 -17.76 -39.18
N HIS B 3804 6.29 -18.62 -39.43
CA HIS B 3804 7.70 -18.25 -39.47
C HIS B 3804 8.29 -18.63 -40.81
N PHE B 3805 9.19 -17.79 -41.31
CA PHE B 3805 9.84 -18.01 -42.60
C PHE B 3805 11.24 -18.56 -42.36
N GLN B 3806 11.54 -19.71 -42.95
CA GLN B 3806 12.82 -20.37 -42.78
C GLN B 3806 13.77 -19.91 -43.88
N CYS B 3807 14.89 -19.32 -43.46
CA CYS B 3807 15.91 -18.91 -44.42
C CYS B 3807 16.57 -20.14 -45.03
N THR B 3808 17.27 -19.92 -46.15
CA THR B 3808 17.93 -21.03 -46.84
C THR B 3808 18.99 -21.68 -45.95
N SER B 3809 19.59 -20.91 -45.04
CA SER B 3809 20.58 -21.45 -44.11
C SER B 3809 19.96 -22.20 -42.95
N GLY B 3810 18.67 -22.54 -43.00
CA GLY B 3810 18.03 -23.30 -41.96
C GLY B 3810 17.40 -22.48 -40.85
N HIS B 3811 17.98 -21.33 -40.51
CA HIS B 3811 17.40 -20.47 -39.50
C HIS B 3811 16.06 -19.92 -39.97
N CYS B 3812 15.20 -19.59 -39.02
CA CYS B 3812 13.86 -19.12 -39.36
C CYS B 3812 13.51 -17.88 -38.53
N VAL B 3813 12.87 -16.93 -39.19
CA VAL B 3813 12.50 -15.64 -38.61
C VAL B 3813 11.00 -15.53 -38.66
N PRO B 3814 10.41 -14.62 -37.88
CA PRO B 3814 8.97 -14.35 -38.03
C PRO B 3814 8.65 -13.92 -39.45
N LYS B 3815 7.50 -14.40 -39.95
CA LYS B 3815 7.20 -14.26 -41.37
C LYS B 3815 7.00 -12.80 -41.79
N ALA B 3816 6.62 -11.93 -40.85
CA ALA B 3816 6.39 -10.53 -41.18
C ALA B 3816 7.65 -9.82 -41.63
N LEU B 3817 8.83 -10.38 -41.35
CA LEU B 3817 10.09 -9.77 -41.73
C LEU B 3817 10.59 -10.26 -43.08
N ALA B 3818 9.73 -10.90 -43.87
CA ALA B 3818 10.13 -11.38 -45.19
C ALA B 3818 9.68 -10.40 -46.27
N CYS B 3819 10.58 -10.13 -47.23
CA CYS B 3819 10.30 -9.24 -48.36
C CYS B 3819 9.91 -7.85 -47.89
N ASP B 3820 10.76 -7.26 -47.04
CA ASP B 3820 10.56 -5.90 -46.56
C ASP B 3820 11.85 -5.10 -46.61
N GLY B 3821 12.70 -5.38 -47.58
CA GLY B 3821 13.93 -4.61 -47.77
C GLY B 3821 15.11 -4.92 -46.87
N ARG B 3822 14.89 -4.94 -45.56
CA ARG B 3822 15.97 -5.22 -44.62
C ARG B 3822 16.33 -6.70 -44.63
N ALA B 3823 17.63 -6.98 -44.57
CA ALA B 3823 18.12 -8.35 -44.54
C ALA B 3823 18.01 -8.87 -43.12
N ASP B 3824 16.88 -9.50 -42.79
CA ASP B 3824 16.65 -9.99 -41.45
C ASP B 3824 17.20 -11.39 -41.20
N CYS B 3825 17.20 -12.25 -42.22
CA CYS B 3825 17.99 -13.47 -42.13
C CYS B 3825 19.47 -13.11 -42.17
N LEU B 3826 20.29 -13.97 -41.56
CA LEU B 3826 21.73 -13.71 -41.56
C LEU B 3826 22.28 -13.73 -42.98
N ASP B 3827 21.81 -14.67 -43.80
CA ASP B 3827 22.25 -14.78 -45.19
C ASP B 3827 21.40 -13.95 -46.14
N ALA B 3828 20.50 -13.11 -45.62
CA ALA B 3828 19.62 -12.25 -46.41
C ALA B 3828 18.67 -13.04 -47.30
N SER B 3829 18.44 -14.31 -47.00
CA SER B 3829 17.54 -15.13 -47.80
C SER B 3829 16.09 -14.67 -47.70
N ASP B 3830 15.74 -13.85 -46.72
CA ASP B 3830 14.39 -13.32 -46.61
C ASP B 3830 14.09 -12.27 -47.67
N GLU B 3831 15.10 -11.80 -48.39
CA GLU B 3831 14.94 -10.81 -49.44
C GLU B 3831 15.43 -11.28 -50.80
N SER B 3832 16.25 -12.32 -50.85
CA SER B 3832 16.86 -12.76 -52.10
C SER B 3832 15.86 -13.34 -53.09
N ALA B 3833 14.65 -13.67 -52.65
CA ALA B 3833 13.62 -14.20 -53.54
C ALA B 3833 12.30 -13.51 -53.19
N CYS B 3834 12.05 -12.37 -53.81
CA CYS B 3834 10.83 -11.61 -53.59
C CYS B 3834 10.41 -10.97 -54.90
N PRO B 3835 9.12 -10.71 -55.08
CA PRO B 3835 8.67 -10.03 -56.31
C PRO B 3835 9.09 -8.57 -56.32
N THR B 3836 9.01 -7.96 -57.51
CA THR B 3836 9.42 -6.54 -57.69
C THR B 3836 8.51 -5.63 -56.87
N ARG B 3837 9.09 -4.81 -56.01
CA ARG B 3837 8.26 -3.96 -55.10
C ARG B 3837 7.56 -2.86 -55.90
N PHE B 3838 8.30 -2.17 -56.78
CA PHE B 3838 7.72 -1.02 -57.52
C PHE B 3838 7.38 -1.45 -58.96
N PRO B 3839 6.38 -0.81 -59.61
CA PRO B 3839 5.95 -1.21 -60.95
C PRO B 3839 7.11 -1.32 -61.94
N ASN B 3840 7.78 -0.21 -62.22
CA ASN B 3840 8.86 -0.19 -63.20
C ASN B 3840 10.02 -1.09 -62.80
N GLY B 3841 9.78 -2.11 -61.96
CA GLY B 3841 10.83 -3.13 -61.72
C GLY B 3841 11.71 -2.91 -60.51
N THR B 3842 11.74 -1.72 -59.95
CA THR B 3842 12.66 -1.46 -58.85
C THR B 3842 12.12 -2.07 -57.55
N TYR B 3843 13.06 -2.45 -56.68
CA TYR B 3843 12.72 -3.03 -55.39
C TYR B 3843 12.76 -2.04 -54.24
N CYS B 3844 13.56 -0.99 -54.37
CA CYS B 3844 13.70 0.02 -53.34
C CYS B 3844 13.33 1.39 -53.87
N PRO B 3845 12.85 2.32 -53.01
CA PRO B 3845 12.60 3.68 -53.47
C PRO B 3845 13.98 4.24 -53.81
N ALA B 3846 14.04 5.29 -54.63
CA ALA B 3846 15.36 5.80 -55.06
C ALA B 3846 16.18 6.21 -53.84
N ALA B 3847 15.55 6.84 -52.84
CA ALA B 3847 16.32 7.35 -51.69
C ALA B 3847 17.22 6.23 -51.14
N MET B 3848 16.68 5.03 -50.94
CA MET B 3848 17.50 3.89 -50.48
C MET B 3848 18.34 3.37 -51.66
N PHE B 3849 19.45 2.68 -51.36
CA PHE B 3849 20.28 2.07 -52.43
C PHE B 3849 19.76 0.65 -52.65
N GLU B 3850 20.07 0.05 -53.78
CA GLU B 3850 19.53 -1.29 -54.03
C GLU B 3850 20.69 -2.26 -54.25
N CYS B 3851 20.99 -3.08 -53.25
CA CYS B 3851 21.97 -4.13 -53.41
C CYS B 3851 21.46 -5.14 -54.43
N LYS B 3852 22.39 -5.76 -55.16
CA LYS B 3852 22.00 -6.66 -56.24
C LYS B 3852 21.24 -7.87 -55.75
N ASN B 3853 21.31 -8.19 -54.46
CA ASN B 3853 20.51 -9.26 -53.89
C ASN B 3853 19.14 -8.79 -53.41
N HIS B 3854 18.64 -7.68 -53.94
CA HIS B 3854 17.33 -7.11 -53.65
C HIS B 3854 17.20 -6.59 -52.23
N VAL B 3855 18.33 -6.31 -51.56
CA VAL B 3855 18.27 -5.76 -50.21
C VAL B 3855 18.22 -4.23 -50.28
N CYS B 3856 17.28 -3.65 -49.55
CA CYS B 3856 17.18 -2.20 -49.44
C CYS B 3856 18.18 -1.70 -48.39
N ILE B 3857 18.78 -0.55 -48.66
CA ILE B 3857 19.82 -0.01 -47.80
C ILE B 3857 19.79 1.52 -47.86
N GLN B 3858 19.95 2.16 -46.71
CA GLN B 3858 20.05 3.61 -46.65
C GLN B 3858 21.14 4.11 -47.58
N SER B 3859 20.89 5.24 -48.23
CA SER B 3859 21.86 5.70 -49.26
C SER B 3859 23.22 6.08 -48.63
N PHE B 3860 23.25 6.70 -47.45
CA PHE B 3860 24.53 7.17 -46.92
C PHE B 3860 25.38 6.03 -46.36
N TRP B 3861 24.85 4.81 -46.30
CA TRP B 3861 25.66 3.65 -45.89
C TRP B 3861 26.63 3.21 -46.98
N ILE B 3862 26.61 3.86 -48.15
CA ILE B 3862 27.34 3.36 -49.31
C ILE B 3862 28.83 3.38 -49.02
N CYS B 3863 29.44 2.20 -49.05
CA CYS B 3863 30.90 2.02 -48.92
C CYS B 3863 31.47 2.76 -47.72
N ASP B 3864 30.77 2.72 -46.58
CA ASP B 3864 31.28 3.35 -45.38
C ASP B 3864 32.26 2.47 -44.61
N GLY B 3865 32.64 1.32 -45.18
CA GLY B 3865 33.48 0.36 -44.51
C GLY B 3865 32.73 -0.76 -43.83
N GLU B 3866 31.45 -0.57 -43.55
CA GLU B 3866 30.64 -1.64 -42.98
C GLU B 3866 30.07 -2.50 -44.10
N ASN B 3867 30.20 -3.82 -43.95
CA ASN B 3867 29.63 -4.76 -44.92
C ASN B 3867 28.12 -4.78 -44.70
N ASP B 3868 27.44 -3.83 -45.34
CA ASP B 3868 26.02 -3.60 -45.08
C ASP B 3868 25.12 -4.50 -45.91
N CYS B 3869 25.31 -4.55 -47.23
CA CYS B 3869 24.65 -5.56 -48.03
C CYS B 3869 25.34 -6.90 -47.82
N VAL B 3870 24.58 -7.90 -47.36
CA VAL B 3870 25.18 -9.21 -47.11
C VAL B 3870 25.76 -9.80 -48.39
N ASP B 3871 25.22 -9.43 -49.55
CA ASP B 3871 25.79 -9.76 -50.84
C ASP B 3871 27.17 -9.13 -51.01
N GLY B 3872 27.36 -7.89 -50.57
CA GLY B 3872 28.57 -7.15 -50.82
C GLY B 3872 28.47 -6.10 -51.89
N SER B 3873 27.27 -5.82 -52.40
CA SER B 3873 27.10 -4.79 -53.42
C SER B 3873 27.33 -3.40 -52.86
N ASP B 3874 27.45 -3.27 -51.54
CA ASP B 3874 27.64 -1.97 -50.92
C ASP B 3874 29.07 -1.47 -51.10
N GLU B 3875 30.03 -2.36 -51.39
CA GLU B 3875 31.44 -2.03 -51.33
C GLU B 3875 32.16 -2.14 -52.68
N GLU B 3876 31.48 -1.89 -53.78
CA GLU B 3876 32.15 -1.86 -55.08
C GLU B 3876 32.94 -0.57 -55.26
N ILE B 3877 34.19 -0.72 -55.70
CA ILE B 3877 35.13 0.40 -55.71
C ILE B 3877 34.64 1.52 -56.62
N HIS B 3878 34.01 1.16 -57.75
CA HIS B 3878 33.52 2.18 -58.67
C HIS B 3878 32.45 3.05 -58.01
N LEU B 3879 31.60 2.45 -57.18
CA LEU B 3879 30.68 3.25 -56.38
C LEU B 3879 31.43 4.00 -55.28
N CYS B 3880 32.42 3.36 -54.67
CA CYS B 3880 33.12 3.96 -53.53
C CYS B 3880 33.81 5.27 -53.91
N PHE B 3881 34.42 5.32 -55.10
CA PHE B 3881 35.24 6.46 -55.45
C PHE B 3881 34.42 7.74 -55.60
N ASN B 3882 33.18 7.63 -56.07
CA ASN B 3882 32.37 8.80 -56.39
C ASN B 3882 31.48 9.26 -55.24
N ILE B 3883 31.53 8.61 -54.08
CA ILE B 3883 30.74 9.06 -52.94
C ILE B 3883 31.34 10.34 -52.37
N PRO B 3884 30.56 11.38 -52.13
CA PRO B 3884 31.11 12.58 -51.50
C PRO B 3884 31.61 12.27 -50.09
N CYS B 3885 32.72 12.90 -49.73
CA CYS B 3885 33.40 12.62 -48.48
C CYS B 3885 33.91 13.91 -47.87
N GLU B 3886 34.27 13.83 -46.59
CA GLU B 3886 34.84 14.98 -45.89
C GLU B 3886 35.86 14.45 -44.90
N SER B 3887 37.07 15.03 -44.90
CA SER B 3887 38.21 14.49 -44.16
C SER B 3887 37.95 14.22 -42.69
N PRO B 3888 37.31 15.11 -41.91
CA PRO B 3888 37.03 14.76 -40.51
C PRO B 3888 36.10 13.58 -40.34
N GLN B 3889 35.30 13.25 -41.35
CA GLN B 3889 34.34 12.15 -41.25
C GLN B 3889 34.64 10.99 -42.17
N ARG B 3890 34.97 11.26 -43.44
CA ARG B 3890 35.33 10.20 -44.38
C ARG B 3890 36.44 10.69 -45.28
N PHE B 3891 37.56 9.97 -45.26
CA PHE B 3891 38.72 10.34 -46.05
C PHE B 3891 39.08 9.21 -47.01
N ARG B 3892 39.70 9.58 -48.12
CA ARG B 3892 40.03 8.62 -49.17
C ARG B 3892 41.30 7.88 -48.83
N CYS B 3893 41.25 6.55 -48.87
CA CYS B 3893 42.46 5.74 -48.88
C CYS B 3893 42.99 5.62 -50.30
N ASP B 3894 44.30 5.47 -50.42
CA ASP B 3894 44.97 5.51 -51.72
C ASP B 3894 44.54 4.40 -52.66
N ASN B 3895 43.71 3.45 -52.21
CA ASN B 3895 43.10 2.46 -53.09
C ASN B 3895 41.73 2.91 -53.60
N SER B 3896 41.48 4.22 -53.64
CA SER B 3896 40.22 4.82 -54.09
C SER B 3896 39.04 4.44 -53.21
N ARG B 3897 39.30 4.01 -51.97
CA ARG B 3897 38.25 3.65 -51.03
C ARG B 3897 38.18 4.69 -49.93
N CYS B 3898 37.01 5.33 -49.77
CA CYS B 3898 36.84 6.38 -48.77
C CYS B 3898 36.61 5.71 -47.41
N VAL B 3899 37.72 5.50 -46.70
CA VAL B 3899 37.66 4.87 -45.40
C VAL B 3899 36.98 5.80 -44.40
N TYR B 3900 36.20 5.22 -43.49
CA TYR B 3900 35.58 5.98 -42.42
C TYR B 3900 36.64 6.70 -41.60
N GLY B 3901 36.36 7.95 -41.23
CA GLY B 3901 37.33 8.77 -40.53
C GLY B 3901 37.68 8.27 -39.13
N HIS B 3902 36.81 7.46 -38.53
CA HIS B 3902 37.09 6.91 -37.21
C HIS B 3902 38.13 5.81 -37.26
N GLN B 3903 38.43 5.27 -38.44
CA GLN B 3903 39.37 4.16 -38.60
C GLN B 3903 40.76 4.63 -38.98
N LEU B 3904 41.12 5.88 -38.66
CA LEU B 3904 42.41 6.43 -39.03
C LEU B 3904 43.26 6.58 -37.78
N CYS B 3905 44.51 6.10 -37.85
CA CYS B 3905 45.33 5.83 -36.66
C CYS B 3905 44.64 4.88 -35.69
N ASN B 3906 43.94 3.87 -36.19
CA ASN B 3906 43.33 2.87 -35.32
C ASN B 3906 44.15 1.60 -35.20
N GLY B 3907 45.25 1.48 -35.96
CA GLY B 3907 46.08 0.30 -35.92
C GLY B 3907 45.59 -0.86 -36.76
N VAL B 3908 44.47 -0.71 -37.46
CA VAL B 3908 43.84 -1.79 -38.22
C VAL B 3908 43.88 -1.43 -39.70
N ASP B 3909 44.24 -2.40 -40.53
CA ASP B 3909 44.31 -2.20 -41.98
C ASP B 3909 42.91 -2.28 -42.56
N ASP B 3910 42.17 -1.19 -42.40
CA ASP B 3910 40.85 -1.09 -43.03
C ASP B 3910 40.95 -1.03 -44.55
N CYS B 3911 42.04 -0.50 -45.09
CA CYS B 3911 42.32 -0.56 -46.51
C CYS B 3911 43.69 -1.17 -46.70
N GLY B 3912 43.88 -1.86 -47.83
CA GLY B 3912 44.97 -2.79 -47.98
C GLY B 3912 46.33 -2.24 -48.31
N ASP B 3913 46.68 -1.07 -47.78
CA ASP B 3913 48.06 -0.61 -47.88
C ASP B 3913 48.59 0.07 -46.63
N GLY B 3914 47.82 0.15 -45.55
CA GLY B 3914 48.28 0.77 -44.33
C GLY B 3914 48.31 2.28 -44.33
N SER B 3915 47.74 2.92 -45.35
CA SER B 3915 47.69 4.38 -45.37
C SER B 3915 46.86 4.95 -44.23
N ASP B 3916 45.88 4.18 -43.73
CA ASP B 3916 45.09 4.64 -42.60
C ASP B 3916 45.89 4.61 -41.30
N GLU B 3917 47.03 3.94 -41.29
CA GLU B 3917 47.85 3.86 -40.09
C GLU B 3917 49.16 4.66 -40.19
N LYS B 3918 49.41 5.31 -41.31
CA LYS B 3918 50.65 6.09 -41.44
C LYS B 3918 50.58 7.33 -40.57
N GLU B 3919 51.65 7.59 -39.83
CA GLU B 3919 51.61 8.62 -38.80
C GLU B 3919 51.63 10.03 -39.38
N GLU B 3920 52.00 10.17 -40.67
CA GLU B 3920 52.20 11.49 -41.23
C GLU B 3920 50.93 12.33 -41.27
N HIS B 3921 49.77 11.68 -41.45
CA HIS B 3921 48.52 12.42 -41.57
C HIS B 3921 47.46 11.95 -40.57
N CYS B 3922 47.86 11.29 -39.49
CA CYS B 3922 46.94 11.01 -38.40
C CYS B 3922 47.52 11.25 -37.01
N ARG B 3923 48.79 11.64 -36.89
CA ARG B 3923 49.24 12.26 -35.66
C ARG B 3923 48.63 13.64 -35.53
N LYS B 3924 48.75 14.23 -34.35
CA LYS B 3924 48.14 15.53 -34.10
C LYS B 3924 49.06 16.65 -34.54
N PRO B 3925 48.71 17.42 -35.57
CA PRO B 3925 49.56 18.55 -35.98
C PRO B 3925 49.39 19.73 -35.05
N THR B 3926 48.14 19.96 -34.59
CA THR B 3926 47.85 21.05 -33.67
C THR B 3926 46.98 20.56 -32.50
N HIS B 3927 47.15 19.30 -32.10
CA HIS B 3927 46.42 18.64 -31.01
C HIS B 3927 44.98 18.36 -31.43
N LYS B 3928 44.59 18.87 -32.59
CA LYS B 3928 43.24 18.73 -33.16
C LYS B 3928 42.11 18.57 -32.13
N UNK C 1 11.67 -8.48 -5.19
CA UNK C 1 11.20 -9.16 -3.97
C UNK C 1 10.68 -10.55 -4.31
N UNK C 2 9.96 -11.16 -3.36
CA UNK C 2 9.45 -12.50 -3.51
C UNK C 2 7.96 -12.51 -3.87
N ASN C 3 7.39 -11.35 -4.20
CA ASN C 3 5.99 -11.26 -4.56
C ASN C 3 5.77 -10.67 -5.95
N UNK C 4 6.84 -10.42 -6.69
CA UNK C 4 6.73 -9.87 -8.03
C UNK C 4 6.56 -11.02 -9.03
N UNK C 5 6.53 -10.69 -10.32
CA UNK C 5 6.37 -11.70 -11.36
C UNK C 5 7.42 -11.52 -12.45
#